data_1P4M
# 
_entry.id   1P4M 
# 
_audit_conform.dict_name       mmcif_pdbx.dic 
_audit_conform.dict_version    5.376 
_audit_conform.dict_location   http://mmcif.pdb.org/dictionaries/ascii/mmcif_pdbx.dic 
# 
loop_
_database_2.database_id 
_database_2.database_code 
_database_2.pdbx_database_accession 
_database_2.pdbx_DOI 
PDB   1P4M         pdb_00001p4m 10.2210/pdb1p4m/pdb 
RCSB  RCSB019000   ?            ?                   
WWPDB D_1000019000 ?            ?                   
# 
_pdbx_database_PDB_obs_spr.id               SPRSDE 
_pdbx_database_PDB_obs_spr.date             2003-05-13 
_pdbx_database_PDB_obs_spr.pdb_id           1P4M 
_pdbx_database_PDB_obs_spr.replace_pdb_id   1NBG 
_pdbx_database_PDB_obs_spr.details          ? 
# 
loop_
_pdbx_database_related.db_name 
_pdbx_database_related.db_id 
_pdbx_database_related.details 
_pdbx_database_related.content_type 
PDB 1NB0 . unspecified 
PDB 1NB9 . unspecified 
# 
_pdbx_database_status.status_code                     REL 
_pdbx_database_status.entry_id                        1P4M 
_pdbx_database_status.recvd_initial_deposition_date   2003-04-23 
_pdbx_database_status.deposit_site                    RCSB 
_pdbx_database_status.process_site                    RCSB 
_pdbx_database_status.status_code_sf                  REL 
_pdbx_database_status.SG_entry                        . 
_pdbx_database_status.pdb_format_compatible           Y 
_pdbx_database_status.status_code_mr                  ? 
_pdbx_database_status.status_code_cs                  ? 
_pdbx_database_status.status_code_nmr_data            ? 
_pdbx_database_status.methods_development_category    ? 
# 
loop_
_audit_author.name 
_audit_author.pdbx_ordinal 
'Karthikeyan, S.' 1 
'Zhou, Q.'        2 
'Mseeh, F.'       3 
'Grishin, N.V.'   4 
'Osterman, A.L.'  5 
'Zhang, H.'       6 
# 
_citation.id                        primary 
_citation.title                     
'Crystal Structure of Human Riboflavin Kinase Reveals a Beta Barrel Fold and a Novel Active Site Arch' 
_citation.journal_abbrev            Structure 
_citation.journal_volume            11 
_citation.page_first                265 
_citation.page_last                 273 
_citation.year                      2003 
_citation.journal_id_ASTM           STRUE6 
_citation.country                   UK 
_citation.journal_id_ISSN           0969-2126 
_citation.journal_id_CSD            2005 
_citation.book_publisher            ? 
_citation.pdbx_database_id_PubMed   12623014 
_citation.pdbx_database_id_DOI      '10.1016/S0969-2126(03)00024-8' 
# 
loop_
_citation_author.citation_id 
_citation_author.name 
_citation_author.ordinal 
_citation_author.identifier_ORCID 
primary 'Karthikeyan, S.' 1 ? 
primary 'Zhou, Q.'        2 ? 
primary 'Mseeh, F.'       3 ? 
primary 'Grishin, N.V.'   4 ? 
primary 'Osterman, A.L.'  5 ? 
primary 'Zhang, H.'       6 ? 
# 
_cell.entry_id           1P4M 
_cell.length_a           57.097 
_cell.length_b           57.097 
_cell.length_c           82.482 
_cell.angle_alpha        90.00 
_cell.angle_beta         90.00 
_cell.angle_gamma        120.00 
_cell.Z_PDB              6 
_cell.pdbx_unique_axis   ? 
# 
_symmetry.entry_id                         1P4M 
_symmetry.space_group_name_H-M             'P 31 2 1' 
_symmetry.pdbx_full_space_group_name_H-M   ? 
_symmetry.cell_setting                     ? 
_symmetry.Int_Tables_number                152 
# 
loop_
_entity.id 
_entity.type 
_entity.src_method 
_entity.pdbx_description 
_entity.formula_weight 
_entity.pdbx_number_of_molecules 
_entity.pdbx_ec 
_entity.pdbx_mutation 
_entity.pdbx_fragment 
_entity.details 
1 polymer     man 'RIBOFLAVIN KINASE'        16772.084 1   2.7.1.26 ? ? ? 
2 non-polymer syn 'MAGNESIUM ION'            24.305    1   ?        ? ? ? 
3 non-polymer syn "ADENOSINE-5'-DIPHOSPHATE" 427.201   1   ?        ? ? ? 
4 non-polymer syn 'FLAVIN MONONUCLEOTIDE'    456.344   1   ?        ? ? ? 
5 water       nat water                      18.015    108 ?        ? ? ? 
# 
_entity_name_com.entity_id   1 
_entity_name_com.name        'hypothetical protein FLJ11149' 
# 
_entity_poly.entity_id                      1 
_entity_poly.type                           'polypeptide(L)' 
_entity_poly.nstd_linkage                   no 
_entity_poly.nstd_monomer                   no 
_entity_poly.pdbx_seq_one_letter_code       
;RHLPYFCRGQVVRGFGRGSKQLGIPTANFPEQVVDNLPADISTGIYYGWASVGSGDVHKMVVSIGWNPYYKNTKKSMETH
IMHTFKEDFYGEILNVAIVGYLRPEKNFDSLESLISAIQGDIEEAKKRLELPEYLKIKEDNFFQVSK
;
_entity_poly.pdbx_seq_one_letter_code_can   
;RHLPYFCRGQVVRGFGRGSKQLGIPTANFPEQVVDNLPADISTGIYYGWASVGSGDVHKMVVSIGWNPYYKNTKKSMETH
IMHTFKEDFYGEILNVAIVGYLRPEKNFDSLESLISAIQGDIEEAKKRLELPEYLKIKEDNFFQVSK
;
_entity_poly.pdbx_strand_id                 A 
_entity_poly.pdbx_target_identifier         ? 
# 
loop_
_entity_poly_seq.entity_id 
_entity_poly_seq.num 
_entity_poly_seq.mon_id 
_entity_poly_seq.hetero 
1 1   ARG n 
1 2   HIS n 
1 3   LEU n 
1 4   PRO n 
1 5   TYR n 
1 6   PHE n 
1 7   CYS n 
1 8   ARG n 
1 9   GLY n 
1 10  GLN n 
1 11  VAL n 
1 12  VAL n 
1 13  ARG n 
1 14  GLY n 
1 15  PHE n 
1 16  GLY n 
1 17  ARG n 
1 18  GLY n 
1 19  SER n 
1 20  LYS n 
1 21  GLN n 
1 22  LEU n 
1 23  GLY n 
1 24  ILE n 
1 25  PRO n 
1 26  THR n 
1 27  ALA n 
1 28  ASN n 
1 29  PHE n 
1 30  PRO n 
1 31  GLU n 
1 32  GLN n 
1 33  VAL n 
1 34  VAL n 
1 35  ASP n 
1 36  ASN n 
1 37  LEU n 
1 38  PRO n 
1 39  ALA n 
1 40  ASP n 
1 41  ILE n 
1 42  SER n 
1 43  THR n 
1 44  GLY n 
1 45  ILE n 
1 46  TYR n 
1 47  TYR n 
1 48  GLY n 
1 49  TRP n 
1 50  ALA n 
1 51  SER n 
1 52  VAL n 
1 53  GLY n 
1 54  SER n 
1 55  GLY n 
1 56  ASP n 
1 57  VAL n 
1 58  HIS n 
1 59  LYS n 
1 60  MET n 
1 61  VAL n 
1 62  VAL n 
1 63  SER n 
1 64  ILE n 
1 65  GLY n 
1 66  TRP n 
1 67  ASN n 
1 68  PRO n 
1 69  TYR n 
1 70  TYR n 
1 71  LYS n 
1 72  ASN n 
1 73  THR n 
1 74  LYS n 
1 75  LYS n 
1 76  SER n 
1 77  MET n 
1 78  GLU n 
1 79  THR n 
1 80  HIS n 
1 81  ILE n 
1 82  MET n 
1 83  HIS n 
1 84  THR n 
1 85  PHE n 
1 86  LYS n 
1 87  GLU n 
1 88  ASP n 
1 89  PHE n 
1 90  TYR n 
1 91  GLY n 
1 92  GLU n 
1 93  ILE n 
1 94  LEU n 
1 95  ASN n 
1 96  VAL n 
1 97  ALA n 
1 98  ILE n 
1 99  VAL n 
1 100 GLY n 
1 101 TYR n 
1 102 LEU n 
1 103 ARG n 
1 104 PRO n 
1 105 GLU n 
1 106 LYS n 
1 107 ASN n 
1 108 PHE n 
1 109 ASP n 
1 110 SER n 
1 111 LEU n 
1 112 GLU n 
1 113 SER n 
1 114 LEU n 
1 115 ILE n 
1 116 SER n 
1 117 ALA n 
1 118 ILE n 
1 119 GLN n 
1 120 GLY n 
1 121 ASP n 
1 122 ILE n 
1 123 GLU n 
1 124 GLU n 
1 125 ALA n 
1 126 LYS n 
1 127 LYS n 
1 128 ARG n 
1 129 LEU n 
1 130 GLU n 
1 131 LEU n 
1 132 PRO n 
1 133 GLU n 
1 134 TYR n 
1 135 LEU n 
1 136 LYS n 
1 137 ILE n 
1 138 LYS n 
1 139 GLU n 
1 140 ASP n 
1 141 ASN n 
1 142 PHE n 
1 143 PHE n 
1 144 GLN n 
1 145 VAL n 
1 146 SER n 
1 147 LYS n 
# 
_entity_src_gen.entity_id                          1 
_entity_src_gen.pdbx_src_id                        1 
_entity_src_gen.pdbx_alt_source_flag               sample 
_entity_src_gen.pdbx_seq_type                      ? 
_entity_src_gen.pdbx_beg_seq_num                   ? 
_entity_src_gen.pdbx_end_seq_num                   ? 
_entity_src_gen.gene_src_common_name               human 
_entity_src_gen.gene_src_genus                     Homo 
_entity_src_gen.pdbx_gene_src_gene                 FLJ11149 
_entity_src_gen.gene_src_species                   ? 
_entity_src_gen.gene_src_strain                    ? 
_entity_src_gen.gene_src_tissue                    ? 
_entity_src_gen.gene_src_tissue_fraction           ? 
_entity_src_gen.gene_src_details                   ? 
_entity_src_gen.pdbx_gene_src_fragment             ? 
_entity_src_gen.pdbx_gene_src_scientific_name      'Homo sapiens' 
_entity_src_gen.pdbx_gene_src_ncbi_taxonomy_id     9606 
_entity_src_gen.pdbx_gene_src_variant              ? 
_entity_src_gen.pdbx_gene_src_cell_line            ? 
_entity_src_gen.pdbx_gene_src_atcc                 ? 
_entity_src_gen.pdbx_gene_src_organ                ? 
_entity_src_gen.pdbx_gene_src_organelle            ? 
_entity_src_gen.pdbx_gene_src_cell                 ? 
_entity_src_gen.pdbx_gene_src_cellular_location    ? 
_entity_src_gen.host_org_common_name               ? 
_entity_src_gen.pdbx_host_org_scientific_name      'Escherichia coli BL21' 
_entity_src_gen.pdbx_host_org_ncbi_taxonomy_id     511693 
_entity_src_gen.host_org_genus                     Escherichia 
_entity_src_gen.pdbx_host_org_gene                 ? 
_entity_src_gen.pdbx_host_org_organ                ? 
_entity_src_gen.host_org_species                   'Escherichia coli' 
_entity_src_gen.pdbx_host_org_tissue               ? 
_entity_src_gen.pdbx_host_org_tissue_fraction      ? 
_entity_src_gen.pdbx_host_org_strain               BL21 
_entity_src_gen.pdbx_host_org_variant              ? 
_entity_src_gen.pdbx_host_org_cell_line            ? 
_entity_src_gen.pdbx_host_org_atcc                 ? 
_entity_src_gen.pdbx_host_org_culture_collection   ? 
_entity_src_gen.pdbx_host_org_cell                 ? 
_entity_src_gen.pdbx_host_org_organelle            ? 
_entity_src_gen.pdbx_host_org_cellular_location    ? 
_entity_src_gen.pdbx_host_org_vector_type          PLASMID 
_entity_src_gen.pdbx_host_org_vector               ? 
_entity_src_gen.host_org_details                   ? 
_entity_src_gen.expression_system_id               ? 
_entity_src_gen.plasmid_name                       PPROEX-HTA 
_entity_src_gen.plasmid_details                    ? 
_entity_src_gen.pdbx_description                   ? 
# 
_struct_ref.id                         1 
_struct_ref.db_name                    UNP 
_struct_ref.db_code                    RIFK_HUMAN 
_struct_ref.pdbx_db_accession          Q969G6 
_struct_ref.entity_id                  1 
_struct_ref.pdbx_seq_one_letter_code   
;RHLPYFCRGQVVRGFGRGSKQLGIPTANFPEQVVDNLPADISTGIYYGWASVGSGDVHKMVVSIGWNPYYKNTKKSMETH
IMHTFKEDFYGEILNVAIVGYLRPEKNFDSLESLISAIQGDIEEAKKRLELPEHLKIKEDNFFQVSK
;
_struct_ref.pdbx_align_begin           9 
_struct_ref.pdbx_db_isoform            ? 
# 
_struct_ref_seq.align_id                      1 
_struct_ref_seq.ref_id                        1 
_struct_ref_seq.pdbx_PDB_id_code              1P4M 
_struct_ref_seq.pdbx_strand_id                A 
_struct_ref_seq.seq_align_beg                 1 
_struct_ref_seq.pdbx_seq_align_beg_ins_code   ? 
_struct_ref_seq.seq_align_end                 147 
_struct_ref_seq.pdbx_seq_align_end_ins_code   ? 
_struct_ref_seq.pdbx_db_accession             Q969G6 
_struct_ref_seq.db_align_beg                  9 
_struct_ref_seq.pdbx_db_align_beg_ins_code    ? 
_struct_ref_seq.db_align_end                  155 
_struct_ref_seq.pdbx_db_align_end_ins_code    ? 
_struct_ref_seq.pdbx_auth_seq_align_beg       9 
_struct_ref_seq.pdbx_auth_seq_align_end       155 
# 
_struct_ref_seq_dif.align_id                     1 
_struct_ref_seq_dif.pdbx_pdb_id_code             1P4M 
_struct_ref_seq_dif.mon_id                       TYR 
_struct_ref_seq_dif.pdbx_pdb_strand_id           A 
_struct_ref_seq_dif.seq_num                      134 
_struct_ref_seq_dif.pdbx_pdb_ins_code            ? 
_struct_ref_seq_dif.pdbx_seq_db_name             UNP 
_struct_ref_seq_dif.pdbx_seq_db_accession_code   Q969G6 
_struct_ref_seq_dif.db_mon_id                    HIS 
_struct_ref_seq_dif.pdbx_seq_db_seq_num          142 
_struct_ref_seq_dif.details                      conflict 
_struct_ref_seq_dif.pdbx_auth_seq_num            142 
_struct_ref_seq_dif.pdbx_ordinal                 1 
# 
loop_
_chem_comp.id 
_chem_comp.type 
_chem_comp.mon_nstd_flag 
_chem_comp.name 
_chem_comp.pdbx_synonyms 
_chem_comp.formula 
_chem_comp.formula_weight 
ADP non-polymer         n "ADENOSINE-5'-DIPHOSPHATE" ?                          'C10 H15 N5 O10 P2' 427.201 
ALA 'L-peptide linking' y ALANINE                    ?                          'C3 H7 N O2'        89.093  
ARG 'L-peptide linking' y ARGININE                   ?                          'C6 H15 N4 O2 1'    175.209 
ASN 'L-peptide linking' y ASPARAGINE                 ?                          'C4 H8 N2 O3'       132.118 
ASP 'L-peptide linking' y 'ASPARTIC ACID'            ?                          'C4 H7 N O4'        133.103 
CYS 'L-peptide linking' y CYSTEINE                   ?                          'C3 H7 N O2 S'      121.158 
FMN non-polymer         . 'FLAVIN MONONUCLEOTIDE'    'RIBOFLAVIN MONOPHOSPHATE' 'C17 H21 N4 O9 P'   456.344 
GLN 'L-peptide linking' y GLUTAMINE                  ?                          'C5 H10 N2 O3'      146.144 
GLU 'L-peptide linking' y 'GLUTAMIC ACID'            ?                          'C5 H9 N O4'        147.129 
GLY 'peptide linking'   y GLYCINE                    ?                          'C2 H5 N O2'        75.067  
HIS 'L-peptide linking' y HISTIDINE                  ?                          'C6 H10 N3 O2 1'    156.162 
HOH non-polymer         . WATER                      ?                          'H2 O'              18.015  
ILE 'L-peptide linking' y ISOLEUCINE                 ?                          'C6 H13 N O2'       131.173 
LEU 'L-peptide linking' y LEUCINE                    ?                          'C6 H13 N O2'       131.173 
LYS 'L-peptide linking' y LYSINE                     ?                          'C6 H15 N2 O2 1'    147.195 
MET 'L-peptide linking' y METHIONINE                 ?                          'C5 H11 N O2 S'     149.211 
MG  non-polymer         . 'MAGNESIUM ION'            ?                          'Mg 2'              24.305  
PHE 'L-peptide linking' y PHENYLALANINE              ?                          'C9 H11 N O2'       165.189 
PRO 'L-peptide linking' y PROLINE                    ?                          'C5 H9 N O2'        115.130 
SER 'L-peptide linking' y SERINE                     ?                          'C3 H7 N O3'        105.093 
THR 'L-peptide linking' y THREONINE                  ?                          'C4 H9 N O3'        119.119 
TRP 'L-peptide linking' y TRYPTOPHAN                 ?                          'C11 H12 N2 O2'     204.225 
TYR 'L-peptide linking' y TYROSINE                   ?                          'C9 H11 N O3'       181.189 
VAL 'L-peptide linking' y VALINE                     ?                          'C5 H11 N O2'       117.146 
# 
_exptl.entry_id          1P4M 
_exptl.method            'X-RAY DIFFRACTION' 
_exptl.crystals_number   1 
# 
_exptl_crystal.id                    1 
_exptl_crystal.density_meas          ? 
_exptl_crystal.density_Matthews      2.05 
_exptl_crystal.density_percent_sol   39.5 
_exptl_crystal.description           ? 
# 
_exptl_crystal_grow.crystal_id      1 
_exptl_crystal_grow.method          'VAPOR DIFFUSION, HANGING DROP' 
_exptl_crystal_grow.temp            293 
_exptl_crystal_grow.temp_details    ? 
_exptl_crystal_grow.pH              6.50 
_exptl_crystal_grow.pdbx_details    
'NA CACODALYTE, MG ACETATE, PEG 8000   , pH 6.50, VAPOR DIFFUSION, HANGING DROP, temperature 293K' 
_exptl_crystal_grow.pdbx_pH_range   . 
# 
_diffrn.id                     1 
_diffrn.ambient_temp           100.0 
_diffrn.ambient_temp_details   ? 
_diffrn.crystal_id             1 
# 
_diffrn_detector.diffrn_id              1 
_diffrn_detector.detector               'IMAGE PLATE' 
_diffrn_detector.type                   'RIGAKU RAXIS IV' 
_diffrn_detector.pdbx_collection_date   2002-09-26 
_diffrn_detector.details                'OSMIC MIRROR' 
# 
_diffrn_radiation.diffrn_id                        1 
_diffrn_radiation.wavelength_id                    1 
_diffrn_radiation.pdbx_monochromatic_or_laue_m_l   M 
_diffrn_radiation.monochromator                    MIRRORS 
_diffrn_radiation.pdbx_diffrn_protocol             'SINGLE WAVELENGTH' 
_diffrn_radiation.pdbx_scattering_type             x-ray 
# 
_diffrn_radiation_wavelength.id           1 
_diffrn_radiation_wavelength.wavelength   1.5418 
_diffrn_radiation_wavelength.wt           1.0 
# 
_diffrn_source.diffrn_id                   1 
_diffrn_source.source                      'ROTATING ANODE' 
_diffrn_source.type                        'RIGAKU RUH3R' 
_diffrn_source.pdbx_synchrotron_site       ? 
_diffrn_source.pdbx_synchrotron_beamline   ? 
_diffrn_source.pdbx_wavelength             1.5418 
_diffrn_source.pdbx_wavelength_list        ? 
# 
_reflns.entry_id                     1P4M 
_reflns.observed_criterion_sigma_I   -3.000 
_reflns.observed_criterion_sigma_F   ? 
_reflns.d_resolution_low             30.000 
_reflns.d_resolution_high            1.800 
_reflns.number_obs                   14856 
_reflns.number_all                   ? 
_reflns.percent_possible_obs         99.3 
_reflns.pdbx_Rmerge_I_obs            ? 
_reflns.pdbx_Rsym_value              0.053 
_reflns.pdbx_netI_over_sigmaI        21.4000 
_reflns.B_iso_Wilson_estimate        28.35 
_reflns.pdbx_redundancy              4.000 
_reflns.R_free_details               ? 
_reflns.limit_h_max                  ? 
_reflns.limit_h_min                  ? 
_reflns.limit_k_max                  ? 
_reflns.limit_k_min                  ? 
_reflns.limit_l_max                  ? 
_reflns.limit_l_min                  ? 
_reflns.observed_criterion_F_max     ? 
_reflns.observed_criterion_F_min     ? 
_reflns.pdbx_ordinal                 1 
_reflns.pdbx_diffrn_id               1 
# 
_reflns_shell.d_res_high             1.80 
_reflns_shell.d_res_low              1.86 
_reflns_shell.percent_possible_all   95.2 
_reflns_shell.Rmerge_I_obs           ? 
_reflns_shell.pdbx_Rsym_value        0.854 
_reflns_shell.meanI_over_sigI_obs    1.200 
_reflns_shell.pdbx_redundancy        3.40 
_reflns_shell.percent_possible_obs   ? 
_reflns_shell.number_unique_all      ? 
_reflns_shell.pdbx_ordinal           1 
_reflns_shell.pdbx_diffrn_id         1 
# 
_refine.entry_id                                 1P4M 
_refine.ls_number_reflns_obs                     13300 
_refine.ls_number_reflns_all                     ? 
_refine.pdbx_ls_sigma_I                          ? 
_refine.pdbx_ls_sigma_F                          0.000 
_refine.pdbx_data_cutoff_high_absF               ? 
_refine.pdbx_data_cutoff_low_absF                ? 
_refine.pdbx_data_cutoff_high_rms_absF           ? 
_refine.ls_d_res_low                             28.55 
_refine.ls_d_res_high                            1.80 
_refine.ls_percent_reflns_obs                    94.0 
_refine.ls_R_factor_obs                          0.188 
_refine.ls_R_factor_all                          ? 
_refine.ls_R_factor_R_work                       0.186 
_refine.ls_R_factor_R_free                       0.227 
_refine.ls_R_factor_R_free_error                 ? 
_refine.ls_R_factor_R_free_error_details         ? 
_refine.ls_percent_reflns_R_free                 5.100 
_refine.ls_number_reflns_R_free                  719 
_refine.ls_number_parameters                     ? 
_refine.ls_number_restraints                     ? 
_refine.occupancy_min                            ? 
_refine.occupancy_max                            ? 
_refine.correlation_coeff_Fo_to_Fc               0.959 
_refine.correlation_coeff_Fo_to_Fc_free          0.945 
_refine.B_iso_mean                               22.07 
_refine.aniso_B[1][1]                            0.66000 
_refine.aniso_B[2][2]                            0.66000 
_refine.aniso_B[3][3]                            -0.98000 
_refine.aniso_B[1][2]                            0.33000 
_refine.aniso_B[1][3]                            0.00000 
_refine.aniso_B[2][3]                            0.00000 
_refine.solvent_model_details                    'BABINET MODEL WITH MASK' 
_refine.solvent_model_param_ksol                 ? 
_refine.solvent_model_param_bsol                 ? 
_refine.pdbx_solvent_vdw_probe_radii             1.40 
_refine.pdbx_solvent_ion_probe_radii             0.80 
_refine.pdbx_solvent_shrinkage_radii             0.80 
_refine.pdbx_ls_cross_valid_method               THROUGHOUT 
_refine.details                                  'HYDROGENS HAVE BEEN ADDED IN THE RIDING POSITIONS' 
_refine.pdbx_starting_model                      'PDB ENTRY 1NB0' 
_refine.pdbx_method_to_determine_struct          'MOLECULAR REPLACEMENT' 
_refine.pdbx_isotropic_thermal_model             ? 
_refine.pdbx_stereochemistry_target_values       'MAXIMUM LIKELIHOOD' 
_refine.pdbx_stereochem_target_val_spec_case     ? 
_refine.pdbx_R_Free_selection_details            RANDOM 
_refine.pdbx_overall_ESU_R                       0.144 
_refine.pdbx_overall_ESU_R_Free                  0.136 
_refine.overall_SU_ML                            0.105 
_refine.overall_SU_B                             3.597 
_refine.ls_redundancy_reflns_obs                 ? 
_refine.B_iso_min                                ? 
_refine.B_iso_max                                ? 
_refine.overall_SU_R_Cruickshank_DPI             ? 
_refine.overall_SU_R_free                        ? 
_refine.pdbx_refine_id                           'X-RAY DIFFRACTION' 
_refine.pdbx_TLS_residual_ADP_flag               'LIKELY RESIDUAL' 
_refine.pdbx_diffrn_id                           1 
_refine.pdbx_overall_phase_error                 ? 
_refine.pdbx_overall_SU_R_free_Cruickshank_DPI   ? 
_refine.pdbx_overall_SU_R_Blow_DPI               ? 
_refine.pdbx_overall_SU_R_free_Blow_DPI          ? 
# 
_refine_hist.pdbx_refine_id                   'X-RAY DIFFRACTION' 
_refine_hist.cycle_id                         LAST 
_refine_hist.pdbx_number_atoms_protein        1177 
_refine_hist.pdbx_number_atoms_nucleic_acid   0 
_refine_hist.pdbx_number_atoms_ligand         59 
_refine_hist.number_atoms_solvent             108 
_refine_hist.number_atoms_total               1344 
_refine_hist.d_res_high                       1.80 
_refine_hist.d_res_low                        28.55 
# 
loop_
_refine_ls_restr.type 
_refine_ls_restr.dev_ideal 
_refine_ls_restr.dev_ideal_target 
_refine_ls_restr.weight 
_refine_ls_restr.number 
_refine_ls_restr.pdbx_refine_id 
_refine_ls_restr.pdbx_restraint_function 
r_bond_refined_d         0.017 0.021 ? 1278 'X-RAY DIFFRACTION' ? 
r_bond_other_d           ?     ?     ? ?    'X-RAY DIFFRACTION' ? 
r_angle_refined_deg      1.666 2.005 ? 1735 'X-RAY DIFFRACTION' ? 
r_angle_other_deg        ?     ?     ? ?    'X-RAY DIFFRACTION' ? 
r_dihedral_angle_1_deg   5.754 5.000 ? 146  'X-RAY DIFFRACTION' ? 
r_dihedral_angle_2_deg   ?     ?     ? ?    'X-RAY DIFFRACTION' ? 
r_chiral_restr           0.114 0.200 ? 178  'X-RAY DIFFRACTION' ? 
r_gen_planes_refined     0.008 0.020 ? 959  'X-RAY DIFFRACTION' ? 
r_gen_planes_other       ?     ?     ? ?    'X-RAY DIFFRACTION' ? 
r_nbd_refined            0.219 0.200 ? 530  'X-RAY DIFFRACTION' ? 
r_nbd_other              ?     ?     ? ?    'X-RAY DIFFRACTION' ? 
r_nbtor_other            ?     ?     ? ?    'X-RAY DIFFRACTION' ? 
r_xyhbond_nbd_refined    0.197 0.200 ? 105  'X-RAY DIFFRACTION' ? 
r_xyhbond_nbd_other      ?     ?     ? ?    'X-RAY DIFFRACTION' ? 
r_symmetry_vdw_refined   0.206 0.200 ? 46   'X-RAY DIFFRACTION' ? 
r_symmetry_vdw_other     ?     ?     ? ?    'X-RAY DIFFRACTION' ? 
r_symmetry_hbond_refined 0.155 0.200 ? 11   'X-RAY DIFFRACTION' ? 
r_symmetry_hbond_other   ?     ?     ? ?    'X-RAY DIFFRACTION' ? 
r_mcbond_it              1.017 1.500 ? 729  'X-RAY DIFFRACTION' ? 
r_mcangle_it             1.823 2.000 ? 1177 'X-RAY DIFFRACTION' ? 
r_scbond_it              2.552 3.000 ? 549  'X-RAY DIFFRACTION' ? 
r_scangle_it             4.066 4.500 ? 558  'X-RAY DIFFRACTION' ? 
r_rigid_bond_restr       ?     ?     ? ?    'X-RAY DIFFRACTION' ? 
r_sphericity_free        ?     ?     ? ?    'X-RAY DIFFRACTION' ? 
r_sphericity_bonded      ?     ?     ? ?    'X-RAY DIFFRACTION' ? 
# 
_refine_ls_shell.pdbx_total_number_of_bins_used   20 
_refine_ls_shell.d_res_high                       1.80 
_refine_ls_shell.d_res_low                        1.85 
_refine_ls_shell.number_reflns_R_work             814 
_refine_ls_shell.R_factor_R_work                  0.356 
_refine_ls_shell.percent_reflns_obs               ? 
_refine_ls_shell.R_factor_R_free                  0.376 
_refine_ls_shell.R_factor_R_free_error            ? 
_refine_ls_shell.percent_reflns_R_free            ? 
_refine_ls_shell.number_reflns_R_free             41 
_refine_ls_shell.number_reflns_obs                ? 
_refine_ls_shell.redundancy_reflns_obs            ? 
_refine_ls_shell.number_reflns_all                ? 
_refine_ls_shell.pdbx_refine_id                   'X-RAY DIFFRACTION' 
_refine_ls_shell.R_factor_all                     ? 
# 
_struct.entry_id                  1P4M 
_struct.title                     'CRYSTAL STRUCTURE OF RIBOFLAVIN KINASE' 
_struct.pdbx_model_details        ? 
_struct.pdbx_CASP_flag            ? 
_struct.pdbx_model_type_details   ? 
# 
_struct_keywords.entry_id        1P4M 
_struct_keywords.pdbx_keywords   TRANSFERASE 
_struct_keywords.text            'BETA BARREL, RIBOFLAVIN KINASE, FLAVIN MONONUCLEOTIDE, TRANSFERASE' 
# 
loop_
_struct_asym.id 
_struct_asym.pdbx_blank_PDB_chainid_flag 
_struct_asym.pdbx_modified 
_struct_asym.entity_id 
_struct_asym.details 
A N N 1 ? 
B N N 2 ? 
C N N 3 ? 
D N N 4 ? 
E N N 5 ? 
# 
_struct_biol.id                    1 
_struct_biol.pdbx_parent_biol_id   ? 
_struct_biol.details               ? 
# 
loop_
_struct_conf.conf_type_id 
_struct_conf.id 
_struct_conf.pdbx_PDB_helix_id 
_struct_conf.beg_label_comp_id 
_struct_conf.beg_label_asym_id 
_struct_conf.beg_label_seq_id 
_struct_conf.pdbx_beg_PDB_ins_code 
_struct_conf.end_label_comp_id 
_struct_conf.end_label_asym_id 
_struct_conf.end_label_seq_id 
_struct_conf.pdbx_end_PDB_ins_code 
_struct_conf.beg_auth_comp_id 
_struct_conf.beg_auth_asym_id 
_struct_conf.beg_auth_seq_id 
_struct_conf.end_auth_comp_id 
_struct_conf.end_auth_asym_id 
_struct_conf.end_auth_seq_id 
_struct_conf.pdbx_PDB_helix_class 
_struct_conf.details 
_struct_conf.pdbx_PDB_helix_length 
HELX_P HELX_P1 1 GLY A 18  ? GLY A 23  ? GLY A 26  GLY A 31  5 ? 6  
HELX_P HELX_P2 2 PRO A 30  ? ASN A 36  ? PRO A 38  ASN A 44  1 ? 7  
HELX_P HELX_P3 3 SER A 110 ? LEU A 129 ? SER A 118 LEU A 137 1 ? 20 
HELX_P HELX_P4 4 LEU A 131 ? LYS A 136 ? LEU A 139 LYS A 144 1 ? 6  
HELX_P HELX_P5 5 ILE A 137 ? GLU A 139 ? ILE A 145 GLU A 147 5 ? 3  
HELX_P HELX_P6 6 ASP A 140 ? SER A 146 ? ASP A 148 SER A 154 1 ? 7  
# 
_struct_conf_type.id          HELX_P 
_struct_conf_type.criteria    ? 
_struct_conf_type.reference   ? 
# 
loop_
_struct_conn.id 
_struct_conn.conn_type_id 
_struct_conn.pdbx_leaving_atom_flag 
_struct_conn.pdbx_PDB_id 
_struct_conn.ptnr1_label_asym_id 
_struct_conn.ptnr1_label_comp_id 
_struct_conn.ptnr1_label_seq_id 
_struct_conn.ptnr1_label_atom_id 
_struct_conn.pdbx_ptnr1_label_alt_id 
_struct_conn.pdbx_ptnr1_PDB_ins_code 
_struct_conn.pdbx_ptnr1_standard_comp_id 
_struct_conn.ptnr1_symmetry 
_struct_conn.ptnr2_label_asym_id 
_struct_conn.ptnr2_label_comp_id 
_struct_conn.ptnr2_label_seq_id 
_struct_conn.ptnr2_label_atom_id 
_struct_conn.pdbx_ptnr2_label_alt_id 
_struct_conn.pdbx_ptnr2_PDB_ins_code 
_struct_conn.ptnr1_auth_asym_id 
_struct_conn.ptnr1_auth_comp_id 
_struct_conn.ptnr1_auth_seq_id 
_struct_conn.ptnr2_auth_asym_id 
_struct_conn.ptnr2_auth_comp_id 
_struct_conn.ptnr2_auth_seq_id 
_struct_conn.ptnr2_symmetry 
_struct_conn.pdbx_ptnr3_label_atom_id 
_struct_conn.pdbx_ptnr3_label_seq_id 
_struct_conn.pdbx_ptnr3_label_comp_id 
_struct_conn.pdbx_ptnr3_label_asym_id 
_struct_conn.pdbx_ptnr3_label_alt_id 
_struct_conn.pdbx_ptnr3_PDB_ins_code 
_struct_conn.details 
_struct_conn.pdbx_dist_value 
_struct_conn.pdbx_value_order 
_struct_conn.pdbx_role 
metalc1 metalc ? ? A THR 26 O   ? ? ? 1_555 B MG  . MG  ? ? A THR 34  A MG  201 1_555 ? ? ? ? ? ? ? 2.127 ? ? 
metalc2 metalc ? ? A THR 26 OG1 ? ? ? 1_555 B MG  . MG  ? ? A THR 34  A MG  201 1_555 ? ? ? ? ? ? ? 2.129 ? ? 
metalc3 metalc ? ? B MG  .  MG  ? ? ? 1_555 C ADP . O1B ? ? A MG  201 A ADP 301 1_555 ? ? ? ? ? ? ? 1.985 ? ? 
metalc4 metalc ? ? B MG  .  MG  ? ? ? 1_555 C ADP . O2A ? ? A MG  201 A ADP 301 1_555 ? ? ? ? ? ? ? 2.060 ? ? 
metalc5 metalc ? ? B MG  .  MG  ? ? ? 1_555 D FMN . O1P ? ? A MG  201 A FMN 401 1_555 ? ? ? ? ? ? ? 2.103 ? ? 
metalc6 metalc ? ? B MG  .  MG  ? ? ? 1_555 E HOH . O   ? ? A MG  201 A HOH 502 1_555 ? ? ? ? ? ? ? 2.144 ? ? 
# 
_struct_conn_type.id          metalc 
_struct_conn_type.criteria    ? 
_struct_conn_type.reference   ? 
# 
_struct_mon_prot_cis.pdbx_id                1 
_struct_mon_prot_cis.label_comp_id          LEU 
_struct_mon_prot_cis.label_seq_id           3 
_struct_mon_prot_cis.label_asym_id          A 
_struct_mon_prot_cis.label_alt_id           . 
_struct_mon_prot_cis.pdbx_PDB_ins_code      ? 
_struct_mon_prot_cis.auth_comp_id           LEU 
_struct_mon_prot_cis.auth_seq_id            11 
_struct_mon_prot_cis.auth_asym_id           A 
_struct_mon_prot_cis.pdbx_label_comp_id_2   PRO 
_struct_mon_prot_cis.pdbx_label_seq_id_2    4 
_struct_mon_prot_cis.pdbx_label_asym_id_2   A 
_struct_mon_prot_cis.pdbx_PDB_ins_code_2    ? 
_struct_mon_prot_cis.pdbx_auth_comp_id_2    PRO 
_struct_mon_prot_cis.pdbx_auth_seq_id_2     12 
_struct_mon_prot_cis.pdbx_auth_asym_id_2    A 
_struct_mon_prot_cis.pdbx_PDB_model_num     1 
_struct_mon_prot_cis.pdbx_omega_angle       -0.40 
# 
_struct_sheet.id               A 
_struct_sheet.type             ? 
_struct_sheet.number_strands   6 
_struct_sheet.details          ? 
# 
loop_
_struct_sheet_order.sheet_id 
_struct_sheet_order.range_id_1 
_struct_sheet_order.range_id_2 
_struct_sheet_order.offset 
_struct_sheet_order.sense 
A 1 2 ? anti-parallel 
A 2 3 ? anti-parallel 
A 3 4 ? anti-parallel 
A 4 5 ? anti-parallel 
A 5 6 ? anti-parallel 
# 
loop_
_struct_sheet_range.sheet_id 
_struct_sheet_range.id 
_struct_sheet_range.beg_label_comp_id 
_struct_sheet_range.beg_label_asym_id 
_struct_sheet_range.beg_label_seq_id 
_struct_sheet_range.pdbx_beg_PDB_ins_code 
_struct_sheet_range.end_label_comp_id 
_struct_sheet_range.end_label_asym_id 
_struct_sheet_range.end_label_seq_id 
_struct_sheet_range.pdbx_end_PDB_ins_code 
_struct_sheet_range.beg_auth_comp_id 
_struct_sheet_range.beg_auth_asym_id 
_struct_sheet_range.beg_auth_seq_id 
_struct_sheet_range.end_auth_comp_id 
_struct_sheet_range.end_auth_asym_id 
_struct_sheet_range.end_auth_seq_id 
A 1 TYR A 5  ? GLN A 10  ? TYR A 13  GLN A 18  
A 2 ILE A 93 ? ARG A 103 ? ILE A 101 ARG A 111 
A 3 GLY A 44 ? VAL A 52  ? GLY A 52  VAL A 60  
A 4 HIS A 58 ? TRP A 66  ? HIS A 66  TRP A 74  
A 5 LYS A 75 ? ILE A 81  ? LYS A 83  ILE A 89  
A 6 ALA A 27 ? ASN A 28  ? ALA A 35  ASN A 36  
# 
loop_
_pdbx_struct_sheet_hbond.sheet_id 
_pdbx_struct_sheet_hbond.range_id_1 
_pdbx_struct_sheet_hbond.range_id_2 
_pdbx_struct_sheet_hbond.range_1_label_atom_id 
_pdbx_struct_sheet_hbond.range_1_label_comp_id 
_pdbx_struct_sheet_hbond.range_1_label_asym_id 
_pdbx_struct_sheet_hbond.range_1_label_seq_id 
_pdbx_struct_sheet_hbond.range_1_PDB_ins_code 
_pdbx_struct_sheet_hbond.range_1_auth_atom_id 
_pdbx_struct_sheet_hbond.range_1_auth_comp_id 
_pdbx_struct_sheet_hbond.range_1_auth_asym_id 
_pdbx_struct_sheet_hbond.range_1_auth_seq_id 
_pdbx_struct_sheet_hbond.range_2_label_atom_id 
_pdbx_struct_sheet_hbond.range_2_label_comp_id 
_pdbx_struct_sheet_hbond.range_2_label_asym_id 
_pdbx_struct_sheet_hbond.range_2_label_seq_id 
_pdbx_struct_sheet_hbond.range_2_PDB_ins_code 
_pdbx_struct_sheet_hbond.range_2_auth_atom_id 
_pdbx_struct_sheet_hbond.range_2_auth_comp_id 
_pdbx_struct_sheet_hbond.range_2_auth_asym_id 
_pdbx_struct_sheet_hbond.range_2_auth_seq_id 
A 1 2 N CYS A 7   ? N CYS A 15  O VAL A 96 ? O VAL A 104 
A 2 3 O LEU A 102 ? O LEU A 110 N ILE A 45 ? N ILE A 53  
A 3 4 N TYR A 46  ? N TYR A 54  O VAL A 62 ? O VAL A 70  
A 4 5 N VAL A 61  ? N VAL A 69  O HIS A 80 ? O HIS A 88  
A 5 6 O THR A 79  ? O THR A 87  N ALA A 27 ? N ALA A 35  
# 
loop_
_struct_site.id 
_struct_site.pdbx_evidence_code 
_struct_site.pdbx_auth_asym_id 
_struct_site.pdbx_auth_comp_id 
_struct_site.pdbx_auth_seq_id 
_struct_site.pdbx_auth_ins_code 
_struct_site.pdbx_num_residues 
_struct_site.details 
AC1 Software A MG  201 ? 4  'BINDING SITE FOR RESIDUE MG A 201'  
AC2 Software A ADP 301 ? 23 'BINDING SITE FOR RESIDUE ADP A 301' 
AC3 Software A FMN 401 ? 19 'BINDING SITE FOR RESIDUE FMN A 401' 
# 
loop_
_struct_site_gen.id 
_struct_site_gen.site_id 
_struct_site_gen.pdbx_num_res 
_struct_site_gen.label_comp_id 
_struct_site_gen.label_asym_id 
_struct_site_gen.label_seq_id 
_struct_site_gen.pdbx_auth_ins_code 
_struct_site_gen.auth_comp_id 
_struct_site_gen.auth_asym_id 
_struct_site_gen.auth_seq_id 
_struct_site_gen.label_atom_id 
_struct_site_gen.label_alt_id 
_struct_site_gen.symmetry 
_struct_site_gen.details 
1  AC1 4  THR A 26  ? THR A 34  . ? 1_555 ? 
2  AC1 4  ADP C .   ? ADP A 301 . ? 1_555 ? 
3  AC1 4  FMN D .   ? FMN A 401 . ? 1_555 ? 
4  AC1 4  HOH E .   ? HOH A 502 . ? 1_555 ? 
5  AC2 23 VAL A 11  ? VAL A 19  . ? 1_555 ? 
6  AC2 23 GLY A 14  ? GLY A 22  . ? 1_555 ? 
7  AC2 23 GLY A 18  ? GLY A 26  . ? 1_555 ? 
8  AC2 23 SER A 19  ? SER A 27  . ? 1_555 ? 
9  AC2 23 LYS A 20  ? LYS A 28  . ? 1_555 ? 
10 AC2 23 PRO A 25  ? PRO A 33  . ? 1_555 ? 
11 AC2 23 THR A 26  ? THR A 34  . ? 1_555 ? 
12 AC2 23 ASN A 28  ? ASN A 36  . ? 1_555 ? 
13 AC2 23 THR A 79  ? THR A 87  . ? 1_555 ? 
14 AC2 23 ILE A 81  ? ILE A 89  . ? 1_555 ? 
15 AC2 23 HIS A 83  ? HIS A 91  . ? 1_555 ? 
16 AC2 23 PHE A 85  ? PHE A 93  . ? 1_555 ? 
17 AC2 23 ASP A 88  ? ASP A 96  . ? 1_555 ? 
18 AC2 23 PHE A 89  ? PHE A 97  . ? 1_555 ? 
19 AC2 23 TYR A 90  ? TYR A 98  . ? 1_555 ? 
20 AC2 23 MG  B .   ? MG  A 201 . ? 1_555 ? 
21 AC2 23 FMN D .   ? FMN A 401 . ? 1_555 ? 
22 AC2 23 HOH E .   ? HOH A 501 . ? 1_555 ? 
23 AC2 23 HOH E .   ? HOH A 502 . ? 1_555 ? 
24 AC2 23 HOH E .   ? HOH A 508 . ? 1_555 ? 
25 AC2 23 HOH E .   ? HOH A 509 . ? 1_555 ? 
26 AC2 23 HOH E .   ? HOH A 518 . ? 1_555 ? 
27 AC2 23 HOH E .   ? HOH A 523 . ? 3_564 ? 
28 AC3 19 PHE A 15  ? PHE A 23  . ? 1_555 ? 
29 AC3 19 ARG A 17  ? ARG A 25  . ? 1_555 ? 
30 AC3 19 GLY A 18  ? GLY A 26  . ? 1_555 ? 
31 AC3 19 SER A 19  ? SER A 27  . ? 1_555 ? 
32 AC3 19 THR A 26  ? THR A 34  . ? 1_555 ? 
33 AC3 19 ILE A 45  ? ILE A 53  . ? 1_555 ? 
34 AC3 19 VAL A 61  ? VAL A 69  . ? 1_555 ? 
35 AC3 19 GLU A 78  ? GLU A 86  . ? 1_555 ? 
36 AC3 19 ARG A 103 ? ARG A 111 . ? 1_555 ? 
37 AC3 19 LYS A 106 ? LYS A 114 . ? 1_555 ? 
38 AC3 19 PHE A 108 ? PHE A 116 . ? 1_555 ? 
39 AC3 19 ASP A 121 ? ASP A 129 . ? 1_555 ? 
40 AC3 19 MG  B .   ? MG  A 201 . ? 1_555 ? 
41 AC3 19 ADP C .   ? ADP A 301 . ? 1_555 ? 
42 AC3 19 HOH E .   ? HOH A 502 . ? 1_555 ? 
43 AC3 19 HOH E .   ? HOH A 508 . ? 1_555 ? 
44 AC3 19 HOH E .   ? HOH A 545 . ? 1_555 ? 
45 AC3 19 HOH E .   ? HOH A 547 . ? 1_555 ? 
46 AC3 19 HOH E .   ? HOH A 597 . ? 1_555 ? 
# 
_atom_sites.entry_id                    1P4M 
_atom_sites.fract_transf_matrix[1][1]   0.00210629 
_atom_sites.fract_transf_matrix[1][2]   -0.01047416 
_atom_sites.fract_transf_matrix[1][3]   -0.01717114 
_atom_sites.fract_transf_matrix[2][1]   -0.00868913 
_atom_sites.fract_transf_matrix[2][2]   0.00662577 
_atom_sites.fract_transf_matrix[2][3]   -0.01701670 
_atom_sites.fract_transf_matrix[3][1]   0.00999561 
_atom_sites.fract_transf_matrix[3][2]   0.00633419 
_atom_sites.fract_transf_matrix[3][3]   -0.00263766 
_atom_sites.fract_transf_vector[1]      0.514425 
_atom_sites.fract_transf_vector[2]      0.645190 
_atom_sites.fract_transf_vector[3]      0.237289 
# 
loop_
_atom_type.symbol 
C  
MG 
N  
O  
P  
S  
# 
loop_
_atom_site.group_PDB 
_atom_site.id 
_atom_site.type_symbol 
_atom_site.label_atom_id 
_atom_site.label_alt_id 
_atom_site.label_comp_id 
_atom_site.label_asym_id 
_atom_site.label_entity_id 
_atom_site.label_seq_id 
_atom_site.pdbx_PDB_ins_code 
_atom_site.Cartn_x 
_atom_site.Cartn_y 
_atom_site.Cartn_z 
_atom_site.occupancy 
_atom_site.B_iso_or_equiv 
_atom_site.pdbx_formal_charge 
_atom_site.auth_seq_id 
_atom_site.auth_comp_id 
_atom_site.auth_asym_id 
_atom_site.auth_atom_id 
_atom_site.pdbx_PDB_model_num 
ATOM   1    N  N     . ARG A 1 1   ? 16.146  1.192   4.454   1.00 32.73 ? 9   ARG A N     1 
ATOM   2    C  CA    . ARG A 1 1   ? 17.065  0.155   5.030   1.00 32.71 ? 9   ARG A CA    1 
ATOM   3    C  C     . ARG A 1 1   ? 16.457  -1.254  5.023   1.00 32.41 ? 9   ARG A C     1 
ATOM   4    O  O     . ARG A 1 1   ? 17.181  -2.260  4.874   1.00 32.36 ? 9   ARG A O     1 
ATOM   5    N  N     . HIS A 1 2   ? 15.140  -1.336  5.217   1.00 30.35 ? 10  HIS A N     1 
ATOM   6    C  CA    . HIS A 1 2   ? 14.482  -2.641  5.129   1.00 29.44 ? 10  HIS A CA    1 
ATOM   7    C  C     . HIS A 1 2   ? 13.652  -2.737  3.842   1.00 27.55 ? 10  HIS A C     1 
ATOM   8    O  O     . HIS A 1 2   ? 12.756  -3.588  3.733   1.00 27.18 ? 10  HIS A O     1 
ATOM   9    C  CB    . HIS A 1 2   ? 13.645  -2.978  6.381   1.00 29.45 ? 10  HIS A CB    1 
ATOM   10   C  CG    . HIS A 1 2   ? 14.395  -3.780  7.408   1.00 31.48 ? 10  HIS A CG    1 
ATOM   11   N  ND1   . HIS A 1 2   ? 15.130  -3.197  8.419   1.00 33.23 ? 10  HIS A ND1   1 
ATOM   12   C  CD2   . HIS A 1 2   ? 14.543  -5.120  7.563   1.00 34.11 ? 10  HIS A CD2   1 
ATOM   13   C  CE1   . HIS A 1 2   ? 15.688  -4.141  9.160   1.00 33.92 ? 10  HIS A CE1   1 
ATOM   14   N  NE2   . HIS A 1 2   ? 15.351  -5.317  8.658   1.00 35.22 ? 10  HIS A NE2   1 
ATOM   15   N  N     . LEU A 1 3   ? 13.994  -1.885  2.870   1.00 24.81 ? 11  LEU A N     1 
ATOM   16   C  CA    . LEU A 1 3   ? 13.364  -1.935  1.546   1.00 22.88 ? 11  LEU A CA    1 
ATOM   17   C  C     . LEU A 1 3   ? 14.293  -2.654  0.582   1.00 21.99 ? 11  LEU A C     1 
ATOM   18   O  O     . LEU A 1 3   ? 15.504  -2.461  0.686   1.00 21.77 ? 11  LEU A O     1 
ATOM   19   C  CB    . LEU A 1 3   ? 13.061  -0.522  1.049   1.00 22.16 ? 11  LEU A CB    1 
ATOM   20   C  CG    . LEU A 1 3   ? 12.088  0.252   1.946   1.00 21.56 ? 11  LEU A CG    1 
ATOM   21   C  CD1   . LEU A 1 3   ? 11.774  1.630   1.316   1.00 21.26 ? 11  LEU A CD1   1 
ATOM   22   C  CD2   . LEU A 1 3   ? 10.793  -0.542  2.180   1.00 17.66 ? 11  LEU A CD2   1 
ATOM   23   N  N     . PRO A 1 4   ? 13.783  -3.453  -0.363  1.00 20.62 ? 12  PRO A N     1 
ATOM   24   C  CA    . PRO A 1 4   ? 12.356  -3.717  -0.560  1.00 19.44 ? 12  PRO A CA    1 
ATOM   25   C  C     . PRO A 1 4   ? 11.787  -4.666  0.499   1.00 18.55 ? 12  PRO A C     1 
ATOM   26   O  O     . PRO A 1 4   ? 12.482  -5.584  0.989   1.00 17.96 ? 12  PRO A O     1 
ATOM   27   C  CB    . PRO A 1 4   ? 12.324  -4.359  -1.955  1.00 19.58 ? 12  PRO A CB    1 
ATOM   28   C  CG    . PRO A 1 4   ? 13.603  -5.015  -2.093  1.00 20.90 ? 12  PRO A CG    1 
ATOM   29   C  CD    . PRO A 1 4   ? 14.610  -4.130  -1.386  1.00 20.65 ? 12  PRO A CD    1 
ATOM   30   N  N     . TYR A 1 5   ? 10.551  -4.410  0.911   1.00 17.02 ? 13  TYR A N     1 
ATOM   31   C  CA    . TYR A 1 5   ? 9.924   -5.231  1.929   1.00 16.79 ? 13  TYR A CA    1 
ATOM   32   C  C     . TYR A 1 5   ? 8.795   -6.002  1.282   1.00 15.71 ? 13  TYR A C     1 
ATOM   33   O  O     . TYR A 1 5   ? 7.872   -5.412  0.690   1.00 16.15 ? 13  TYR A O     1 
ATOM   34   C  CB    . TYR A 1 5   ? 9.358   -4.348  3.040   1.00 17.14 ? 13  TYR A CB    1 
ATOM   35   C  CG    . TYR A 1 5   ? 8.795   -5.143  4.171   1.00 18.86 ? 13  TYR A CG    1 
ATOM   36   C  CD1   . TYR A 1 5   ? 9.648   -5.787  5.065   1.00 21.74 ? 13  TYR A CD1   1 
ATOM   37   C  CD2   . TYR A 1 5   ? 7.416   -5.294  4.333   1.00 20.17 ? 13  TYR A CD2   1 
ATOM   38   C  CE1   . TYR A 1 5   ? 9.139   -6.552  6.123   1.00 23.66 ? 13  TYR A CE1   1 
ATOM   39   C  CE2   . TYR A 1 5   ? 6.886   -6.072  5.393   1.00 21.18 ? 13  TYR A CE2   1 
ATOM   40   C  CZ    . TYR A 1 5   ? 7.764   -6.687  6.276   1.00 23.72 ? 13  TYR A CZ    1 
ATOM   41   O  OH    . TYR A 1 5   ? 7.319   -7.455  7.320   1.00 27.55 ? 13  TYR A OH    1 
ATOM   42   N  N     . PHE A 1 6   ? 8.844   -7.312  1.431   1.00 15.03 ? 14  PHE A N     1 
ATOM   43   C  CA    . PHE A 1 6   ? 7.870   -8.193  0.821   1.00 14.60 ? 14  PHE A CA    1 
ATOM   44   C  C     . PHE A 1 6   ? 6.929   -8.756  1.881   1.00 14.52 ? 14  PHE A C     1 
ATOM   45   O  O     . PHE A 1 6   ? 7.380   -9.254  2.925   1.00 14.18 ? 14  PHE A O     1 
ATOM   46   C  CB    . PHE A 1 6   ? 8.579   -9.359  0.088   1.00 15.29 ? 14  PHE A CB    1 
ATOM   47   C  CG    . PHE A 1 6   ? 9.471   -8.917  -1.041  1.00 14.46 ? 14  PHE A CG    1 
ATOM   48   C  CD1   . PHE A 1 6   ? 8.975   -8.813  -2.327  1.00 13.32 ? 14  PHE A CD1   1 
ATOM   49   C  CD2   . PHE A 1 6   ? 10.817  -8.659  -0.830  1.00 15.21 ? 14  PHE A CD2   1 
ATOM   50   C  CE1   . PHE A 1 6   ? 9.779   -8.398  -3.389  1.00 15.42 ? 14  PHE A CE1   1 
ATOM   51   C  CE2   . PHE A 1 6   ? 11.642  -8.230  -1.874  1.00 16.99 ? 14  PHE A CE2   1 
ATOM   52   C  CZ    . PHE A 1 6   ? 11.134  -8.118  -3.172  1.00 15.12 ? 14  PHE A CZ    1 
ATOM   53   N  N     . CYS A 1 7   ? 5.637   -8.684  1.630   1.00 13.68 ? 15  CYS A N     1 
ATOM   54   C  CA    . CYS A 1 7   ? 4.648   -9.263  2.540   1.00 14.88 ? 15  CYS A CA    1 
ATOM   55   C  C     . CYS A 1 7   ? 3.356   -9.632  1.854   1.00 15.29 ? 15  CYS A C     1 
ATOM   56   O  O     . CYS A 1 7   ? 3.112   -9.212  0.714   1.00 14.92 ? 15  CYS A O     1 
ATOM   57   C  CB    . CYS A 1 7   ? 4.439   -8.389  3.783   1.00 15.84 ? 15  CYS A CB    1 
ATOM   58   S  SG    . CYS A 1 7   ? 3.698   -6.816  3.406   1.00 20.43 ? 15  CYS A SG    1 
ATOM   59   N  N     . ARG A 1 8   ? 2.581   -10.507 2.491   1.00 15.18 ? 16  ARG A N     1 
ATOM   60   C  CA    . ARG A 1 8   ? 1.337   -11.013 1.922   1.00 16.01 ? 16  ARG A CA    1 
ATOM   61   C  C     . ARG A 1 8   ? 0.319   -11.082 3.039   1.00 16.77 ? 16  ARG A C     1 
ATOM   62   O  O     . ARG A 1 8   ? 0.678   -11.345 4.184   1.00 19.12 ? 16  ARG A O     1 
ATOM   63   C  CB    . ARG A 1 8   ? 1.496   -12.419 1.365   1.00 14.96 ? 16  ARG A CB    1 
ATOM   64   C  CG    . ARG A 1 8   ? 2.706   -12.680 0.457   1.00 14.77 ? 16  ARG A CG    1 
ATOM   65   C  CD    . ARG A 1 8   ? 2.731   -14.097 -0.016  1.00 13.05 ? 16  ARG A CD    1 
ATOM   66   N  NE    . ARG A 1 8   ? 4.008   -14.499 -0.587  1.00 13.21 ? 16  ARG A NE    1 
ATOM   67   C  CZ    . ARG A 1 8   ? 4.256   -14.494 -1.897  1.00 16.20 ? 16  ARG A CZ    1 
ATOM   68   N  NH1   . ARG A 1 8   ? 3.324   -14.037 -2.745  1.00 18.54 ? 16  ARG A NH1   1 
ATOM   69   N  NH2   . ARG A 1 8   ? 5.432   -14.906 -2.353  1.00 16.67 ? 16  ARG A NH2   1 
ATOM   70   N  N     . GLY A 1 9   ? -0.952  -10.876 2.726   1.00 17.90 ? 17  GLY A N     1 
ATOM   71   C  CA    . GLY A 1 9   ? -1.965  -10.963 3.758   1.00 17.06 ? 17  GLY A CA    1 
ATOM   72   C  C     . GLY A 1 9   ? -3.351  -10.971 3.150   1.00 17.55 ? 17  GLY A C     1 
ATOM   73   O  O     . GLY A 1 9   ? -3.569  -10.527 2.006   1.00 17.95 ? 17  GLY A O     1 
ATOM   74   N  N     . GLN A 1 10  ? -4.290  -11.496 3.921   1.00 16.50 ? 18  GLN A N     1 
ATOM   75   C  CA    . GLN A 1 10  ? -5.691  -11.454 3.547   1.00 15.77 ? 18  GLN A CA    1 
ATOM   76   C  C     . GLN A 1 10  ? -6.167  -10.002 3.506   1.00 15.03 ? 18  GLN A C     1 
ATOM   77   O  O     . GLN A 1 10  ? -5.808  -9.174  4.352   1.00 16.02 ? 18  GLN A O     1 
ATOM   78   C  CB    . GLN A 1 10  ? -6.542  -12.390 4.474   1.00 16.71 ? 18  GLN A CB    1 
ATOM   79   C  CG    . GLN A 1 10  ? -5.968  -13.912 4.403   1.00 20.30 ? 18  GLN A CG    1 
ATOM   80   C  CD    . GLN A 1 10  ? -6.838  -15.130 4.941   1.00 28.77 ? 18  GLN A CD    1 
ATOM   81   O  OE1   . GLN A 1 10  ? -7.007  -16.189 4.229   1.00 27.32 ? 18  GLN A OE1   1 
ATOM   82   N  NE2   . GLN A 1 10  ? -7.246  -15.049 6.196   1.00 25.34 ? 18  GLN A NE2   1 
ATOM   83   N  N     . VAL A 1 11  ? -6.980  -9.690  2.502   1.00 13.65 ? 19  VAL A N     1 
ATOM   84   C  CA    . VAL A 1 11  ? -7.525  -8.333  2.402   1.00 13.17 ? 19  VAL A CA    1 
ATOM   85   C  C     . VAL A 1 11  ? -8.772  -8.226  3.289   1.00 13.06 ? 19  VAL A C     1 
ATOM   86   O  O     . VAL A 1 11  ? -9.735  -8.976  3.105   1.00 13.67 ? 19  VAL A O     1 
ATOM   87   C  CB    . VAL A 1 11  ? -7.810  -7.963  0.936   1.00 12.57 ? 19  VAL A CB    1 
ATOM   88   C  CG1   . VAL A 1 11  ? -8.577  -6.610  0.875   1.00 13.50 ? 19  VAL A CG1   1 
ATOM   89   C  CG2   . VAL A 1 11  ? -6.493  -7.897  0.146   1.00 11.59 ? 19  VAL A CG2   1 
ATOM   90   N  N     . VAL A 1 12  ? -8.751  -7.282  4.241   1.00 13.33 ? 20  VAL A N     1 
ATOM   91   C  CA    . VAL A 1 12  ? -9.804  -7.205  5.255   1.00 13.56 ? 20  VAL A CA    1 
ATOM   92   C  C     . VAL A 1 12  ? -10.423 -5.818  5.300   1.00 14.60 ? 20  VAL A C     1 
ATOM   93   O  O     . VAL A 1 12  ? -9.837  -4.833  4.812   1.00 13.14 ? 20  VAL A O     1 
ATOM   94   C  CB    . VAL A 1 12  ? -9.332  -7.626  6.682   1.00 14.59 ? 20  VAL A CB    1 
ATOM   95   C  CG1   . VAL A 1 12  ? -8.909  -9.086  6.688   1.00 13.93 ? 20  VAL A CG1   1 
ATOM   96   C  CG2   . VAL A 1 12  ? -8.216  -6.710  7.223   1.00 12.50 ? 20  VAL A CG2   1 
ATOM   97   N  N     . ARG A 1 13  ? -11.644 -5.767  5.835   1.00 14.71 ? 21  ARG A N     1 
ATOM   98   C  CA    . ARG A 1 13  ? -12.383 -4.520  5.875   1.00 15.68 ? 21  ARG A CA    1 
ATOM   99   C  C     . ARG A 1 13  ? -11.849 -3.625  6.959   1.00 14.68 ? 21  ARG A C     1 
ATOM   100  O  O     . ARG A 1 13  ? -11.356 -4.095  7.992   1.00 14.69 ? 21  ARG A O     1 
ATOM   101  C  CB    . ARG A 1 13  ? -13.874 -4.788  6.146   1.00 16.81 ? 21  ARG A CB    1 
ATOM   102  C  CG    . ARG A 1 13  ? -14.632 -5.097  4.875   1.00 19.69 ? 21  ARG A CG    1 
ATOM   103  C  CD    . ARG A 1 13  ? -16.161 -5.050  4.981   1.00 26.12 ? 21  ARG A CD    1 
ATOM   104  N  NE    . ARG A 1 13  ? -16.624 -6.206  4.236   1.00 32.77 ? 21  ARG A NE    1 
ATOM   105  C  CZ    . ARG A 1 13  ? -17.041 -6.170  2.981   1.00 35.31 ? 21  ARG A CZ    1 
ATOM   106  N  NH1   . ARG A 1 13  ? -17.150 -5.009  2.344   1.00 36.81 ? 21  ARG A NH1   1 
ATOM   107  N  NH2   . ARG A 1 13  ? -17.377 -7.308  2.380   1.00 35.95 ? 21  ARG A NH2   1 
ATOM   108  N  N     . GLY A 1 14  ? -11.994 -2.331  6.732   1.00 13.82 ? 22  GLY A N     1 
ATOM   109  C  CA    . GLY A 1 14  ? -11.635 -1.333  7.726   1.00 14.16 ? 22  GLY A CA    1 
ATOM   110  C  C     . GLY A 1 14  ? -12.852 -0.667  8.359   1.00 13.13 ? 22  GLY A C     1 
ATOM   111  O  O     . GLY A 1 14  ? -13.974 -1.084  8.180   1.00 13.02 ? 22  GLY A O     1 
ATOM   112  N  N     . PHE A 1 15  ? -12.615 0.394   9.105   1.00 13.08 ? 23  PHE A N     1 
ATOM   113  C  CA    . PHE A 1 15  ? -13.656 1.005   9.902   1.00 15.45 ? 23  PHE A CA    1 
ATOM   114  C  C     . PHE A 1 15  ? -13.865 2.449   9.424   1.00 17.00 ? 23  PHE A C     1 
ATOM   115  O  O     . PHE A 1 15  ? -13.192 2.909   8.479   1.00 18.72 ? 23  PHE A O     1 
ATOM   116  C  CB    . PHE A 1 15  ? -13.334 0.791   11.376  1.00 13.23 ? 23  PHE A CB    1 
ATOM   117  C  CG    . PHE A 1 15  ? -13.196 -0.660  11.697  1.00 12.84 ? 23  PHE A CG    1 
ATOM   118  C  CD1   . PHE A 1 15  ? -14.344 -1.478  11.821  1.00 13.04 ? 23  PHE A CD1   1 
ATOM   119  C  CD2   . PHE A 1 15  ? -11.936 -1.261  11.736  1.00 13.34 ? 23  PHE A CD2   1 
ATOM   120  C  CE1   . PHE A 1 15  ? -14.219 -2.859  12.057  1.00 10.75 ? 23  PHE A CE1   1 
ATOM   121  C  CE2   . PHE A 1 15  ? -11.800 -2.630  11.956  1.00 13.73 ? 23  PHE A CE2   1 
ATOM   122  C  CZ    . PHE A 1 15  ? -12.954 -3.434  12.123  1.00 12.68 ? 23  PHE A CZ    1 
ATOM   123  N  N     . GLY A 1 16  ? -14.820 3.165   9.970   1.00 18.33 ? 24  GLY A N     1 
ATOM   124  C  CA    . GLY A 1 16  ? -15.162 4.450   9.311   1.00 19.52 ? 24  GLY A CA    1 
ATOM   125  C  C     . GLY A 1 16  ? -15.595 4.302   7.825   1.00 20.67 ? 24  GLY A C     1 
ATOM   126  O  O     . GLY A 1 16  ? -15.970 3.195   7.407   1.00 21.42 ? 24  GLY A O     1 
ATOM   127  N  N     . ARG A 1 17  ? -15.571 5.381   7.026   1.00 19.24 ? 25  ARG A N     1 
ATOM   128  C  CA    . ARG A 1 17  ? -16.100 5.293   5.659   1.00 19.71 ? 25  ARG A CA    1 
ATOM   129  C  C     . ARG A 1 17  ? -14.968 4.896   4.726   1.00 19.57 ? 25  ARG A C     1 
ATOM   130  O  O     . ARG A 1 17  ? -13.894 5.487   4.781   1.00 22.45 ? 25  ARG A O     1 
ATOM   131  C  CB    A ARG A 1 17  ? -16.765 6.604   5.192   0.50 19.54 ? 25  ARG A CB    1 
ATOM   132  C  CB    B ARG A 1 17  ? -16.715 6.642   5.224   0.50 19.40 ? 25  ARG A CB    1 
ATOM   133  C  CG    A ARG A 1 17  ? -16.962 6.672   3.658   0.50 19.74 ? 25  ARG A CG    1 
ATOM   134  C  CG    B ARG A 1 17  ? -17.609 7.322   6.263   0.50 18.13 ? 25  ARG A CG    1 
ATOM   135  C  CD    A ARG A 1 17  ? -18.135 7.500   3.148   0.50 16.95 ? 25  ARG A CD    1 
ATOM   136  C  CD    B ARG A 1 17  ? -18.432 8.524   5.741   0.50 17.74 ? 25  ARG A CD    1 
ATOM   137  N  NE    A ARG A 1 17  ? -19.388 6.811   3.419   0.50 16.28 ? 25  ARG A NE    1 
ATOM   138  N  NE    B ARG A 1 17  ? -19.618 8.749   6.575   0.50 16.88 ? 25  ARG A NE    1 
ATOM   139  C  CZ    A ARG A 1 17  ? -20.181 7.118   4.430   0.50 10.68 ? 25  ARG A CZ    1 
ATOM   140  C  CZ    B ARG A 1 17  ? -19.592 9.260   7.790   0.50 16.32 ? 25  ARG A CZ    1 
ATOM   141  N  NH1   A ARG A 1 17  ? -19.862 8.112   5.235   0.50 15.55 ? 25  ARG A NH1   1 
ATOM   142  N  NH1   B ARG A 1 17  ? -18.442 9.648   8.324   0.50 16.58 ? 25  ARG A NH1   1 
ATOM   143  N  NH2   A ARG A 1 17  ? -21.294 6.471   4.617   0.50 5.79  ? 25  ARG A NH2   1 
ATOM   144  N  NH2   B ARG A 1 17  ? -20.716 9.384   8.476   0.50 16.18 ? 25  ARG A NH2   1 
ATOM   145  N  N     . GLY A 1 18  ? -15.166 3.919   3.864   1.00 19.30 ? 26  GLY A N     1 
ATOM   146  C  CA    . GLY A 1 18  ? -14.035 3.501   3.029   1.00 16.57 ? 26  GLY A CA    1 
ATOM   147  C  C     . GLY A 1 18  ? -13.558 4.600   2.088   1.00 16.95 ? 26  GLY A C     1 
ATOM   148  O  O     . GLY A 1 18  ? -14.356 5.455   1.684   1.00 16.65 ? 26  GLY A O     1 
ATOM   149  N  N     . SER A 1 19  ? -12.289 4.583   1.700   1.00 16.97 ? 27  SER A N     1 
ATOM   150  C  CA    . SER A 1 19  ? -11.753 5.613   0.784   1.00 16.22 ? 27  SER A CA    1 
ATOM   151  C  C     . SER A 1 19  ? -12.203 5.348   -0.645  1.00 16.43 ? 27  SER A C     1 
ATOM   152  O  O     . SER A 1 19  ? -11.901 6.149   -1.531  1.00 16.67 ? 27  SER A O     1 
ATOM   153  C  CB    . SER A 1 19  ? -10.212 5.695   0.832   1.00 16.34 ? 27  SER A CB    1 
ATOM   154  O  OG    . SER A 1 19  ? -9.708  4.425   0.475   1.00 16.56 ? 27  SER A OG    1 
ATOM   155  N  N     . LYS A 1 20  ? -12.959 4.262   -0.867  1.00 16.31 ? 28  LYS A N     1 
ATOM   156  C  CA    . LYS A 1 20  ? -13.778 4.142   -2.073  1.00 16.84 ? 28  LYS A CA    1 
ATOM   157  C  C     . LYS A 1 20  ? -14.600 5.412   -2.287  1.00 16.61 ? 28  LYS A C     1 
ATOM   158  O  O     . LYS A 1 20  ? -14.890 5.786   -3.420  1.00 17.21 ? 28  LYS A O     1 
ATOM   159  C  CB    . LYS A 1 20  ? -14.797 2.994   -1.939  1.00 17.24 ? 28  LYS A CB    1 
ATOM   160  C  CG    . LYS A 1 20  ? -14.346 1.690   -2.514  1.00 19.16 ? 28  LYS A CG    1 
ATOM   161  C  CD    . LYS A 1 20  ? -15.413 0.625   -2.269  1.00 21.61 ? 28  LYS A CD    1 
ATOM   162  C  CE    . LYS A 1 20  ? -14.928 -0.713  -2.699  1.00 24.99 ? 28  LYS A CE    1 
ATOM   163  N  NZ    . LYS A 1 20  ? -14.869 -0.655  -4.186  1.00 27.57 ? 28  LYS A NZ    1 
ATOM   164  N  N     . GLN A 1 21  ? -15.024 6.067   -1.207  1.00 16.07 ? 29  GLN A N     1 
ATOM   165  C  CA    . GLN A 1 21  ? -15.841 7.276   -1.374  1.00 17.40 ? 29  GLN A CA    1 
ATOM   166  C  C     . GLN A 1 21  ? -15.076 8.344   -2.147  1.00 17.22 ? 29  GLN A C     1 
ATOM   167  O  O     . GLN A 1 21  ? -15.681 9.257   -2.663  1.00 18.60 ? 29  GLN A O     1 
ATOM   168  C  CB    . GLN A 1 21  ? -16.282 7.859   -0.022  1.00 16.74 ? 29  GLN A CB    1 
ATOM   169  C  CG    . GLN A 1 21  ? -15.059 8.071   0.894   1.00 20.61 ? 29  GLN A CG    1 
ATOM   170  C  CD    . GLN A 1 21  ? -15.252 9.059   2.052   1.00 26.22 ? 29  GLN A CD    1 
ATOM   171  O  OE1   . GLN A 1 21  ? -16.241 9.776   2.132   1.00 23.32 ? 29  GLN A OE1   1 
ATOM   172  N  NE2   . GLN A 1 21  ? -14.252 9.117   2.927   1.00 30.04 ? 29  GLN A NE2   1 
ATOM   173  N  N     . LEU A 1 22  ? -13.743 8.285   -2.131  1.00 17.09 ? 30  LEU A N     1 
ATOM   174  C  CA    . LEU A 1 22  ? -12.906 9.261   -2.826  1.00 18.62 ? 30  LEU A CA    1 
ATOM   175  C  C     . LEU A 1 22  ? -12.486 8.778   -4.190  1.00 18.53 ? 30  LEU A C     1 
ATOM   176  O  O     . LEU A 1 22  ? -11.784 9.491   -4.895  1.00 19.69 ? 30  LEU A O     1 
ATOM   177  C  CB    . LEU A 1 22  ? -11.637 9.603   -2.036  1.00 18.93 ? 30  LEU A CB    1 
ATOM   178  C  CG    . LEU A 1 22  ? -11.805 9.922   -0.564  1.00 20.50 ? 30  LEU A CG    1 
ATOM   179  C  CD1   . LEU A 1 22  ? -10.435 10.161  0.033   1.00 24.69 ? 30  LEU A CD1   1 
ATOM   180  C  CD2   . LEU A 1 22  ? -12.683 11.127  -0.415  1.00 20.16 ? 30  LEU A CD2   1 
ATOM   181  N  N     . GLY A 1 23  ? -12.930 7.582   -4.552  1.00 17.18 ? 31  GLY A N     1 
ATOM   182  C  CA    . GLY A 1 23  ? -12.533 6.949   -5.789  1.00 17.97 ? 31  GLY A CA    1 
ATOM   183  C  C     . GLY A 1 23  ? -11.135 6.360   -5.677  1.00 18.28 ? 31  GLY A C     1 
ATOM   184  O  O     . GLY A 1 23  ? -10.534 6.004   -6.705  1.00 18.34 ? 31  GLY A O     1 
ATOM   185  N  N     . ILE A 1 24  ? -10.629 6.260   -4.440  1.00 16.98 ? 32  ILE A N     1 
ATOM   186  C  CA    . ILE A 1 24  ? -9.290  5.711   -4.186  1.00 15.93 ? 32  ILE A CA    1 
ATOM   187  C  C     . ILE A 1 24  ? -9.316  4.590   -3.103  1.00 14.30 ? 32  ILE A C     1 
ATOM   188  O  O     . ILE A 1 24  ? -8.987  4.830   -1.944  1.00 14.41 ? 32  ILE A O     1 
ATOM   189  C  CB    . ILE A 1 24  ? -8.272  6.849   -3.841  1.00 15.38 ? 32  ILE A CB    1 
ATOM   190  C  CG1   . ILE A 1 24  ? -8.397  8.029   -4.852  1.00 16.62 ? 32  ILE A CG1   1 
ATOM   191  C  CG2   . ILE A 1 24  ? -6.825  6.244   -3.746  1.00 16.35 ? 32  ILE A CG2   1 
ATOM   192  C  CD1   . ILE A 1 24  ? -7.572  9.290   -4.530  1.00 20.75 ? 32  ILE A CD1   1 
ATOM   193  N  N     . PRO A 1 25  ? -9.726  3.375   -3.483  1.00 13.58 ? 33  PRO A N     1 
ATOM   194  C  CA    . PRO A 1 25  ? -9.927  2.291   -2.516  1.00 12.57 ? 33  PRO A CA    1 
ATOM   195  C  C     . PRO A 1 25  ? -8.584  1.907   -1.925  1.00 12.72 ? 33  PRO A C     1 
ATOM   196  O  O     . PRO A 1 25  ? -7.531  1.946   -2.644  1.00 12.86 ? 33  PRO A O     1 
ATOM   197  C  CB    . PRO A 1 25  ? -10.495 1.130   -3.356  1.00 14.05 ? 33  PRO A CB    1 
ATOM   198  C  CG    . PRO A 1 25  ? -10.250 1.493   -4.774  1.00 13.21 ? 33  PRO A CG    1 
ATOM   199  C  CD    . PRO A 1 25  ? -10.084 2.973   -4.868  1.00 13.52 ? 33  PRO A CD    1 
ATOM   200  N  N     . THR A 1 26  ? -8.606  1.615   -0.633  1.00 11.78 ? 34  THR A N     1 
ATOM   201  C  CA    . THR A 1 26  ? -7.395  1.266   0.116   1.00 12.18 ? 34  THR A CA    1 
ATOM   202  C  C     . THR A 1 26  ? -7.587  -0.079  0.842   1.00 12.98 ? 34  THR A C     1 
ATOM   203  O  O     . THR A 1 26  ? -8.422  -0.213  1.754   1.00 12.65 ? 34  THR A O     1 
ATOM   204  C  CB    . THR A 1 26  ? -7.065  2.377   1.159   1.00 11.52 ? 34  THR A CB    1 
ATOM   205  O  OG1   . THR A 1 26  ? -8.285  2.782   1.812   1.00 11.35 ? 34  THR A OG1   1 
ATOM   206  C  CG2   . THR A 1 26  ? -6.527  3.679   0.473   1.00 14.38 ? 34  THR A CG2   1 
ATOM   207  N  N     . ALA A 1 27  ? -6.792  -1.072  0.448   1.00 12.72 ? 35  ALA A N     1 
ATOM   208  C  CA    . ALA A 1 27  ? -6.948  -2.391  0.997   1.00 12.53 ? 35  ALA A CA    1 
ATOM   209  C  C     . ALA A 1 27  ? -6.122  -2.536  2.283   1.00 12.12 ? 35  ALA A C     1 
ATOM   210  O  O     . ALA A 1 27  ? -4.908  -2.162  2.317   1.00 12.54 ? 35  ALA A O     1 
ATOM   211  C  CB    . ALA A 1 27  ? -6.518  -3.408  -0.047  1.00 11.71 ? 35  ALA A CB    1 
ATOM   212  N  N     . ASN A 1 28  ? -6.765  -3.097  3.304   1.00 12.60 ? 36  ASN A N     1 
ATOM   213  C  CA    . ASN A 1 28  ? -6.143  -3.451  4.587   1.00 14.09 ? 36  ASN A CA    1 
ATOM   214  C  C     . ASN A 1 28  ? -5.698  -4.901  4.730   1.00 15.90 ? 36  ASN A C     1 
ATOM   215  O  O     . ASN A 1 28  ? -6.300  -5.826  4.168   1.00 16.16 ? 36  ASN A O     1 
ATOM   216  C  CB    . ASN A 1 28  ? -7.094  -3.117  5.767   1.00 12.92 ? 36  ASN A CB    1 
ATOM   217  C  CG    . ASN A 1 28  ? -7.817  -1.808  5.562   1.00 15.13 ? 36  ASN A CG    1 
ATOM   218  O  OD1   . ASN A 1 28  ? -7.184  -0.756  5.621   1.00 15.86 ? 36  ASN A OD1   1 
ATOM   219  N  ND2   . ASN A 1 28  ? -9.142  -1.854  5.259   1.00 10.61 ? 36  ASN A ND2   1 
ATOM   220  N  N     . PHE A 1 29  ? -4.651  -5.070  5.537   1.00 18.07 ? 37  PHE A N     1 
ATOM   221  C  CA    . PHE A 1 29  ? -4.110  -6.380  5.952   1.00 20.53 ? 37  PHE A CA    1 
ATOM   222  C  C     . PHE A 1 29  ? -4.489  -6.603  7.407   1.00 21.18 ? 37  PHE A C     1 
ATOM   223  O  O     . PHE A 1 29  ? -4.646  -5.619  8.122   1.00 21.76 ? 37  PHE A O     1 
ATOM   224  C  CB    . PHE A 1 29  ? -2.564  -6.289  5.976   1.00 21.45 ? 37  PHE A CB    1 
ATOM   225  C  CG    . PHE A 1 29  ? -1.869  -6.497  4.646   1.00 19.97 ? 37  PHE A CG    1 
ATOM   226  C  CD1   . PHE A 1 29  ? -2.326  -7.416  3.716   1.00 20.84 ? 37  PHE A CD1   1 
ATOM   227  C  CD2   . PHE A 1 29  ? -0.697  -5.802  4.385   1.00 19.46 ? 37  PHE A CD2   1 
ATOM   228  C  CE1   . PHE A 1 29  ? -1.638  -7.591  2.478   1.00 21.10 ? 37  PHE A CE1   1 
ATOM   229  C  CE2   . PHE A 1 29  ? 0.022   -5.996  3.192   1.00 17.97 ? 37  PHE A CE2   1 
ATOM   230  C  CZ    . PHE A 1 29  ? -0.462  -6.886  2.230   1.00 18.39 ? 37  PHE A CZ    1 
ATOM   231  N  N     . PRO A 1 30  ? -4.602  -7.845  7.877   1.00 21.27 ? 38  PRO A N     1 
ATOM   232  C  CA    . PRO A 1 30  ? -4.824  -8.056  9.319   1.00 22.12 ? 38  PRO A CA    1 
ATOM   233  C  C     . PRO A 1 30  ? -3.648  -7.470  10.165  1.00 21.87 ? 38  PRO A C     1 
ATOM   234  O  O     . PRO A 1 30  ? -2.528  -7.335  9.660   1.00 21.16 ? 38  PRO A O     1 
ATOM   235  C  CB    . PRO A 1 30  ? -4.928  -9.572  9.444   1.00 22.06 ? 38  PRO A CB    1 
ATOM   236  C  CG    . PRO A 1 30  ? -5.210  -10.069 8.046   1.00 22.63 ? 38  PRO A CG    1 
ATOM   237  C  CD    . PRO A 1 30  ? -4.505  -9.121  7.140   1.00 21.40 ? 38  PRO A CD    1 
ATOM   238  N  N     . GLU A 1 31  ? -3.949  -7.068  11.401  1.00 21.19 ? 39  GLU A N     1 
ATOM   239  C  CA    . GLU A 1 31  ? -2.979  -6.647  12.421  1.00 21.38 ? 39  GLU A CA    1 
ATOM   240  C  C     . GLU A 1 31  ? -1.672  -7.499  12.443  1.00 20.64 ? 39  GLU A C     1 
ATOM   241  O  O     . GLU A 1 31  ? -0.567  -6.930  12.616  1.00 20.37 ? 39  GLU A O     1 
ATOM   242  C  CB    . GLU A 1 31  ? -3.675  -6.686  13.800  1.00 20.88 ? 39  GLU A CB    1 
ATOM   243  C  CG    . GLU A 1 31  ? -2.959  -5.923  14.919  1.00 26.80 ? 39  GLU A CG    1 
ATOM   244  C  CD    . GLU A 1 31  ? -3.550  -6.156  16.312  1.00 30.52 ? 39  GLU A CD    1 
ATOM   245  O  OE1   . GLU A 1 31  ? -4.568  -6.886  16.410  1.00 31.93 ? 39  GLU A OE1   1 
ATOM   246  O  OE2   . GLU A 1 31  ? -2.989  -5.615  17.318  1.00 31.48 ? 39  GLU A OE2   1 
ATOM   247  N  N     . GLN A 1 32  ? -1.787  -8.819  12.257  1.00 20.15 ? 40  GLN A N     1 
ATOM   248  C  CA    . GLN A 1 32  ? -0.621  -9.752  12.322  1.00 20.93 ? 40  GLN A CA    1 
ATOM   249  C  C     . GLN A 1 32  ? 0.444   -9.320  11.312  1.00 20.06 ? 40  GLN A C     1 
ATOM   250  O  O     . GLN A 1 32  ? 1.670   -9.373  11.581  1.00 20.10 ? 40  GLN A O     1 
ATOM   251  C  CB    . GLN A 1 32  ? -1.038  -11.238 12.061  1.00 22.16 ? 40  GLN A CB    1 
ATOM   252  C  CG    . GLN A 1 32  ? -1.753  -11.408 10.651  1.00 26.95 ? 40  GLN A CG    1 
ATOM   253  C  CD    . GLN A 1 32  ? -2.089  -12.846 10.183  1.00 32.70 ? 40  GLN A CD    1 
ATOM   254  O  OE1   . GLN A 1 32  ? -1.603  -13.303 9.104   1.00 35.80 ? 40  GLN A OE1   1 
ATOM   255  N  NE2   . GLN A 1 32  ? -2.959  -13.512 10.910  1.00 30.50 ? 40  GLN A NE2   1 
ATOM   256  N  N     . VAL A 1 33  ? -0.010  -8.874  10.138  1.00 18.80 ? 41  VAL A N     1 
ATOM   257  C  CA    . VAL A 1 33  ? 0.911   -8.501  9.077   1.00 19.64 ? 41  VAL A CA    1 
ATOM   258  C  C     . VAL A 1 33  ? 1.609   -7.192  9.424   1.00 19.59 ? 41  VAL A C     1 
ATOM   259  O  O     . VAL A 1 33  ? 2.830   -7.098  9.313   1.00 19.19 ? 41  VAL A O     1 
ATOM   260  C  CB    . VAL A 1 33  ? 0.193   -8.351  7.703   1.00 18.65 ? 41  VAL A CB    1 
ATOM   261  C  CG1   . VAL A 1 33  ? 1.137   -7.813  6.691   1.00 20.27 ? 41  VAL A CG1   1 
ATOM   262  C  CG2   . VAL A 1 33  ? -0.365  -9.695  7.245   1.00 20.09 ? 41  VAL A CG2   1 
ATOM   263  N  N     . VAL A 1 34  ? 0.826   -6.179  9.803   1.00 18.50 ? 42  VAL A N     1 
ATOM   264  C  CA    . VAL A 1 34  ? 1.394   -4.870  10.146  1.00 20.45 ? 42  VAL A CA    1 
ATOM   265  C  C     . VAL A 1 34  ? 2.385   -4.980  11.332  1.00 20.01 ? 42  VAL A C     1 
ATOM   266  O  O     . VAL A 1 34  ? 3.446   -4.359  11.338  1.00 20.29 ? 42  VAL A O     1 
ATOM   267  C  CB    . VAL A 1 34  ? 0.292   -3.816  10.428  1.00 20.10 ? 42  VAL A CB    1 
ATOM   268  C  CG1   . VAL A 1 34  ? 0.922   -2.414  10.499  1.00 22.92 ? 42  VAL A CG1   1 
ATOM   269  C  CG2   . VAL A 1 34  ? -0.776  -3.860  9.294   1.00 22.54 ? 42  VAL A CG2   1 
ATOM   270  N  N     . ASP A 1 35  ? 2.050   -5.817  12.299  1.00 20.99 ? 43  ASP A N     1 
ATOM   271  C  CA    . ASP A 1 35  ? 2.939   -6.029  13.450  1.00 22.02 ? 43  ASP A CA    1 
ATOM   272  C  C     . ASP A 1 35  ? 4.301   -6.596  13.133  1.00 22.38 ? 43  ASP A C     1 
ATOM   273  O  O     . ASP A 1 35  ? 5.233   -6.470  13.946  1.00 22.59 ? 43  ASP A O     1 
ATOM   274  C  CB    . ASP A 1 35  ? 2.236   -6.867  14.488  1.00 22.33 ? 43  ASP A CB    1 
ATOM   275  C  CG    . ASP A 1 35  ? 1.091   -6.130  15.087  1.00 24.26 ? 43  ASP A CG    1 
ATOM   276  O  OD1   . ASP A 1 35  ? 0.957   -4.908  14.808  1.00 29.07 ? 43  ASP A OD1   1 
ATOM   277  O  OD2   . ASP A 1 35  ? 0.253   -6.672  15.800  1.00 28.72 ? 43  ASP A OD2   1 
ATOM   278  N  N     . ASN A 1 36  ? 4.452   -7.174  11.948  1.00 22.40 ? 44  ASN A N     1 
ATOM   279  C  CA    . ASN A 1 36  ? 5.718   -7.776  11.610  1.00 23.92 ? 44  ASN A CA    1 
ATOM   280  C  C     . ASN A 1 36  ? 6.610   -6.886  10.777  1.00 24.46 ? 44  ASN A C     1 
ATOM   281  O  O     . ASN A 1 36  ? 7.692   -7.294  10.387  1.00 24.30 ? 44  ASN A O     1 
ATOM   282  C  CB    . ASN A 1 36  ? 5.521   -9.177  11.013  1.00 24.27 ? 44  ASN A CB    1 
ATOM   283  C  CG    . ASN A 1 36  ? 5.387   -10.225 12.090  1.00 25.15 ? 44  ASN A CG    1 
ATOM   284  O  OD1   . ASN A 1 36  ? 6.385   -10.781 12.559  1.00 26.76 ? 44  ASN A OD1   1 
ATOM   285  N  ND2   . ASN A 1 36  ? 4.158   -10.443 12.561  1.00 28.92 ? 44  ASN A ND2   1 
ATOM   286  N  N     . LEU A 1 37  ? 6.141   -5.661  10.496  1.00 24.99 ? 45  LEU A N     1 
ATOM   287  C  CA    . LEU A 1 37  ? 6.982   -4.676  9.823   1.00 25.35 ? 45  LEU A CA    1 
ATOM   288  C  C     . LEU A 1 37  ? 8.153   -4.408  10.753  1.00 25.43 ? 45  LEU A C     1 
ATOM   289  O  O     . LEU A 1 37  ? 7.972   -4.362  11.961  1.00 24.24 ? 45  LEU A O     1 
ATOM   290  C  CB    . LEU A 1 37  ? 6.231   -3.364  9.580   1.00 25.30 ? 45  LEU A CB    1 
ATOM   291  C  CG    . LEU A 1 37  ? 5.074   -3.308  8.598   1.00 26.09 ? 45  LEU A CG    1 
ATOM   292  C  CD1   . LEU A 1 37  ? 4.221   -2.029  8.842   1.00 29.72 ? 45  LEU A CD1   1 
ATOM   293  C  CD2   . LEU A 1 37  ? 5.577   -3.316  7.194   1.00 28.31 ? 45  LEU A CD2   1 
ATOM   294  N  N     . PRO A 1 38  ? 9.351   -4.243  10.202  1.00 26.74 ? 46  PRO A N     1 
ATOM   295  C  CA    . PRO A 1 38  ? 10.489  -3.784  11.016  1.00 27.97 ? 46  PRO A CA    1 
ATOM   296  C  C     . PRO A 1 38  ? 10.167  -2.383  11.526  1.00 29.35 ? 46  PRO A C     1 
ATOM   297  O  O     . PRO A 1 38  ? 9.453   -1.660  10.817  1.00 29.40 ? 46  PRO A O     1 
ATOM   298  C  CB    . PRO A 1 38  ? 11.660  -3.723  10.026  1.00 28.08 ? 46  PRO A CB    1 
ATOM   299  C  CG    . PRO A 1 38  ? 11.191  -4.328  8.732   1.00 27.89 ? 46  PRO A CG    1 
ATOM   300  C  CD    . PRO A 1 38  ? 9.703   -4.470  8.792   1.00 27.36 ? 46  PRO A CD    1 
ATOM   301  N  N     . ALA A 1 39  ? 10.679  -1.999  12.695  1.00 31.02 ? 47  ALA A N     1 
ATOM   302  C  CA    . ALA A 1 39  ? 10.469  -0.639  13.237  1.00 32.36 ? 47  ALA A CA    1 
ATOM   303  C  C     . ALA A 1 39  ? 10.996  0.501   12.348  1.00 33.05 ? 47  ALA A C     1 
ATOM   304  O  O     . ALA A 1 39  ? 10.521  1.627   12.425  1.00 32.96 ? 47  ALA A O     1 
ATOM   305  C  CB    . ALA A 1 39  ? 11.043  -0.533  14.605  1.00 32.38 ? 47  ALA A CB    1 
ATOM   306  N  N     . ASP A 1 40  ? 11.981  0.195   11.507  1.00 33.84 ? 48  ASP A N     1 
ATOM   307  C  CA    . ASP A 1 40  ? 12.654  1.209   10.694  1.00 34.06 ? 48  ASP A CA    1 
ATOM   308  C  C     . ASP A 1 40  ? 11.811  1.573   9.491   1.00 33.81 ? 48  ASP A C     1 
ATOM   309  O  O     . ASP A 1 40  ? 12.137  2.522   8.764   1.00 34.49 ? 48  ASP A O     1 
ATOM   310  C  CB    . ASP A 1 40  ? 14.032  0.714   10.230  1.00 34.56 ? 48  ASP A CB    1 
ATOM   311  C  CG    . ASP A 1 40  ? 13.957  -0.635  9.541   1.00 36.04 ? 48  ASP A CG    1 
ATOM   312  O  OD1   . ASP A 1 40  ? 13.477  -0.683  8.380   1.00 36.72 ? 48  ASP A OD1   1 
ATOM   313  O  OD2   . ASP A 1 40  ? 14.315  -1.706  10.101  1.00 37.28 ? 48  ASP A OD2   1 
ATOM   314  N  N     . ILE A 1 41  ? 10.751  0.800   9.245   1.00 32.55 ? 49  ILE A N     1 
ATOM   315  C  CA    . ILE A 1 41  ? 9.786   1.203   8.254   1.00 31.72 ? 49  ILE A CA    1 
ATOM   316  C  C     . ILE A 1 41  ? 8.860   2.151   9.000   1.00 30.75 ? 49  ILE A C     1 
ATOM   317  O  O     . ILE A 1 41  ? 7.822   1.740   9.564   1.00 31.79 ? 49  ILE A O     1 
ATOM   318  C  CB    . ILE A 1 41  ? 9.055   0.019   7.582   1.00 32.07 ? 49  ILE A CB    1 
ATOM   319  C  CG1   . ILE A 1 41  ? 10.046  -0.828  6.757   1.00 33.26 ? 49  ILE A CG1   1 
ATOM   320  C  CG2   . ILE A 1 41  ? 7.927   0.541   6.659   1.00 32.21 ? 49  ILE A CG2   1 
ATOM   321  C  CD1   . ILE A 1 41  ? 9.406   -2.035  6.020   1.00 35.91 ? 49  ILE A CD1   1 
ATOM   322  N  N     . SER A 1 42  ? 9.306   3.409   9.030   1.00 27.86 ? 50  SER A N     1 
ATOM   323  C  CA    . SER A 1 42  ? 8.610   4.533   9.640   1.00 25.19 ? 50  SER A CA    1 
ATOM   324  C  C     . SER A 1 42  ? 7.277   4.827   8.966   1.00 22.71 ? 50  SER A C     1 
ATOM   325  O  O     . SER A 1 42  ? 6.991   4.339   7.857   1.00 20.63 ? 50  SER A O     1 
ATOM   326  C  CB    . SER A 1 42  ? 9.505   5.760   9.540   1.00 26.08 ? 50  SER A CB    1 
ATOM   327  O  OG    . SER A 1 42  ? 9.421   6.294   8.236   1.00 28.91 ? 50  SER A OG    1 
ATOM   328  N  N     . THR A 1 43  ? 6.465   5.648   9.614   1.00 19.80 ? 51  THR A N     1 
ATOM   329  C  CA    . THR A 1 43  ? 5.186   6.019   9.017   1.00 18.65 ? 51  THR A CA    1 
ATOM   330  C  C     . THR A 1 43  ? 5.427   6.912   7.820   1.00 17.45 ? 51  THR A C     1 
ATOM   331  O  O     . THR A 1 43  ? 6.489   7.504   7.682   1.00 18.86 ? 51  THR A O     1 
ATOM   332  C  CB    . THR A 1 43  ? 4.274   6.726   10.037  1.00 18.62 ? 51  THR A CB    1 
ATOM   333  O  OG1   . THR A 1 43  ? 4.932   7.900   10.543  1.00 18.24 ? 51  THR A OG1   1 
ATOM   334  C  CG2   . THR A 1 43  ? 4.040   5.852   11.264  1.00 18.99 ? 51  THR A CG2   1 
ATOM   335  N  N     . GLY A 1 44  ? 4.458   6.998   6.942   1.00 16.44 ? 52  GLY A N     1 
ATOM   336  C  CA    . GLY A 1 44  ? 4.572   7.787   5.724   1.00 15.23 ? 52  GLY A CA    1 
ATOM   337  C  C     . GLY A 1 44  ? 4.045   7.018   4.535   1.00 15.24 ? 52  GLY A C     1 
ATOM   338  O  O     . GLY A 1 44  ? 3.427   5.946   4.692   1.00 13.91 ? 52  GLY A O     1 
ATOM   339  N  N     . ILE A 1 45  ? 4.327   7.543   3.343   1.00 13.84 ? 53  ILE A N     1 
ATOM   340  C  CA    . ILE A 1 45  ? 3.741   7.040   2.115   1.00 13.86 ? 53  ILE A CA    1 
ATOM   341  C  C     . ILE A 1 45  ? 4.858   6.372   1.331   1.00 13.59 ? 53  ILE A C     1 
ATOM   342  O  O     . ILE A 1 45  ? 5.944   6.931   1.163   1.00 12.57 ? 53  ILE A O     1 
ATOM   343  C  CB    . ILE A 1 45  ? 3.158   8.226   1.271   1.00 14.20 ? 53  ILE A CB    1 
ATOM   344  C  CG1   . ILE A 1 45  ? 2.261   9.147   2.129   1.00 15.97 ? 53  ILE A CG1   1 
ATOM   345  C  CG2   . ILE A 1 45  ? 2.438   7.721   0.059   1.00 14.40 ? 53  ILE A CG2   1 
ATOM   346  C  CD1   . ILE A 1 45  ? 1.116   8.406   2.882   1.00 17.34 ? 53  ILE A CD1   1 
ATOM   347  N  N     . TYR A 1 46  ? 4.590   5.168   0.858   1.00 13.29 ? 54  TYR A N     1 
ATOM   348  C  CA    . TYR A 1 46  ? 5.598   4.384   0.144   1.00 12.92 ? 54  TYR A CA    1 
ATOM   349  C  C     . TYR A 1 46  ? 4.996   3.986   -1.185  1.00 14.10 ? 54  TYR A C     1 
ATOM   350  O  O     . TYR A 1 46  ? 3.771   4.115   -1.387  1.00 15.11 ? 54  TYR A O     1 
ATOM   351  C  CB    . TYR A 1 46  ? 5.869   3.106   0.925   1.00 12.52 ? 54  TYR A CB    1 
ATOM   352  C  CG    . TYR A 1 46  ? 6.628   3.280   2.236   1.00 14.63 ? 54  TYR A CG    1 
ATOM   353  C  CD1   . TYR A 1 46  ? 5.983   3.778   3.379   1.00 15.67 ? 54  TYR A CD1   1 
ATOM   354  C  CD2   . TYR A 1 46  ? 7.984   2.932   2.342   1.00 14.25 ? 54  TYR A CD2   1 
ATOM   355  C  CE1   . TYR A 1 46  ? 6.656   3.935   4.600   1.00 15.63 ? 54  TYR A CE1   1 
ATOM   356  C  CE2   . TYR A 1 46  ? 8.662   3.057   3.579   1.00 15.16 ? 54  TYR A CE2   1 
ATOM   357  C  CZ    . TYR A 1 46  ? 7.982   3.577   4.698   1.00 16.87 ? 54  TYR A CZ    1 
ATOM   358  O  OH    . TYR A 1 46  ? 8.632   3.728   5.912   1.00 17.13 ? 54  TYR A OH    1 
ATOM   359  N  N     . TYR A 1 47  ? 5.819   3.417   -2.063  1.00 13.10 ? 55  TYR A N     1 
ATOM   360  C  CA    . TYR A 1 47  ? 5.319   2.939   -3.351  1.00 13.40 ? 55  TYR A CA    1 
ATOM   361  C  C     . TYR A 1 47  ? 5.973   1.612   -3.689  1.00 12.75 ? 55  TYR A C     1 
ATOM   362  O  O     . TYR A 1 47  ? 7.012   1.239   -3.120  1.00 14.28 ? 55  TYR A O     1 
ATOM   363  C  CB    . TYR A 1 47  ? 5.533   3.999   -4.449  1.00 13.37 ? 55  TYR A CB    1 
ATOM   364  C  CG    . TYR A 1 47  ? 6.984   4.353   -4.665  1.00 12.42 ? 55  TYR A CG    1 
ATOM   365  C  CD1   . TYR A 1 47  ? 7.594   5.374   -3.920  1.00 13.84 ? 55  TYR A CD1   1 
ATOM   366  C  CD2   . TYR A 1 47  ? 7.767   3.652   -5.582  1.00 14.88 ? 55  TYR A CD2   1 
ATOM   367  C  CE1   . TYR A 1 47  ? 8.901   5.708   -4.098  1.00 12.34 ? 55  TYR A CE1   1 
ATOM   368  C  CE2   . TYR A 1 47  ? 9.097   3.988   -5.765  1.00 16.76 ? 55  TYR A CE2   1 
ATOM   369  C  CZ    . TYR A 1 47  ? 9.652   5.024   -5.019  1.00 16.39 ? 55  TYR A CZ    1 
ATOM   370  O  OH    . TYR A 1 47  ? 10.967  5.365   -5.181  1.00 19.39 ? 55  TYR A OH    1 
ATOM   371  N  N     . GLY A 1 48  ? 5.353   0.857   -4.576  1.00 13.31 ? 56  GLY A N     1 
ATOM   372  C  CA    . GLY A 1 48  ? 5.890   -0.445  -4.915  1.00 12.83 ? 56  GLY A CA    1 
ATOM   373  C  C     . GLY A 1 48  ? 4.973   -1.165  -5.892  1.00 13.64 ? 56  GLY A C     1 
ATOM   374  O  O     . GLY A 1 48  ? 4.257   -0.531  -6.706  1.00 12.18 ? 56  GLY A O     1 
ATOM   375  N  N     . TRP A 1 49  ? 4.919   -2.487  -5.713  1.00 12.91 ? 57  TRP A N     1 
ATOM   376  C  CA    . TRP A 1 49  ? 4.206   -3.371  -6.630  1.00 12.93 ? 57  TRP A CA    1 
ATOM   377  C  C     . TRP A 1 49  ? 3.287   -4.256  -5.831  1.00 12.55 ? 57  TRP A C     1 
ATOM   378  O  O     . TRP A 1 49  ? 3.591   -4.629  -4.677  1.00 14.22 ? 57  TRP A O     1 
ATOM   379  C  CB    . TRP A 1 49  ? 5.180   -4.269  -7.383  1.00 12.18 ? 57  TRP A CB    1 
ATOM   380  C  CG    . TRP A 1 49  ? 6.150   -3.505  -8.237  1.00 12.41 ? 57  TRP A CG    1 
ATOM   381  C  CD1   . TRP A 1 49  ? 7.442   -3.203  -7.934  1.00 14.33 ? 57  TRP A CD1   1 
ATOM   382  C  CD2   . TRP A 1 49  ? 5.890   -2.948  -9.511  1.00 12.92 ? 57  TRP A CD2   1 
ATOM   383  N  NE1   . TRP A 1 49  ? 8.013   -2.495  -8.965  1.00 13.79 ? 57  TRP A NE1   1 
ATOM   384  C  CE2   . TRP A 1 49  ? 7.081   -2.323  -9.949  1.00 13.19 ? 57  TRP A CE2   1 
ATOM   385  C  CE3   . TRP A 1 49  ? 4.752   -2.890  -10.340 1.00 12.37 ? 57  TRP A CE3   1 
ATOM   386  C  CZ2   . TRP A 1 49  ? 7.184   -1.662  -11.182 1.00 12.46 ? 57  TRP A CZ2   1 
ATOM   387  C  CZ3   . TRP A 1 49  ? 4.854   -2.248  -11.562 1.00 14.73 ? 57  TRP A CZ3   1 
ATOM   388  C  CH2   . TRP A 1 49  ? 6.079   -1.651  -11.989 1.00 12.89 ? 57  TRP A CH2   1 
ATOM   389  N  N     . ALA A 1 50  ? 2.176   -4.613  -6.444  1.00 13.21 ? 58  ALA A N     1 
ATOM   390  C  CA    . ALA A 1 50  ? 1.194   -5.494  -5.803  1.00 13.69 ? 58  ALA A CA    1 
ATOM   391  C  C     . ALA A 1 50  ? 0.489   -6.366  -6.778  1.00 12.76 ? 58  ALA A C     1 
ATOM   392  O  O     . ALA A 1 50  ? 0.222   -5.964  -7.893  1.00 12.99 ? 58  ALA A O     1 
ATOM   393  C  CB    . ALA A 1 50  ? 0.153   -4.663  -4.996  1.00 14.22 ? 58  ALA A CB    1 
ATOM   394  N  N     . SER A 1 51  ? 0.158   -7.575  -6.345  1.00 13.55 ? 59  SER A N     1 
ATOM   395  C  CA    . SER A 1 51  ? -0.815  -8.372  -7.066  1.00 12.84 ? 59  SER A CA    1 
ATOM   396  C  C     . SER A 1 51  ? -1.859  -8.963  -6.102  1.00 15.01 ? 59  SER A C     1 
ATOM   397  O  O     . SER A 1 51  ? -1.611  -9.069  -4.881  1.00 13.02 ? 59  SER A O     1 
ATOM   398  C  CB    . SER A 1 51  ? -0.097  -9.464  -7.801  1.00 13.18 ? 59  SER A CB    1 
ATOM   399  O  OG    . SER A 1 51  ? 0.491   -10.374 -6.877  1.00 12.99 ? 59  SER A OG    1 
ATOM   400  N  N     . VAL A 1 52  ? -3.002  -9.371  -6.661  1.00 15.10 ? 60  VAL A N     1 
ATOM   401  C  CA    . VAL A 1 52  ? -4.067  -9.999  -5.874  1.00 17.32 ? 60  VAL A CA    1 
ATOM   402  C  C     . VAL A 1 52  ? -4.193  -11.453 -6.289  1.00 17.91 ? 60  VAL A C     1 
ATOM   403  O  O     . VAL A 1 52  ? -4.250  -11.777 -7.492  1.00 17.84 ? 60  VAL A O     1 
ATOM   404  C  CB    . VAL A 1 52  ? -5.437  -9.249  -6.040  1.00 17.31 ? 60  VAL A CB    1 
ATOM   405  C  CG1   . VAL A 1 52  ? -6.588  -10.050 -5.365  1.00 18.32 ? 60  VAL A CG1   1 
ATOM   406  C  CG2   . VAL A 1 52  ? -5.349  -7.884  -5.440  1.00 14.92 ? 60  VAL A CG2   1 
ATOM   407  N  N     . GLY A 1 53  ? -4.197  -12.351 -5.303  1.00 19.13 ? 61  GLY A N     1 
ATOM   408  C  CA    . GLY A 1 53  ? -4.186  -13.784 -5.607  1.00 20.40 ? 61  GLY A CA    1 
ATOM   409  C  C     . GLY A 1 53  ? -3.167  -14.097 -6.700  1.00 20.40 ? 61  GLY A C     1 
ATOM   410  O  O     . GLY A 1 53  ? -1.988  -13.763 -6.582  1.00 20.47 ? 61  GLY A O     1 
ATOM   411  N  N     . SER A 1 54  ? -3.639  -14.694 -7.786  1.00 21.26 ? 62  SER A N     1 
ATOM   412  C  CA    . SER A 1 54  ? -2.783  -15.130 -8.899  1.00 22.38 ? 62  SER A CA    1 
ATOM   413  C  C     . SER A 1 54  ? -2.723  -14.137 -10.073 1.00 21.96 ? 62  SER A C     1 
ATOM   414  O  O     . SER A 1 54  ? -2.142  -14.440 -11.132 1.00 22.38 ? 62  SER A O     1 
ATOM   415  C  CB    . SER A 1 54  ? -3.228  -16.518 -9.423  1.00 23.47 ? 62  SER A CB    1 
ATOM   416  O  OG    . SER A 1 54  ? -4.610  -16.504 -9.785  1.00 25.25 ? 62  SER A OG    1 
ATOM   417  N  N     . GLY A 1 55  ? -3.294  -12.952 -9.881  1.00 20.64 ? 63  GLY A N     1 
ATOM   418  C  CA    . GLY A 1 55  ? -3.349  -11.949 -10.926 1.00 18.46 ? 63  GLY A CA    1 
ATOM   419  C  C     . GLY A 1 55  ? -2.010  -11.303 -11.222 1.00 17.64 ? 63  GLY A C     1 
ATOM   420  O  O     . GLY A 1 55  ? -0.963  -11.635 -10.649 1.00 17.14 ? 63  GLY A O     1 
ATOM   421  N  N     . ASP A 1 56  ? -2.061  -10.349 -12.134 1.00 16.57 ? 64  ASP A N     1 
ATOM   422  C  CA    . ASP A 1 56  ? -0.893  -9.642  -12.603 1.00 15.63 ? 64  ASP A CA    1 
ATOM   423  C  C     . ASP A 1 56  ? -0.419  -8.646  -11.538 1.00 14.95 ? 64  ASP A C     1 
ATOM   424  O  O     . ASP A 1 56  ? -1.184  -8.285  -10.608 1.00 14.33 ? 64  ASP A O     1 
ATOM   425  C  CB    . ASP A 1 56  ? -1.275  -8.913  -13.909 1.00 15.93 ? 64  ASP A CB    1 
ATOM   426  C  CG    . ASP A 1 56  ? -1.456  -9.873  -15.087 1.00 18.46 ? 64  ASP A CG    1 
ATOM   427  O  OD1   . ASP A 1 56  ? -1.029  -11.033 -15.004 1.00 19.87 ? 64  ASP A OD1   1 
ATOM   428  O  OD2   . ASP A 1 56  ? -2.009  -9.539  -16.153 1.00 25.31 ? 64  ASP A OD2   1 
ATOM   429  N  N     . VAL A 1 57  ? 0.834   -8.207  -11.708 1.00 14.34 ? 65  VAL A N     1 
ATOM   430  C  CA    . VAL A 1 57  ? 1.496   -7.252  -10.835 1.00 14.17 ? 65  VAL A CA    1 
ATOM   431  C  C     . VAL A 1 57  ? 1.295   -5.801  -11.336 1.00 14.20 ? 65  VAL A C     1 
ATOM   432  O  O     . VAL A 1 57  ? 1.551   -5.496  -12.498 1.00 12.03 ? 65  VAL A O     1 
ATOM   433  C  CB    . VAL A 1 57  ? 3.012   -7.555  -10.780 1.00 15.42 ? 65  VAL A CB    1 
ATOM   434  C  CG1   . VAL A 1 57  ? 3.731   -6.593  -9.812  1.00 15.66 ? 65  VAL A CG1   1 
ATOM   435  C  CG2   . VAL A 1 57  ? 3.250   -9.034  -10.355 1.00 14.95 ? 65  VAL A CG2   1 
ATOM   436  N  N     . HIS A 1 58  ? 0.876   -4.921  -10.424 1.00 13.37 ? 66  HIS A N     1 
ATOM   437  C  CA    . HIS A 1 58  ? 0.526   -3.552  -10.766 1.00 14.00 ? 66  HIS A CA    1 
ATOM   438  C  C     . HIS A 1 58  ? 1.238   -2.610  -9.817  1.00 12.98 ? 66  HIS A C     1 
ATOM   439  O  O     . HIS A 1 58  ? 1.684   -3.007  -8.718  1.00 14.66 ? 66  HIS A O     1 
ATOM   440  C  CB    . HIS A 1 58  ? -0.984  -3.335  -10.611 1.00 13.70 ? 66  HIS A CB    1 
ATOM   441  C  CG    . HIS A 1 58  ? -1.820  -4.285  -11.414 1.00 16.06 ? 66  HIS A CG    1 
ATOM   442  N  ND1   . HIS A 1 58  ? -1.916  -4.214  -12.787 1.00 18.20 ? 66  HIS A ND1   1 
ATOM   443  C  CD2   . HIS A 1 58  ? -2.620  -5.307  -11.031 1.00 16.32 ? 66  HIS A CD2   1 
ATOM   444  C  CE1   . HIS A 1 58  ? -2.722  -5.171  -13.216 1.00 17.62 ? 66  HIS A CE1   1 
ATOM   445  N  NE2   . HIS A 1 58  ? -3.160  -5.848  -12.170 1.00 19.27 ? 66  HIS A NE2   1 
ATOM   446  N  N     . LYS A 1 59  ? 1.305   -1.357  -10.225 1.00 11.41 ? 67  LYS A N     1 
ATOM   447  C  CA    . LYS A 1 59  ? 1.926   -0.346  -9.412  1.00 12.51 ? 67  LYS A CA    1 
ATOM   448  C  C     . LYS A 1 59  ? 1.011   -0.077  -8.228  1.00 11.96 ? 67  LYS A C     1 
ATOM   449  O  O     . LYS A 1 59  ? -0.200  -0.268  -8.339  1.00 13.31 ? 67  LYS A O     1 
ATOM   450  C  CB    . LYS A 1 59  ? 2.144   0.898   -10.255 1.00 12.00 ? 67  LYS A CB    1 
ATOM   451  C  CG    . LYS A 1 59  ? 3.135   0.656   -11.386 1.00 11.72 ? 67  LYS A CG    1 
ATOM   452  C  CD    . LYS A 1 59  ? 3.455   1.991   -12.077 1.00 12.16 ? 67  LYS A CD    1 
ATOM   453  C  CE    . LYS A 1 59  ? 4.521   1.767   -13.191 1.00 9.41  ? 67  LYS A CE    1 
ATOM   454  N  NZ    . LYS A 1 59  ? 4.637   3.040   -14.054 1.00 11.47 ? 67  LYS A NZ    1 
ATOM   455  N  N     . MET A 1 60  ? 1.573   0.327   -7.090  1.00 12.78 ? 68  MET A N     1 
ATOM   456  C  CA    . MET A 1 60  ? 0.766   0.666   -5.927  1.00 12.16 ? 68  MET A CA    1 
ATOM   457  C  C     . MET A 1 60  ? 1.439   1.730   -5.055  1.00 13.40 ? 68  MET A C     1 
ATOM   458  O  O     . MET A 1 60  ? 2.650   1.974   -5.186  1.00 11.40 ? 68  MET A O     1 
ATOM   459  C  CB    . MET A 1 60  ? 0.394   -0.579  -5.106  1.00 13.00 ? 68  MET A CB    1 
ATOM   460  C  CG    . MET A 1 60  ? 1.596   -1.385  -4.568  1.00 14.38 ? 68  MET A CG    1 
ATOM   461  S  SD    . MET A 1 60  ? 2.429   -0.485  -3.242  1.00 16.35 ? 68  MET A SD    1 
ATOM   462  C  CE    . MET A 1 60  ? 3.103   -1.905  -2.279  1.00 15.77 ? 68  MET A CE    1 
ATOM   463  N  N     . VAL A 1 61  ? 0.620   2.403   -4.238  1.00 12.42 ? 69  VAL A N     1 
ATOM   464  C  CA    . VAL A 1 61  ? 1.089   3.195   -3.103  1.00 12.84 ? 69  VAL A CA    1 
ATOM   465  C  C     . VAL A 1 61  ? 0.577   2.576   -1.783  1.00 13.07 ? 69  VAL A C     1 
ATOM   466  O  O     . VAL A 1 61  ? -0.527  1.994   -1.743  1.00 13.52 ? 69  VAL A O     1 
ATOM   467  C  CB    . VAL A 1 61  ? 0.664   4.658   -3.203  1.00 12.41 ? 69  VAL A CB    1 
ATOM   468  C  CG1   . VAL A 1 61  ? 1.373   5.331   -4.394  1.00 15.31 ? 69  VAL A CG1   1 
ATOM   469  C  CG2   . VAL A 1 61  ? -0.848  4.779   -3.367  1.00 13.08 ? 69  VAL A CG2   1 
ATOM   470  N  N     . VAL A 1 62  ? 1.406   2.646   -0.750  1.00 13.58 ? 70  VAL A N     1 
ATOM   471  C  CA    . VAL A 1 62  ? 1.033   2.179   0.578   1.00 14.71 ? 70  VAL A CA    1 
ATOM   472  C  C     . VAL A 1 62  ? 1.177   3.325   1.545   1.00 14.42 ? 70  VAL A C     1 
ATOM   473  O  O     . VAL A 1 62  ? 2.204   4.005   1.539   1.00 15.45 ? 70  VAL A O     1 
ATOM   474  C  CB    . VAL A 1 62  ? 1.922   1.019   1.104   1.00 15.30 ? 70  VAL A CB    1 
ATOM   475  C  CG1   . VAL A 1 62  ? 1.471   0.620   2.545   1.00 17.10 ? 70  VAL A CG1   1 
ATOM   476  C  CG2   . VAL A 1 62  ? 1.808   -0.205  0.207   1.00 17.06 ? 70  VAL A CG2   1 
ATOM   477  N  N     . SER A 1 63  ? 0.154   3.524   2.367   1.00 14.12 ? 71  SER A N     1 
ATOM   478  C  CA    . SER A 1 63  ? 0.202   4.409   3.520   1.00 13.94 ? 71  SER A CA    1 
ATOM   479  C  C     . SER A 1 63  ? 0.445   3.650   4.846   1.00 13.91 ? 71  SER A C     1 
ATOM   480  O  O     . SER A 1 63  ? -0.307  2.751   5.207   1.00 14.25 ? 71  SER A O     1 
ATOM   481  C  CB    . SER A 1 63  ? -1.107  5.205   3.595   1.00 14.96 ? 71  SER A CB    1 
ATOM   482  O  OG    . SER A 1 63  ? -0.999  6.151   4.633   1.00 20.87 ? 71  SER A OG    1 
ATOM   483  N  N     . ILE A 1 64  ? 1.516   3.990   5.540   1.00 13.00 ? 72  ILE A N     1 
ATOM   484  C  CA    . ILE A 1 64  ? 1.801   3.409   6.871   1.00 14.03 ? 72  ILE A CA    1 
ATOM   485  C  C     . ILE A 1 64  ? 1.606   4.494   7.912   1.00 13.83 ? 72  ILE A C     1 
ATOM   486  O  O     . ILE A 1 64  ? 2.216   5.557   7.823   1.00 12.76 ? 72  ILE A O     1 
ATOM   487  C  CB    . ILE A 1 64  ? 3.198   2.783   6.903   1.00 14.36 ? 72  ILE A CB    1 
ATOM   488  C  CG1   . ILE A 1 64  ? 3.239   1.651   5.860   1.00 16.69 ? 72  ILE A CG1   1 
ATOM   489  C  CG2   . ILE A 1 64  ? 3.541   2.300   8.337   1.00 14.08 ? 72  ILE A CG2   1 
ATOM   490  C  CD1   . ILE A 1 64  ? 4.594   0.969   5.756   1.00 21.96 ? 72  ILE A CD1   1 
ATOM   491  N  N     . GLY A 1 65  ? 0.709   4.250   8.852   1.00 14.01 ? 73  GLY A N     1 
ATOM   492  C  CA    . GLY A 1 65  ? 0.342   5.262   9.817   1.00 14.11 ? 73  GLY A CA    1 
ATOM   493  C  C     . GLY A 1 65  ? 0.265   4.716   11.213  1.00 14.90 ? 73  GLY A C     1 
ATOM   494  O  O     . GLY A 1 65  ? 0.589   3.542   11.426  1.00 14.07 ? 73  GLY A O     1 
ATOM   495  N  N     . TRP A 1 66  ? -0.071  5.581   12.170  1.00 15.53 ? 74  TRP A N     1 
ATOM   496  C  CA    . TRP A 1 66  ? -0.315  5.150   13.538  1.00 16.94 ? 74  TRP A CA    1 
ATOM   497  C  C     . TRP A 1 66  ? -1.798  4.846   13.669  1.00 19.34 ? 74  TRP A C     1 
ATOM   498  O  O     . TRP A 1 66  ? -2.638  5.577   13.132  1.00 19.94 ? 74  TRP A O     1 
ATOM   499  C  CB    . TRP A 1 66  ? 0.091   6.205   14.559  1.00 16.66 ? 74  TRP A CB    1 
ATOM   500  C  CG    . TRP A 1 66  ? 1.573   6.451   14.566  1.00 16.71 ? 74  TRP A CG    1 
ATOM   501  C  CD1   . TRP A 1 66  ? 2.216   7.584   14.113  1.00 17.37 ? 74  TRP A CD1   1 
ATOM   502  C  CD2   . TRP A 1 66  ? 2.599   5.567   15.037  1.00 16.38 ? 74  TRP A CD2   1 
ATOM   503  N  NE1   . TRP A 1 66  ? 3.573   7.444   14.281  1.00 16.71 ? 74  TRP A NE1   1 
ATOM   504  C  CE2   . TRP A 1 66  ? 3.837   6.225   14.846  1.00 18.31 ? 74  TRP A CE2   1 
ATOM   505  C  CE3   . TRP A 1 66  ? 2.606   4.285   15.620  1.00 16.04 ? 74  TRP A CE3   1 
ATOM   506  C  CZ2   . TRP A 1 66  ? 5.053   5.646   15.192  1.00 18.93 ? 74  TRP A CZ2   1 
ATOM   507  C  CZ3   . TRP A 1 66  ? 3.806   3.717   15.961  1.00 19.32 ? 74  TRP A CZ3   1 
ATOM   508  C  CH2   . TRP A 1 66  ? 5.021   4.400   15.760  1.00 19.82 ? 74  TRP A CH2   1 
ATOM   509  N  N     . ASN A 1 67  ? -2.094  3.744   14.342  1.00 21.33 ? 75  ASN A N     1 
ATOM   510  C  CA    . ASN A 1 67  ? -3.456  3.418   14.714  1.00 24.03 ? 75  ASN A CA    1 
ATOM   511  C  C     . ASN A 1 67  ? -3.814  4.100   16.044  1.00 25.23 ? 75  ASN A C     1 
ATOM   512  O  O     . ASN A 1 67  ? -3.214  3.785   17.094  1.00 24.98 ? 75  ASN A O     1 
ATOM   513  C  CB    . ASN A 1 67  ? -3.636  1.890   14.854  1.00 24.62 ? 75  ASN A CB    1 
ATOM   514  C  CG    . ASN A 1 67  ? -5.110  1.468   14.870  1.00 25.78 ? 75  ASN A CG    1 
ATOM   515  O  OD1   . ASN A 1 67  ? -5.970  2.208   15.344  1.00 26.89 ? 75  ASN A OD1   1 
ATOM   516  N  ND2   . ASN A 1 67  ? -5.401  0.273   14.337  1.00 25.94 ? 75  ASN A ND2   1 
ATOM   517  N  N     . PRO A 1 68  ? -4.792  5.001   15.994  1.00 26.36 ? 76  PRO A N     1 
ATOM   518  C  CA    . PRO A 1 68  ? -5.413  5.569   17.223  1.00 28.67 ? 76  PRO A CA    1 
ATOM   519  C  C     . PRO A 1 68  ? -6.073  4.556   18.217  1.00 30.76 ? 76  PRO A C     1 
ATOM   520  O  O     . PRO A 1 68  ? -6.424  4.907   19.351  1.00 31.51 ? 76  PRO A O     1 
ATOM   521  C  CB    . PRO A 1 68  ? -6.484  6.535   16.668  1.00 27.94 ? 76  PRO A CB    1 
ATOM   522  C  CG    . PRO A 1 68  ? -6.022  6.844   15.207  1.00 27.33 ? 76  PRO A CG    1 
ATOM   523  C  CD    . PRO A 1 68  ? -5.371  5.558   14.752  1.00 25.76 ? 76  PRO A CD    1 
ATOM   524  N  N     . TYR A 1 69  ? -6.228  3.301   17.835  1.00 32.64 ? 77  TYR A N     1 
ATOM   525  C  CA    . TYR A 1 69  ? -7.212  2.470   18.549  1.00 34.11 ? 77  TYR A CA    1 
ATOM   526  C  C     . TYR A 1 69  ? -6.693  1.276   19.346  1.00 35.12 ? 77  TYR A C     1 
ATOM   527  O  O     . TYR A 1 69  ? -7.367  0.832   20.273  1.00 35.79 ? 77  TYR A O     1 
ATOM   528  C  CB    . TYR A 1 69  ? -8.343  2.013   17.611  1.00 34.04 ? 77  TYR A CB    1 
ATOM   529  C  CG    . TYR A 1 69  ? -9.034  3.116   16.811  1.00 33.87 ? 77  TYR A CG    1 
ATOM   530  C  CD1   . TYR A 1 69  ? -9.735  4.134   17.446  1.00 34.59 ? 77  TYR A CD1   1 
ATOM   531  C  CD2   . TYR A 1 69  ? -8.991  3.119   15.412  1.00 35.63 ? 77  TYR A CD2   1 
ATOM   532  C  CE1   . TYR A 1 69  ? -10.376 5.111   16.724  1.00 33.90 ? 77  TYR A CE1   1 
ATOM   533  C  CE2   . TYR A 1 69  ? -9.635  4.096   14.673  1.00 34.55 ? 77  TYR A CE2   1 
ATOM   534  C  CZ    . TYR A 1 69  ? -10.323 5.084   15.340  1.00 35.76 ? 77  TYR A CZ    1 
ATOM   535  O  OH    . TYR A 1 69  ? -10.953 6.073   14.625  1.00 37.85 ? 77  TYR A OH    1 
ATOM   536  N  N     . TYR A 1 70  ? -5.525  0.742   19.019  1.00 35.48 ? 78  TYR A N     1 
ATOM   537  C  CA    . TYR A 1 70  ? -5.055  -0.391  19.810  1.00 36.81 ? 78  TYR A CA    1 
ATOM   538  C  C     . TYR A 1 70  ? -4.098  0.004   20.917  1.00 37.76 ? 78  TYR A C     1 
ATOM   539  O  O     . TYR A 1 70  ? -3.373  1.007   20.800  1.00 37.92 ? 78  TYR A O     1 
ATOM   540  C  CB    . TYR A 1 70  ? -4.380  -1.453  18.951  1.00 37.34 ? 78  TYR A CB    1 
ATOM   541  C  CG    . TYR A 1 70  ? -5.215  -1.951  17.806  1.00 37.81 ? 78  TYR A CG    1 
ATOM   542  C  CD1   . TYR A 1 70  ? -6.620  -1.871  17.839  1.00 36.87 ? 78  TYR A CD1   1 
ATOM   543  C  CD2   . TYR A 1 70  ? -4.595  -2.510  16.678  1.00 37.54 ? 78  TYR A CD2   1 
ATOM   544  C  CE1   . TYR A 1 70  ? -7.370  -2.334  16.772  1.00 38.69 ? 78  TYR A CE1   1 
ATOM   545  C  CE2   . TYR A 1 70  ? -5.335  -2.983  15.615  1.00 38.70 ? 78  TYR A CE2   1 
ATOM   546  C  CZ    . TYR A 1 70  ? -6.722  -2.893  15.661  1.00 38.10 ? 78  TYR A CZ    1 
ATOM   547  O  OH    . TYR A 1 70  ? -7.444  -3.355  14.593  1.00 37.30 ? 78  TYR A OH    1 
ATOM   548  N  N     . LYS A 1 71  ? -4.099  -0.803  21.984  1.00 38.42 ? 79  LYS A N     1 
ATOM   549  C  CA    . LYS A 1 71  ? -3.153  -0.641  23.086  1.00 39.26 ? 79  LYS A CA    1 
ATOM   550  C  C     . LYS A 1 71  ? -1.741  -0.852  22.547  1.00 39.45 ? 79  LYS A C     1 
ATOM   551  O  O     . LYS A 1 71  ? -1.525  -1.607  21.570  1.00 39.69 ? 79  LYS A O     1 
ATOM   552  C  CB    . LYS A 1 71  ? -3.468  -1.551  24.286  1.00 39.33 ? 79  LYS A CB    1 
ATOM   553  C  CG    . LYS A 1 71  ? -3.779  -2.994  23.944  1.00 39.55 ? 79  LYS A CG    1 
ATOM   554  C  CD    . LYS A 1 71  ? -4.449  -3.669  25.127  1.00 41.07 ? 79  LYS A CD    1 
ATOM   555  C  CE    . LYS A 1 71  ? -4.050  -5.137  25.244  1.00 40.65 ? 79  LYS A CE    1 
ATOM   556  N  NZ    . LYS A 1 71  ? -4.160  -5.611  26.651  1.00 38.03 ? 79  LYS A NZ    1 
ATOM   557  N  N     . ASN A 1 72  ? -0.797  -0.161  23.187  1.00 39.48 ? 80  ASN A N     1 
ATOM   558  C  CA    . ASN A 1 72  ? 0.512   0.126   22.611  1.00 39.16 ? 80  ASN A CA    1 
ATOM   559  C  C     . ASN A 1 72  ? 0.356   1.104   21.424  1.00 38.24 ? 80  ASN A C     1 
ATOM   560  O  O     . ASN A 1 72  ? -0.726  1.687   21.215  1.00 38.77 ? 80  ASN A O     1 
ATOM   561  C  CB    . ASN A 1 72  ? 1.287   -1.170  22.273  1.00 39.80 ? 80  ASN A CB    1 
ATOM   562  C  CG    . ASN A 1 72  ? 1.002   -2.321  23.276  1.00 41.30 ? 80  ASN A CG    1 
ATOM   563  O  OD1   . ASN A 1 72  ? 0.917   -2.118  24.505  1.00 40.13 ? 80  ASN A OD1   1 
ATOM   564  N  ND2   . ASN A 1 72  ? 0.843   -3.533  22.741  1.00 43.69 ? 80  ASN A ND2   1 
ATOM   565  N  N     . THR A 1 73  ? 1.433   1.330   20.687  1.00 36.54 ? 81  THR A N     1 
ATOM   566  C  CA    . THR A 1 73  ? 1.396   2.250   19.553  1.00 34.68 ? 81  THR A CA    1 
ATOM   567  C  C     . THR A 1 73  ? 1.509   1.375   18.322  1.00 32.09 ? 81  THR A C     1 
ATOM   568  O  O     . THR A 1 73  ? 2.617   1.045   17.874  1.00 32.81 ? 81  THR A O     1 
ATOM   569  C  CB    . THR A 1 73  ? 2.542   3.281   19.630  1.00 35.17 ? 81  THR A CB    1 
ATOM   570  O  OG1   . THR A 1 73  ? 3.753   2.632   20.060  1.00 36.76 ? 81  THR A OG1   1 
ATOM   571  C  CG2   . THR A 1 73  ? 2.283   4.275   20.772  1.00 36.68 ? 81  THR A CG2   1 
ATOM   572  N  N     . LYS A 1 74  ? 0.353   0.948   17.820  1.00 28.22 ? 82  LYS A N     1 
ATOM   573  C  CA    . LYS A 1 74  ? 0.306   0.006   16.725  1.00 24.57 ? 82  LYS A CA    1 
ATOM   574  C  C     . LYS A 1 74  ? 0.221   0.826   15.465  1.00 21.99 ? 82  LYS A C     1 
ATOM   575  O  O     . LYS A 1 74  ? -0.301  1.929   15.483  1.00 19.14 ? 82  LYS A O     1 
ATOM   576  C  CB    . LYS A 1 74  ? -0.892  -0.932  16.854  1.00 25.16 ? 82  LYS A CB    1 
ATOM   577  C  CG    . LYS A 1 74  ? -0.797  -1.874  18.083  1.00 26.98 ? 82  LYS A CG    1 
ATOM   578  C  CD    . LYS A 1 74  ? -0.143  -3.207  17.713  1.00 31.22 ? 82  LYS A CD    1 
ATOM   579  C  CE    . LYS A 1 74  ? 0.875   -3.653  18.751  1.00 34.11 ? 82  LYS A CE    1 
ATOM   580  N  NZ    . LYS A 1 74  ? 0.632   -5.087  19.113  1.00 36.54 ? 82  LYS A NZ    1 
ATOM   581  N  N     . LYS A 1 75  ? 0.774   0.294   14.379  1.00 19.54 ? 83  LYS A N     1 
ATOM   582  C  CA    . LYS A 1 75  ? 0.694   0.966   13.127  1.00 17.75 ? 83  LYS A CA    1 
ATOM   583  C  C     . LYS A 1 75  ? -0.493  0.465   12.349  1.00 16.65 ? 83  LYS A C     1 
ATOM   584  O  O     . LYS A 1 75  ? -1.130  -0.539  12.720  1.00 15.64 ? 83  LYS A O     1 
ATOM   585  C  CB    . LYS A 1 75  ? 1.988   0.790   12.329  1.00 19.03 ? 83  LYS A CB    1 
ATOM   586  C  CG    . LYS A 1 75  ? 3.167   1.570   12.908  1.00 20.14 ? 83  LYS A CG    1 
ATOM   587  C  CD    . LYS A 1 75  ? 4.468   1.305   12.158  1.00 22.85 ? 83  LYS A CD    1 
ATOM   588  C  CE    . LYS A 1 75  ? 5.581   2.222   12.716  1.00 23.34 ? 83  LYS A CE    1 
ATOM   589  N  NZ    . LYS A 1 75  ? 6.657   1.446   13.372  1.00 24.76 ? 83  LYS A NZ    1 
ATOM   590  N  N     . SER A 1 76  ? -0.756  1.140   11.239  1.00 15.35 ? 84  SER A N     1 
ATOM   591  C  CA    . SER A 1 76  ? -1.753  0.731   10.259  1.00 14.00 ? 84  SER A CA    1 
ATOM   592  C  C     . SER A 1 76  ? -1.098  0.750   8.883   1.00 14.29 ? 84  SER A C     1 
ATOM   593  O  O     . SER A 1 76  ? -0.076  1.426   8.681   1.00 14.07 ? 84  SER A O     1 
ATOM   594  C  CB    . SER A 1 76  ? -2.939  1.689   10.273  1.00 15.02 ? 84  SER A CB    1 
ATOM   595  O  OG    . SER A 1 76  ? -2.523  2.987   9.828   1.00 21.25 ? 84  SER A OG    1 
ATOM   596  N  N     . MET A 1 77  ? -1.662  -0.006  7.958   1.00 13.05 ? 85  MET A N     1 
ATOM   597  C  CA    . MET A 1 77  ? -1.113  -0.104  6.616   1.00 13.25 ? 85  MET A CA    1 
ATOM   598  C  C     . MET A 1 77  ? -2.270  -0.275  5.658   1.00 14.16 ? 85  MET A C     1 
ATOM   599  O  O     . MET A 1 77  ? -3.161  -1.048  5.915   1.00 13.24 ? 85  MET A O     1 
ATOM   600  C  CB    . MET A 1 77  ? -0.202  -1.330  6.529   1.00 14.26 ? 85  MET A CB    1 
ATOM   601  C  CG    . MET A 1 77  ? 0.277   -1.680  5.173   1.00 17.75 ? 85  MET A CG    1 
ATOM   602  S  SD    A MET A 1 77  ? 1.309   -3.206  5.256   0.50 24.95 ? 85  MET A SD    1 
ATOM   603  S  SD    B MET A 1 77  ? 1.914   -2.574  5.222   0.50 24.24 ? 85  MET A SD    1 
ATOM   604  C  CE    A MET A 1 77  ? 1.895   -3.137  3.550   0.50 22.03 ? 85  MET A CE    1 
ATOM   605  C  CE    B MET A 1 77  ? 1.842   -3.282  6.784   0.50 14.51 ? 85  MET A CE    1 
ATOM   606  N  N     . GLU A 1 78  ? -2.246  0.455   4.548   1.00 12.92 ? 86  GLU A N     1 
ATOM   607  C  CA    . GLU A 1 78  ? -3.330  0.345   3.584   1.00 13.78 ? 86  GLU A CA    1 
ATOM   608  C  C     . GLU A 1 78  ? -2.714  0.609   2.200   1.00 13.86 ? 86  GLU A C     1 
ATOM   609  O  O     . GLU A 1 78  ? -1.873  1.493   2.048   1.00 13.98 ? 86  GLU A O     1 
ATOM   610  C  CB    . GLU A 1 78  ? -4.487  1.297   3.896   1.00 14.51 ? 86  GLU A CB    1 
ATOM   611  C  CG    . GLU A 1 78  ? -4.122  2.763   3.796   1.00 20.25 ? 86  GLU A CG    1 
ATOM   612  C  CD    . GLU A 1 78  ? -5.296  3.683   4.117   1.00 27.06 ? 86  GLU A CD    1 
ATOM   613  O  OE1   . GLU A 1 78  ? -6.307  3.215   4.703   1.00 27.80 ? 86  GLU A OE1   1 
ATOM   614  O  OE2   . GLU A 1 78  ? -5.212  4.876   3.747   1.00 28.47 ? 86  GLU A OE2   1 
ATOM   615  N  N     . THR A 1 79  ? -3.153  -0.163  1.225   1.00 12.16 ? 87  THR A N     1 
ATOM   616  C  CA    . THR A 1 79  ? -2.527  -0.160  -0.093  1.00 13.28 ? 87  THR A CA    1 
ATOM   617  C  C     . THR A 1 79  ? -3.567  0.229   -1.132  1.00 12.23 ? 87  THR A C     1 
ATOM   618  O  O     . THR A 1 79  ? -4.659  -0.373  -1.149  1.00 11.86 ? 87  THR A O     1 
ATOM   619  C  CB    . THR A 1 79  ? -2.052  -1.600  -0.387  1.00 13.12 ? 87  THR A CB    1 
ATOM   620  O  OG1   . THR A 1 79  ? -1.008  -1.928  0.557   1.00 13.88 ? 87  THR A OG1   1 
ATOM   621  C  CG2   . THR A 1 79  ? -1.403  -1.639  -1.800  1.00 15.60 ? 87  THR A CG2   1 
ATOM   622  N  N     . HIS A 1 80  ? -3.232  1.178   -1.995  1.00 11.82 ? 88  HIS A N     1 
ATOM   623  C  CA    . HIS A 1 80  ? -4.090  1.499   -3.129  1.00 12.54 ? 88  HIS A CA    1 
ATOM   624  C  C     . HIS A 1 80  ? -3.357  1.001   -4.367  1.00 13.19 ? 88  HIS A C     1 
ATOM   625  O  O     . HIS A 1 80  ? -2.199  1.372   -4.590  1.00 13.59 ? 88  HIS A O     1 
ATOM   626  C  CB    . HIS A 1 80  ? -4.314  2.988   -3.288  1.00 12.23 ? 88  HIS A CB    1 
ATOM   627  C  CG    . HIS A 1 80  ? -4.946  3.350   -4.610  1.00 11.86 ? 88  HIS A CG    1 
ATOM   628  N  ND1   . HIS A 1 80  ? -6.226  2.970   -4.960  1.00 11.21 ? 88  HIS A ND1   1 
ATOM   629  C  CD2   . HIS A 1 80  ? -4.422  3.959   -5.706  1.00 11.66 ? 88  HIS A CD2   1 
ATOM   630  C  CE1   . HIS A 1 80  ? -6.485  3.386   -6.193  1.00 13.20 ? 88  HIS A CE1   1 
ATOM   631  N  NE2   . HIS A 1 80  ? -5.411  4.004   -6.657  1.00 12.69 ? 88  HIS A NE2   1 
ATOM   632  N  N     . ILE A 1 81  ? -4.025  0.156   -5.150  1.00 13.14 ? 89  ILE A N     1 
ATOM   633  C  CA    . ILE A 1 81  ? -3.438  -0.381  -6.368  1.00 12.63 ? 89  ILE A CA    1 
ATOM   634  C  C     . ILE A 1 81  ? -3.855  0.457   -7.579  1.00 12.83 ? 89  ILE A C     1 
ATOM   635  O  O     . ILE A 1 81  ? -5.031  0.727   -7.744  1.00 12.88 ? 89  ILE A O     1 
ATOM   636  C  CB    . ILE A 1 81  ? -3.818  -1.862  -6.562  1.00 12.49 ? 89  ILE A CB    1 
ATOM   637  C  CG1   . ILE A 1 81  ? -3.464  -2.692  -5.315  1.00 13.55 ? 89  ILE A CG1   1 
ATOM   638  C  CG2   . ILE A 1 81  ? -3.070  -2.466  -7.795  1.00 11.37 ? 89  ILE A CG2   1 
ATOM   639  C  CD1   . ILE A 1 81  ? -4.032  -4.129  -5.381  1.00 13.38 ? 89  ILE A CD1   1 
ATOM   640  N  N     . MET A 1 82  ? -2.899  0.841   -8.431  1.00 12.98 ? 90  MET A N     1 
ATOM   641  C  CA    . MET A 1 82  ? -3.218  1.633   -9.639  1.00 14.15 ? 90  MET A CA    1 
ATOM   642  C  C     . MET A 1 82  ? -3.603  0.640   -10.726 1.00 14.77 ? 90  MET A C     1 
ATOM   643  O  O     . MET A 1 82  ? -2.805  0.319   -11.657 1.00 13.10 ? 90  MET A O     1 
ATOM   644  C  CB    . MET A 1 82  ? -2.022  2.489   -10.061 1.00 13.98 ? 90  MET A CB    1 
ATOM   645  C  CG    . MET A 1 82  ? -1.891  3.732   -9.173  1.00 16.77 ? 90  MET A CG    1 
ATOM   646  S  SD    . MET A 1 82  ? -0.912  3.443   -7.623  1.00 17.20 ? 90  MET A SD    1 
ATOM   647  C  CE    . MET A 1 82  ? 0.772   3.875   -8.234  1.00 14.04 ? 90  MET A CE    1 
ATOM   648  N  N     . HIS A 1 83  ? -4.835  0.147   -10.580 1.00 13.47 ? 91  HIS A N     1 
ATOM   649  C  CA    . HIS A 1 83  ? -5.402  -0.789  -11.512 1.00 14.45 ? 91  HIS A CA    1 
ATOM   650  C  C     . HIS A 1 83  ? -6.882  -0.757  -11.224 1.00 14.81 ? 91  HIS A C     1 
ATOM   651  O  O     . HIS A 1 83  ? -7.283  -0.719  -10.070 1.00 14.36 ? 91  HIS A O     1 
ATOM   652  C  CB    . HIS A 1 83  ? -4.855  -2.214  -11.309 1.00 13.66 ? 91  HIS A CB    1 
ATOM   653  C  CG    . HIS A 1 83  ? -5.505  -3.219  -12.211 1.00 14.97 ? 91  HIS A CG    1 
ATOM   654  N  ND1   . HIS A 1 83  ? -5.387  -3.170  -13.590 1.00 18.99 ? 91  HIS A ND1   1 
ATOM   655  C  CD2   . HIS A 1 83  ? -6.348  -4.246  -11.945 1.00 13.27 ? 91  HIS A CD2   1 
ATOM   656  C  CE1   . HIS A 1 83  ? -6.110  -4.135  -14.135 1.00 16.76 ? 91  HIS A CE1   1 
ATOM   657  N  NE2   . HIS A 1 83  ? -6.706  -4.802  -13.158 1.00 17.78 ? 91  HIS A NE2   1 
ATOM   658  N  N     . THR A 1 84  ? -7.699  -0.718  -12.262 1.00 16.38 ? 92  THR A N     1 
ATOM   659  C  CA    . THR A 1 84  ? -9.152  -0.787  -12.072 1.00 17.38 ? 92  THR A CA    1 
ATOM   660  C  C     . THR A 1 84  ? -9.632  -2.240  -11.966 1.00 17.88 ? 92  THR A C     1 
ATOM   661  O  O     . THR A 1 84  ? -9.526  -3.022  -12.927 1.00 19.04 ? 92  THR A O     1 
ATOM   662  C  CB    . THR A 1 84  ? -9.880  -0.028  -13.217 1.00 17.83 ? 92  THR A CB    1 
ATOM   663  O  OG1   . THR A 1 84  ? -9.457  1.342   -13.201 1.00 18.85 ? 92  THR A OG1   1 
ATOM   664  C  CG2   . THR A 1 84  ? -11.353 0.041   -12.925 1.00 16.71 ? 92  THR A CG2   1 
ATOM   665  N  N     . PHE A 1 85  ? -10.165 -2.596  -10.802 1.00 18.50 ? 93  PHE A N     1 
ATOM   666  C  CA    . PHE A 1 85  ? -10.665 -3.950  -10.564 1.00 18.92 ? 93  PHE A CA    1 
ATOM   667  C  C     . PHE A 1 85  ? -12.166 -3.996  -10.861 1.00 20.54 ? 93  PHE A C     1 
ATOM   668  O  O     . PHE A 1 85  ? -12.889 -3.052  -10.556 1.00 21.30 ? 93  PHE A O     1 
ATOM   669  C  CB    . PHE A 1 85  ? -10.384 -4.399  -9.130  1.00 18.42 ? 93  PHE A CB    1 
ATOM   670  C  CG    . PHE A 1 85  ? -8.922  -4.708  -8.864  1.00 17.90 ? 93  PHE A CG    1 
ATOM   671  C  CD1   . PHE A 1 85  ? -8.049  -3.679  -8.526  1.00 17.61 ? 93  PHE A CD1   1 
ATOM   672  C  CD2   . PHE A 1 85  ? -8.422  -6.021  -8.970  1.00 17.54 ? 93  PHE A CD2   1 
ATOM   673  C  CE1   . PHE A 1 85  ? -6.692  -3.923  -8.270  1.00 16.66 ? 93  PHE A CE1   1 
ATOM   674  C  CE2   . PHE A 1 85  ? -7.057  -6.300  -8.726  1.00 18.27 ? 93  PHE A CE2   1 
ATOM   675  C  CZ    . PHE A 1 85  ? -6.184  -5.241  -8.360  1.00 15.13 ? 93  PHE A CZ    1 
ATOM   676  N  N     . LYS A 1 86  ? -12.606 -5.104  -11.438 1.00 22.64 ? 94  LYS A N     1 
ATOM   677  C  CA    . LYS A 1 86  ? -14.002 -5.320  -11.851 1.00 24.36 ? 94  LYS A CA    1 
ATOM   678  C  C     . LYS A 1 86  ? -14.878 -5.598  -10.619 1.00 24.12 ? 94  LYS A C     1 
ATOM   679  O  O     . LYS A 1 86  ? -16.072 -5.323  -10.616 1.00 24.15 ? 94  LYS A O     1 
ATOM   680  C  CB    . LYS A 1 86  ? -14.032 -6.480  -12.868 1.00 24.50 ? 94  LYS A CB    1 
ATOM   681  C  CG    . LYS A 1 86  ? -15.392 -7.023  -13.294 1.00 29.00 ? 94  LYS A CG    1 
ATOM   682  C  CD    . LYS A 1 86  ? -15.437 -8.559  -13.089 1.00 34.36 ? 94  LYS A CD    1 
ATOM   683  C  CE    . LYS A 1 86  ? -15.198 -9.337  -14.380 1.00 35.52 ? 94  LYS A CE    1 
ATOM   684  N  NZ    . LYS A 1 86  ? -15.393 -8.505  -15.617 1.00 39.80 ? 94  LYS A NZ    1 
ATOM   685  N  N     . GLU A 1 87  ? -14.279 -6.143  -9.569  1.00 24.09 ? 95  GLU A N     1 
ATOM   686  C  CA    . GLU A 1 87  ? -14.995 -6.367  -8.317  1.00 23.95 ? 95  GLU A CA    1 
ATOM   687  C  C     . GLU A 1 87  ? -14.044 -6.343  -7.145  1.00 22.74 ? 95  GLU A C     1 
ATOM   688  O  O     . GLU A 1 87  ? -12.832 -6.417  -7.341  1.00 22.70 ? 95  GLU A O     1 
ATOM   689  C  CB    . GLU A 1 87  ? -15.713 -7.723  -8.338  1.00 25.08 ? 95  GLU A CB    1 
ATOM   690  C  CG    . GLU A 1 87  ? -14.820 -8.951  -8.348  1.00 28.16 ? 95  GLU A CG    1 
ATOM   691  C  CD    . GLU A 1 87  ? -15.510 -10.114 -9.027  1.00 34.00 ? 95  GLU A CD    1 
ATOM   692  O  OE1   . GLU A 1 87  ? -16.606 -9.878  -9.599  1.00 37.18 ? 95  GLU A OE1   1 
ATOM   693  O  OE2   . GLU A 1 87  ? -14.974 -11.251 -8.992  1.00 36.13 ? 95  GLU A OE2   1 
ATOM   694  N  N     . ASP A 1 88  ? -14.605 -6.292  -5.938  1.00 21.51 ? 96  ASP A N     1 
ATOM   695  C  CA    . ASP A 1 88  ? -13.816 -6.282  -4.712  1.00 20.08 ? 96  ASP A CA    1 
ATOM   696  C  C     . ASP A 1 88  ? -13.071 -7.587  -4.533  1.00 18.85 ? 96  ASP A C     1 
ATOM   697  O  O     . ASP A 1 88  ? -13.410 -8.631  -5.121  1.00 18.84 ? 96  ASP A O     1 
ATOM   698  C  CB    . ASP A 1 88  ? -14.686 -6.042  -3.478  1.00 20.21 ? 96  ASP A CB    1 
ATOM   699  C  CG    . ASP A 1 88  ? -15.200 -4.615  -3.377  1.00 23.59 ? 96  ASP A CG    1 
ATOM   700  O  OD1   . ASP A 1 88  ? -14.676 -3.689  -4.042  1.00 25.01 ? 96  ASP A OD1   1 
ATOM   701  O  OD2   . ASP A 1 88  ? -16.160 -4.340  -2.637  1.00 26.72 ? 96  ASP A OD2   1 
ATOM   702  N  N     . PHE A 1 89  ? -12.089 -7.558  -3.652  1.00 16.59 ? 97  PHE A N     1 
ATOM   703  C  CA    . PHE A 1 89  ? -11.345 -8.774  -3.410  1.00 15.89 ? 97  PHE A CA    1 
ATOM   704  C  C     . PHE A 1 89  ? -11.104 -9.042  -1.947  1.00 15.04 ? 97  PHE A C     1 
ATOM   705  O  O     . PHE A 1 89  ? -10.020 -9.452  -1.573  1.00 15.13 ? 97  PHE A O     1 
ATOM   706  C  CB    . PHE A 1 89  ? -10.023 -8.813  -4.228  1.00 14.92 ? 97  PHE A CB    1 
ATOM   707  C  CG    . PHE A 1 89  ? -9.219  -7.503  -4.214  1.00 14.85 ? 97  PHE A CG    1 
ATOM   708  C  CD1   . PHE A 1 89  ? -8.308  -7.237  -3.184  1.00 13.01 ? 97  PHE A CD1   1 
ATOM   709  C  CD2   . PHE A 1 89  ? -9.330  -6.602  -5.259  1.00 12.70 ? 97  PHE A CD2   1 
ATOM   710  C  CE1   . PHE A 1 89  ? -7.524  -6.027  -3.178  1.00 14.59 ? 97  PHE A CE1   1 
ATOM   711  C  CE2   . PHE A 1 89  ? -8.571  -5.382  -5.264  1.00 14.61 ? 97  PHE A CE2   1 
ATOM   712  C  CZ    . PHE A 1 89  ? -7.640  -5.131  -4.209  1.00 12.95 ? 97  PHE A CZ    1 
ATOM   713  N  N     . TYR A 1 90  ? -12.117 -8.805  -1.118  1.00 15.17 ? 98  TYR A N     1 
ATOM   714  C  CA    . TYR A 1 90  ? -12.019 -9.123  0.317   1.00 15.25 ? 98  TYR A CA    1 
ATOM   715  C  C     . TYR A 1 90  ? -11.719 -10.596 0.504   1.00 15.48 ? 98  TYR A C     1 
ATOM   716  O  O     . TYR A 1 90  ? -12.289 -11.428 -0.177  1.00 14.93 ? 98  TYR A O     1 
ATOM   717  C  CB    . TYR A 1 90  ? -13.307 -8.729  1.040   1.00 15.86 ? 98  TYR A CB    1 
ATOM   718  C  CG    . TYR A 1 90  ? -13.407 -7.246  1.182   1.00 14.21 ? 98  TYR A CG    1 
ATOM   719  C  CD1   . TYR A 1 90  ? -12.614 -6.562  2.113   1.00 14.90 ? 98  TYR A CD1   1 
ATOM   720  C  CD2   . TYR A 1 90  ? -14.257 -6.497  0.359   1.00 15.66 ? 98  TYR A CD2   1 
ATOM   721  C  CE1   . TYR A 1 90  ? -12.703 -5.158  2.247   1.00 12.78 ? 98  TYR A CE1   1 
ATOM   722  C  CE2   . TYR A 1 90  ? -14.321 -5.078  0.477   1.00 13.75 ? 98  TYR A CE2   1 
ATOM   723  C  CZ    . TYR A 1 90  ? -13.545 -4.446  1.423   1.00 12.95 ? 98  TYR A CZ    1 
ATOM   724  O  OH    . TYR A 1 90  ? -13.591 -3.086  1.582   1.00 10.95 ? 98  TYR A OH    1 
ATOM   725  N  N     . GLY A 1 91  ? -10.801 -10.910 1.406   1.00 15.95 ? 99  GLY A N     1 
ATOM   726  C  CA    . GLY A 1 91  ? -10.462 -12.313 1.667   1.00 17.45 ? 99  GLY A CA    1 
ATOM   727  C  C     . GLY A 1 91  ? -9.359  -12.903 0.789   1.00 17.65 ? 99  GLY A C     1 
ATOM   728  O  O     . GLY A 1 91  ? -8.792  -13.958 1.122   1.00 18.38 ? 99  GLY A O     1 
ATOM   729  N  N     . GLU A 1 92  ? -9.063  -12.262 -0.345  1.00 17.99 ? 100 GLU A N     1 
ATOM   730  C  CA    . GLU A 1 92  ? -8.059  -12.762 -1.278  1.00 17.56 ? 100 GLU A CA    1 
ATOM   731  C  C     . GLU A 1 92  ? -6.734  -12.375 -0.682  1.00 16.51 ? 100 GLU A C     1 
ATOM   732  O  O     . GLU A 1 92  ? -6.693  -11.515 0.193   1.00 17.07 ? 100 GLU A O     1 
ATOM   733  C  CB    . GLU A 1 92  ? -8.217  -12.152 -2.673  1.00 18.68 ? 100 GLU A CB    1 
ATOM   734  C  CG    . GLU A 1 92  ? -9.463  -12.608 -3.455  1.00 23.49 ? 100 GLU A CG    1 
ATOM   735  C  CD    . GLU A 1 92  ? -9.378  -14.057 -3.902  1.00 34.81 ? 100 GLU A CD    1 
ATOM   736  O  OE1   . GLU A 1 92  ? -8.660  -14.342 -4.910  1.00 39.70 ? 100 GLU A OE1   1 
ATOM   737  O  OE2   . GLU A 1 92  ? -10.012 -14.941 -3.241  1.00 40.19 ? 100 GLU A OE2   1 
ATOM   738  N  N     . ILE A 1 93  ? -5.656  -12.989 -1.149  1.00 14.65 ? 101 ILE A N     1 
ATOM   739  C  CA    . ILE A 1 93  ? -4.356  -12.591 -0.634  1.00 14.61 ? 101 ILE A CA    1 
ATOM   740  C  C     . ILE A 1 93  ? -3.744  -11.476 -1.448  1.00 14.53 ? 101 ILE A C     1 
ATOM   741  O  O     . ILE A 1 93  ? -3.533  -11.616 -2.663  1.00 14.86 ? 101 ILE A O     1 
ATOM   742  C  CB    . ILE A 1 93  ? -3.344  -13.779 -0.601  1.00 14.21 ? 101 ILE A CB    1 
ATOM   743  C  CG1   . ILE A 1 93  ? -3.923  -14.982 0.129   1.00 12.30 ? 101 ILE A CG1   1 
ATOM   744  C  CG2   . ILE A 1 93  ? -2.047  -13.312 0.020   1.00 12.96 ? 101 ILE A CG2   1 
ATOM   745  C  CD1   . ILE A 1 93  ? -4.490  -14.647 1.479   1.00 14.44 ? 101 ILE A CD1   1 
ATOM   746  N  N     . LEU A 1 94  ? -3.406  -10.392 -0.775  1.00 13.67 ? 102 LEU A N     1 
ATOM   747  C  CA    . LEU A 1 94  ? -2.707  -9.330  -1.469  1.00 13.78 ? 102 LEU A CA    1 
ATOM   748  C  C     . LEU A 1 94  ? -1.176  -9.523  -1.242  1.00 13.81 ? 102 LEU A C     1 
ATOM   749  O  O     . LEU A 1 94  ? -0.712  -9.616  -0.090  1.00 13.68 ? 102 LEU A O     1 
ATOM   750  C  CB    . LEU A 1 94  ? -3.177  -7.992  -0.891  1.00 13.49 ? 102 LEU A CB    1 
ATOM   751  C  CG    . LEU A 1 94  ? -2.361  -6.732  -1.215  1.00 14.94 ? 102 LEU A CG    1 
ATOM   752  C  CD1   . LEU A 1 94  ? -2.465  -6.427  -2.687  1.00 13.04 ? 102 LEU A CD1   1 
ATOM   753  C  CD2   . LEU A 1 94  ? -2.917  -5.566  -0.399  1.00 19.17 ? 102 LEU A CD2   1 
ATOM   754  N  N     . ASN A 1 95  ? -0.425  -9.575  -2.330  1.00 12.12 ? 103 ASN A N     1 
ATOM   755  C  CA    . ASN A 1 95  ? 1.017   -9.714  -2.293  1.00 12.73 ? 103 ASN A CA    1 
ATOM   756  C  C     . ASN A 1 95  ? 1.670   -8.387  -2.579  1.00 13.17 ? 103 ASN A C     1 
ATOM   757  O  O     . ASN A 1 95  ? 1.413   -7.797  -3.630  1.00 12.58 ? 103 ASN A O     1 
ATOM   758  C  CB    . ASN A 1 95  ? 1.469   -10.726 -3.373  1.00 12.09 ? 103 ASN A CB    1 
ATOM   759  C  CG    . ASN A 1 95  ? 0.606   -11.986 -3.389  1.00 14.08 ? 103 ASN A CG    1 
ATOM   760  O  OD1   . ASN A 1 95  ? 0.642   -12.771 -2.457  1.00 16.25 ? 103 ASN A OD1   1 
ATOM   761  N  ND2   . ASN A 1 95  ? -0.204  -12.156 -4.438  1.00 16.24 ? 103 ASN A ND2   1 
ATOM   762  N  N     . VAL A 1 96  ? 2.508   -7.904  -1.662  1.00 12.74 ? 104 VAL A N     1 
ATOM   763  C  CA    . VAL A 1 96  ? 3.120   -6.579  -1.891  1.00 14.16 ? 104 VAL A CA    1 
ATOM   764  C  C     . VAL A 1 96  ? 4.628   -6.540  -1.751  1.00 13.25 ? 104 VAL A C     1 
ATOM   765  O  O     . VAL A 1 96  ? 5.208   -7.205  -0.901  1.00 12.90 ? 104 VAL A O     1 
ATOM   766  C  CB    . VAL A 1 96  ? 2.535   -5.442  -0.991  1.00 15.42 ? 104 VAL A CB    1 
ATOM   767  C  CG1   . VAL A 1 96  ? 0.984   -5.355  -1.075  1.00 16.46 ? 104 VAL A CG1   1 
ATOM   768  C  CG2   . VAL A 1 96  ? 3.045   -5.551  0.430   1.00 16.94 ? 104 VAL A CG2   1 
ATOM   769  N  N     . ALA A 1 97  ? 5.236   -5.751  -2.606  1.00 12.97 ? 105 ALA A N     1 
ATOM   770  C  CA    . ALA A 1 97  ? 6.649   -5.430  -2.522  1.00 12.97 ? 105 ALA A CA    1 
ATOM   771  C  C     . ALA A 1 97  ? 6.746   -3.919  -2.337  1.00 13.36 ? 105 ALA A C     1 
ATOM   772  O  O     . ALA A 1 97  ? 6.389   -3.149  -3.250  1.00 12.20 ? 105 ALA A O     1 
ATOM   773  C  CB    . ALA A 1 97  ? 7.353   -5.868  -3.802  1.00 12.47 ? 105 ALA A CB    1 
ATOM   774  N  N     . ILE A 1 98  ? 7.163   -3.478  -1.161  1.00 12.89 ? 106 ILE A N     1 
ATOM   775  C  CA    . ILE A 1 98  ? 7.292   -2.024  -0.911  1.00 14.32 ? 106 ILE A CA    1 
ATOM   776  C  C     . ILE A 1 98  ? 8.734   -1.647  -1.275  1.00 14.13 ? 106 ILE A C     1 
ATOM   777  O  O     . ILE A 1 98  ? 9.690   -2.158  -0.655  1.00 13.82 ? 106 ILE A O     1 
ATOM   778  C  CB    . ILE A 1 98  ? 7.031   -1.678  0.584   1.00 14.70 ? 106 ILE A CB    1 
ATOM   779  C  CG1   . ILE A 1 98  ? 5.698   -2.251  1.089   1.00 16.91 ? 106 ILE A CG1   1 
ATOM   780  C  CG2   . ILE A 1 98  ? 7.101   -0.193  0.836   1.00 15.46 ? 106 ILE A CG2   1 
ATOM   781  C  CD1   . ILE A 1 98  ? 5.493   -2.018  2.588   1.00 16.32 ? 106 ILE A CD1   1 
ATOM   782  N  N     . VAL A 1 99  ? 8.899   -0.778  -2.272  1.00 14.97 ? 107 VAL A N     1 
ATOM   783  C  CA    . VAL A 1 99  ? 10.228  -0.538  -2.868  1.00 15.55 ? 107 VAL A CA    1 
ATOM   784  C  C     . VAL A 1 99  ? 10.853  0.806   -2.528  1.00 15.46 ? 107 VAL A C     1 
ATOM   785  O  O     . VAL A 1 99  ? 12.090  0.911   -2.488  1.00 15.77 ? 107 VAL A O     1 
ATOM   786  C  CB    . VAL A 1 99  ? 10.273  -0.802  -4.420  1.00 16.11 ? 107 VAL A CB    1 
ATOM   787  C  CG1   . VAL A 1 99  ? 9.655   -2.172  -4.775  1.00 15.17 ? 107 VAL A CG1   1 
ATOM   788  C  CG2   . VAL A 1 99  ? 9.568   0.299   -5.155  1.00 17.97 ? 107 VAL A CG2   1 
ATOM   789  N  N     . GLY A 1 100 ? 10.035  1.827   -2.261  1.00 15.12 ? 108 GLY A N     1 
ATOM   790  C  CA    . GLY A 1 100 ? 10.558  3.142   -1.953  1.00 15.42 ? 108 GLY A CA    1 
ATOM   791  C  C     . GLY A 1 100 ? 9.665   3.993   -1.087  1.00 15.92 ? 108 GLY A C     1 
ATOM   792  O  O     . GLY A 1 100 ? 8.482   3.713   -0.939  1.00 14.43 ? 108 GLY A O     1 
ATOM   793  N  N     . TYR A 1 101 ? 10.268  5.038   -0.509  1.00 16.18 ? 109 TYR A N     1 
ATOM   794  C  CA    . TYR A 1 101 ? 9.601   5.980   0.366   1.00 16.58 ? 109 TYR A CA    1 
ATOM   795  C  C     . TYR A 1 101 ? 9.326   7.266   -0.383  1.00 17.15 ? 109 TYR A C     1 
ATOM   796  O  O     . TYR A 1 101 ? 10.228  7.844   -0.998  1.00 16.88 ? 109 TYR A O     1 
ATOM   797  C  CB    . TYR A 1 101 ? 10.543  6.295   1.519   1.00 17.37 ? 109 TYR A CB    1 
ATOM   798  C  CG    . TYR A 1 101 ? 9.954   7.131   2.633   1.00 19.85 ? 109 TYR A CG    1 
ATOM   799  C  CD1   . TYR A 1 101 ? 8.966   6.611   3.448   1.00 19.68 ? 109 TYR A CD1   1 
ATOM   800  C  CD2   . TYR A 1 101 ? 10.402  8.442   2.876   1.00 21.66 ? 109 TYR A CD2   1 
ATOM   801  C  CE1   . TYR A 1 101 ? 8.442   7.352   4.490   1.00 22.22 ? 109 TYR A CE1   1 
ATOM   802  C  CE2   . TYR A 1 101 ? 9.882   9.199   3.944   1.00 22.94 ? 109 TYR A CE2   1 
ATOM   803  C  CZ    . TYR A 1 101 ? 8.903   8.634   4.732   1.00 22.41 ? 109 TYR A CZ    1 
ATOM   804  O  OH    . TYR A 1 101 ? 8.354   9.318   5.793   1.00 24.94 ? 109 TYR A OH    1 
ATOM   805  N  N     . LEU A 1 102 ? 8.098   7.749   -0.287  1.00 17.52 ? 110 LEU A N     1 
ATOM   806  C  CA    . LEU A 1 102 ? 7.722   8.985   -0.967  1.00 18.49 ? 110 LEU A CA    1 
ATOM   807  C  C     . LEU A 1 102 ? 7.836   10.190  -0.088  1.00 18.42 ? 110 LEU A C     1 
ATOM   808  O  O     . LEU A 1 102 ? 8.517   11.162  -0.436  1.00 19.31 ? 110 LEU A O     1 
ATOM   809  C  CB    . LEU A 1 102 ? 6.277   8.904   -1.459  1.00 19.57 ? 110 LEU A CB    1 
ATOM   810  C  CG    . LEU A 1 102 ? 5.973   8.559   -2.892  1.00 20.91 ? 110 LEU A CG    1 
ATOM   811  C  CD1   . LEU A 1 102 ? 4.500   8.860   -3.132  1.00 21.32 ? 110 LEU A CD1   1 
ATOM   812  C  CD2   . LEU A 1 102 ? 6.930   9.262   -3.906  1.00 20.77 ? 110 LEU A CD2   1 
ATOM   813  N  N     . ARG A 1 103 ? 7.135   10.165  1.042   1.00 17.14 ? 111 ARG A N     1 
ATOM   814  C  CA    . ARG A 1 103 ? 7.094   11.310  1.910   1.00 16.91 ? 111 ARG A CA    1 
ATOM   815  C  C     . ARG A 1 103 ? 6.605   10.909  3.293   1.00 18.13 ? 111 ARG A C     1 
ATOM   816  O  O     . ARG A 1 103 ? 5.938   9.873   3.427   1.00 17.84 ? 111 ARG A O     1 
ATOM   817  C  CB    . ARG A 1 103 ? 6.143   12.366  1.288   1.00 16.65 ? 111 ARG A CB    1 
ATOM   818  C  CG    . ARG A 1 103 ? 4.688   11.893  1.158   1.00 15.67 ? 111 ARG A CG    1 
ATOM   819  C  CD    . ARG A 1 103 ? 3.710   13.055  0.898   1.00 14.89 ? 111 ARG A CD    1 
ATOM   820  N  NE    . ARG A 1 103 ? 2.320   12.635  0.664   1.00 15.67 ? 111 ARG A NE    1 
ATOM   821  C  CZ    . ARG A 1 103 ? 1.392   12.499  1.621   1.00 14.83 ? 111 ARG A CZ    1 
ATOM   822  N  NH1   . ARG A 1 103 ? 1.710   12.740  2.879   1.00 16.37 ? 111 ARG A NH1   1 
ATOM   823  N  NH2   . ARG A 1 103 ? 0.139   12.143  1.324   1.00 12.76 ? 111 ARG A NH2   1 
ATOM   824  N  N     . PRO A 1 104 ? 6.891   11.730  4.321   1.00 19.14 ? 112 PRO A N     1 
ATOM   825  C  CA    . PRO A 1 104 ? 6.279   11.542  5.636   1.00 19.21 ? 112 PRO A CA    1 
ATOM   826  C  C     . PRO A 1 104 ? 4.784   11.828  5.583   1.00 19.16 ? 112 PRO A C     1 
ATOM   827  O  O     . PRO A 1 104 ? 4.276   12.389  4.609   1.00 18.89 ? 112 PRO A O     1 
ATOM   828  C  CB    . PRO A 1 104 ? 7.008   12.575  6.513   1.00 19.68 ? 112 PRO A CB    1 
ATOM   829  C  CG    . PRO A 1 104 ? 7.394   13.649  5.510   1.00 20.64 ? 112 PRO A CG    1 
ATOM   830  C  CD    . PRO A 1 104 ? 7.860   12.859  4.330   1.00 19.56 ? 112 PRO A CD    1 
ATOM   831  N  N     . GLU A 1 105 ? 4.079   11.429  6.626   1.00 18.52 ? 113 GLU A N     1 
ATOM   832  C  CA    . GLU A 1 105 ? 2.682   11.781  6.724   1.00 19.27 ? 113 GLU A CA    1 
ATOM   833  C  C     . GLU A 1 105 ? 2.627   13.280  6.913   1.00 19.16 ? 113 GLU A C     1 
ATOM   834  O  O     . GLU A 1 105 ? 3.577   13.869  7.437   1.00 17.51 ? 113 GLU A O     1 
ATOM   835  C  CB    . GLU A 1 105 ? 2.064   11.119  7.940   1.00 19.78 ? 113 GLU A CB    1 
ATOM   836  C  CG    . GLU A 1 105 ? 2.001   9.620   7.830   1.00 23.40 ? 113 GLU A CG    1 
ATOM   837  C  CD    . GLU A 1 105 ? 0.997   9.071   8.803   1.00 25.96 ? 113 GLU A CD    1 
ATOM   838  O  OE1   . GLU A 1 105 ? 1.301   9.123   10.004  1.00 25.56 ? 113 GLU A OE1   1 
ATOM   839  O  OE2   . GLU A 1 105 ? -0.094  8.639   8.354   1.00 27.19 ? 113 GLU A OE2   1 
ATOM   840  N  N     . LYS A 1 106 ? 1.521   13.879  6.493   1.00 19.37 ? 114 LYS A N     1 
ATOM   841  C  CA    . LYS A 1 106 ? 1.321   15.320  6.593   1.00 20.78 ? 114 LYS A CA    1 
ATOM   842  C  C     . LYS A 1 106 ? -0.083  15.577  7.105   1.00 21.44 ? 114 LYS A C     1 
ATOM   843  O  O     . LYS A 1 106 ? -0.987  14.732  6.949   1.00 21.65 ? 114 LYS A O     1 
ATOM   844  C  CB    . LYS A 1 106 ? 1.543   16.006  5.227   1.00 20.68 ? 114 LYS A CB    1 
ATOM   845  C  CG    . LYS A 1 106 ? 2.913   15.681  4.585   1.00 23.14 ? 114 LYS A CG    1 
ATOM   846  C  CD    . LYS A 1 106 ? 3.172   16.400  3.235   1.00 23.51 ? 114 LYS A CD    1 
ATOM   847  C  CE    . LYS A 1 106 ? 4.702   16.629  3.022   1.00 26.54 ? 114 LYS A CE    1 
ATOM   848  N  NZ    . LYS A 1 106 ? 5.099   16.743  1.586   1.00 25.56 ? 114 LYS A NZ    1 
ATOM   849  N  N     . ASN A 1 107 ? -0.286  16.733  7.715   1.00 21.23 ? 115 ASN A N     1 
ATOM   850  C  CA    . ASN A 1 107 ? -1.625  17.106  8.140   1.00 23.11 ? 115 ASN A CA    1 
ATOM   851  C  C     . ASN A 1 107 ? -2.237  17.979  7.056   1.00 22.48 ? 115 ASN A C     1 
ATOM   852  O  O     . ASN A 1 107 ? -1.601  18.903  6.567   1.00 22.06 ? 115 ASN A O     1 
ATOM   853  C  CB    . ASN A 1 107 ? -1.604  17.864  9.486   1.00 23.69 ? 115 ASN A CB    1 
ATOM   854  C  CG    . ASN A 1 107 ? -0.831  17.127  10.558  1.00 27.76 ? 115 ASN A CG    1 
ATOM   855  O  OD1   . ASN A 1 107 ? -0.927  15.890  10.684  1.00 31.14 ? 115 ASN A OD1   1 
ATOM   856  N  ND2   . ASN A 1 107 ? -0.038  17.874  11.338  1.00 30.91 ? 115 ASN A ND2   1 
ATOM   857  N  N     . PHE A 1 108 ? -3.469  17.694  6.672   1.00 22.74 ? 116 PHE A N     1 
ATOM   858  C  CA    . PHE A 1 108 ? -4.103  18.519  5.637   1.00 23.32 ? 116 PHE A CA    1 
ATOM   859  C  C     . PHE A 1 108 ? -5.295  19.301  6.205   1.00 24.28 ? 116 PHE A C     1 
ATOM   860  O  O     . PHE A 1 108 ? -5.967  18.832  7.107   1.00 24.33 ? 116 PHE A O     1 
ATOM   861  C  CB    . PHE A 1 108 ? -4.495  17.654  4.426   1.00 21.85 ? 116 PHE A CB    1 
ATOM   862  C  CG    . PHE A 1 108 ? -3.322  16.982  3.741   1.00 21.19 ? 116 PHE A CG    1 
ATOM   863  C  CD1   . PHE A 1 108 ? -2.494  17.695  2.869   1.00 19.93 ? 116 PHE A CD1   1 
ATOM   864  C  CD2   . PHE A 1 108 ? -3.067  15.645  3.939   1.00 17.39 ? 116 PHE A CD2   1 
ATOM   865  C  CE1   . PHE A 1 108 ? -1.418  17.085  2.252   1.00 20.54 ? 116 PHE A CE1   1 
ATOM   866  C  CE2   . PHE A 1 108 ? -2.005  15.012  3.305   1.00 19.09 ? 116 PHE A CE2   1 
ATOM   867  C  CZ    . PHE A 1 108 ? -1.176  15.736  2.459   1.00 19.78 ? 116 PHE A CZ    1 
ATOM   868  N  N     . ASP A 1 109 ? -5.568  20.495  5.690   1.00 25.96 ? 117 ASP A N     1 
ATOM   869  C  CA    . ASP A 1 109 ? -6.660  21.277  6.289   1.00 27.07 ? 117 ASP A CA    1 
ATOM   870  C  C     . ASP A 1 109 ? -8.038  21.130  5.632   1.00 26.23 ? 117 ASP A C     1 
ATOM   871  O  O     . ASP A 1 109 ? -8.998  21.801  6.051   1.00 26.61 ? 117 ASP A O     1 
ATOM   872  C  CB    . ASP A 1 109 ? -6.302  22.764  6.469   1.00 28.74 ? 117 ASP A CB    1 
ATOM   873  C  CG    . ASP A 1 109 ? -5.647  23.385  5.242   1.00 33.06 ? 117 ASP A CG    1 
ATOM   874  O  OD1   . ASP A 1 109 ? -6.197  23.238  4.113   1.00 37.18 ? 117 ASP A OD1   1 
ATOM   875  O  OD2   . ASP A 1 109 ? -4.584  24.069  5.328   1.00 37.65 ? 117 ASP A OD2   1 
ATOM   876  N  N     . SER A 1 110 ? -8.134  20.270  4.613   1.00 24.00 ? 118 SER A N     1 
ATOM   877  C  CA    . SER A 1 110 ? -9.395  20.010  3.941   1.00 21.77 ? 118 SER A CA    1 
ATOM   878  C  C     . SER A 1 110 ? -9.333  18.732  3.144   1.00 21.57 ? 118 SER A C     1 
ATOM   879  O  O     . SER A 1 110 ? -8.247  18.221  2.850   1.00 20.40 ? 118 SER A O     1 
ATOM   880  C  CB    . SER A 1 110 ? -9.740  21.154  2.973   1.00 21.59 ? 118 SER A CB    1 
ATOM   881  O  OG    . SER A 1 110 ? -8.778  21.266  1.944   1.00 19.71 ? 118 SER A OG    1 
ATOM   882  N  N     . LEU A 1 111 ? -10.507 18.242  2.760   1.00 20.32 ? 119 LEU A N     1 
ATOM   883  C  CA    . LEU A 1 111 ? -10.563 17.103  1.891   1.00 19.97 ? 119 LEU A CA    1 
ATOM   884  C  C     . LEU A 1 111 ? -9.968  17.473  0.540   1.00 17.85 ? 119 LEU A C     1 
ATOM   885  O  O     . LEU A 1 111 ? -9.346  16.636  -0.073  1.00 16.32 ? 119 LEU A O     1 
ATOM   886  C  CB    . LEU A 1 111 ? -11.993 16.598  1.715   1.00 21.38 ? 119 LEU A CB    1 
ATOM   887  C  CG    . LEU A 1 111 ? -12.397 15.496  2.705   1.00 24.82 ? 119 LEU A CG    1 
ATOM   888  C  CD1   . LEU A 1 111 ? -13.870 15.198  2.504   1.00 28.19 ? 119 LEU A CD1   1 
ATOM   889  C  CD2   . LEU A 1 111 ? -11.573 14.241  2.537   1.00 24.23 ? 119 LEU A CD2   1 
ATOM   890  N  N     . GLU A 1 112 ? -10.187 18.716  0.092   1.00 16.09 ? 120 GLU A N     1 
ATOM   891  C  CA    . GLU A 1 112 ? -9.651  19.168  -1.187  1.00 16.47 ? 120 GLU A CA    1 
ATOM   892  C  C     . GLU A 1 112 ? -8.130  18.967  -1.214  1.00 15.47 ? 120 GLU A C     1 
ATOM   893  O  O     . GLU A 1 112 ? -7.616  18.375  -2.148  1.00 14.13 ? 120 GLU A O     1 
ATOM   894  C  CB    . GLU A 1 112 ? -10.062 20.615  -1.460  1.00 16.85 ? 120 GLU A CB    1 
ATOM   895  C  CG    . GLU A 1 112 ? -9.707  21.094  -2.852  1.00 20.12 ? 120 GLU A CG    1 
ATOM   896  C  CD    . GLU A 1 112 ? -10.114 22.533  -3.084  1.00 22.51 ? 120 GLU A CD    1 
ATOM   897  O  OE1   . GLU A 1 112 ? -11.163 22.954  -2.552  1.00 24.13 ? 120 GLU A OE1   1 
ATOM   898  O  OE2   . GLU A 1 112 ? -9.378  23.250  -3.811  1.00 24.03 ? 120 GLU A OE2   1 
ATOM   899  N  N     . SER A 1 113 ? -7.430  19.363  -0.148  1.00 15.06 ? 121 SER A N     1 
ATOM   900  C  CA    . SER A 1 113 ? -5.973  19.275  -0.157  1.00 15.83 ? 121 SER A CA    1 
ATOM   901  C  C     . SER A 1 113 ? -5.520  17.838  0.045   1.00 15.47 ? 121 SER A C     1 
ATOM   902  O  O     . SER A 1 113 ? -4.531  17.394  -0.572  1.00 14.75 ? 121 SER A O     1 
ATOM   903  C  CB    . SER A 1 113 ? -5.362  20.279  0.862   1.00 16.95 ? 121 SER A CB    1 
ATOM   904  O  OG    . SER A 1 113 ? -5.706  19.903  2.178   1.00 24.11 ? 121 SER A OG    1 
ATOM   905  N  N     . LEU A 1 114 ? -6.260  17.082  0.865   1.00 14.10 ? 122 LEU A N     1 
ATOM   906  C  CA    . LEU A 1 114 ? -5.980  15.665  1.031   1.00 14.92 ? 122 LEU A CA    1 
ATOM   907  C  C     . LEU A 1 114 ? -6.097  14.894  -0.290  1.00 14.12 ? 122 LEU A C     1 
ATOM   908  O  O     . LEU A 1 114 ? -5.198  14.158  -0.671  1.00 13.90 ? 122 LEU A O     1 
ATOM   909  C  CB    . LEU A 1 114 ? -6.915  15.055  2.090   1.00 15.29 ? 122 LEU A CB    1 
ATOM   910  C  CG    . LEU A 1 114 ? -6.841  13.513  2.262   1.00 16.85 ? 122 LEU A CG    1 
ATOM   911  C  CD1   . LEU A 1 114 ? -5.431  13.017  2.679   1.00 17.66 ? 122 LEU A CD1   1 
ATOM   912  C  CD2   . LEU A 1 114 ? -7.854  13.060  3.268   1.00 20.58 ? 122 LEU A CD2   1 
ATOM   913  N  N     . ILE A 1 115 ? -7.201  15.077  -0.999  1.00 14.14 ? 123 ILE A N     1 
ATOM   914  C  CA    . ILE A 1 115 ? -7.439  14.308  -2.222  1.00 13.25 ? 123 ILE A CA    1 
ATOM   915  C  C     . ILE A 1 115 ? -6.392  14.686  -3.266  1.00 13.34 ? 123 ILE A C     1 
ATOM   916  O  O     . ILE A 1 115 ? -5.816  13.809  -3.929  1.00 13.58 ? 123 ILE A O     1 
ATOM   917  C  CB    . ILE A 1 115 ? -8.881  14.554  -2.758  1.00 14.14 ? 123 ILE A CB    1 
ATOM   918  C  CG1   . ILE A 1 115 ? -9.932  13.946  -1.791  1.00 14.26 ? 123 ILE A CG1   1 
ATOM   919  C  CG2   . ILE A 1 115 ? -9.022  13.964  -4.169  1.00 11.84 ? 123 ILE A CG2   1 
ATOM   920  C  CD1   . ILE A 1 115 ? -11.432 14.267  -2.234  1.00 14.08 ? 123 ILE A CD1   1 
ATOM   921  N  N     . SER A 1 116 ? -6.106  15.993  -3.388  1.00 13.73 ? 124 SER A N     1 
ATOM   922  C  CA    . SER A 1 116 ? -5.076  16.436  -4.315  1.00 13.54 ? 124 SER A CA    1 
ATOM   923  C  C     . SER A 1 116 ? -3.707  15.811  -3.954  1.00 14.22 ? 124 SER A C     1 
ATOM   924  O  O     . SER A 1 116 ? -2.974  15.346  -4.848  1.00 13.59 ? 124 SER A O     1 
ATOM   925  C  CB    . SER A 1 116 ? -5.000  17.962  -4.326  1.00 15.68 ? 124 SER A CB    1 
ATOM   926  O  OG    . SER A 1 116 ? -3.885  18.380  -5.078  1.00 16.56 ? 124 SER A OG    1 
ATOM   927  N  N     . ALA A 1 117 ? -3.387  15.740  -2.663  1.00 13.28 ? 125 ALA A N     1 
ATOM   928  C  CA    . ALA A 1 117 ? -2.108  15.142  -2.230  1.00 14.45 ? 125 ALA A CA    1 
ATOM   929  C  C     . ALA A 1 117 ? -1.993  13.680  -2.651  1.00 15.00 ? 125 ALA A C     1 
ATOM   930  O  O     . ALA A 1 117 ? -0.983  13.261  -3.208  1.00 16.17 ? 125 ALA A O     1 
ATOM   931  C  CB    . ALA A 1 117 ? -1.925  15.283  -0.725  1.00 13.32 ? 125 ALA A CB    1 
ATOM   932  N  N     . ILE A 1 118 ? -3.039  12.915  -2.377  1.00 16.56 ? 126 ILE A N     1 
ATOM   933  C  CA    . ILE A 1 118 ? -3.053  11.484  -2.660  1.00 17.16 ? 126 ILE A CA    1 
ATOM   934  C  C     . ILE A 1 118 ? -2.872  11.237  -4.165  1.00 16.91 ? 126 ILE A C     1 
ATOM   935  O  O     . ILE A 1 118 ? -2.066  10.379  -4.565  1.00 16.47 ? 126 ILE A O     1 
ATOM   936  C  CB    . ILE A 1 118 ? -4.351  10.829  -2.187  1.00 17.42 ? 126 ILE A CB    1 
ATOM   937  C  CG1   . ILE A 1 118 ? -4.477  10.886  -0.664  1.00 18.89 ? 126 ILE A CG1   1 
ATOM   938  C  CG2   . ILE A 1 118 ? -4.354  9.325   -2.670  1.00 18.18 ? 126 ILE A CG2   1 
ATOM   939  C  CD1   . ILE A 1 118 ? -5.972  10.808  -0.175  1.00 21.00 ? 126 ILE A CD1   1 
ATOM   940  N  N     . GLN A 1 119 ? -3.620  11.987  -4.974  1.00 17.51 ? 127 GLN A N     1 
ATOM   941  C  CA    . GLN A 1 119 ? -3.529  11.924  -6.434  1.00 17.83 ? 127 GLN A CA    1 
ATOM   942  C  C     . GLN A 1 119 ? -2.100  12.247  -6.866  1.00 17.21 ? 127 GLN A C     1 
ATOM   943  O  O     . GLN A 1 119 ? -1.554  11.594  -7.742  1.00 17.14 ? 127 GLN A O     1 
ATOM   944  C  CB    . GLN A 1 119 ? -4.516  12.906  -7.075  1.00 19.18 ? 127 GLN A CB    1 
ATOM   945  C  CG    . GLN A 1 119 ? -6.004  12.417  -7.052  1.00 24.03 ? 127 GLN A CG    1 
ATOM   946  C  CD    . GLN A 1 119 ? -6.975  13.520  -7.462  1.00 29.69 ? 127 GLN A CD    1 
ATOM   947  O  OE1   . GLN A 1 119 ? -6.550  14.647  -7.725  1.00 29.81 ? 127 GLN A OE1   1 
ATOM   948  N  NE2   . GLN A 1 119 ? -8.281  13.214  -7.477  1.00 29.72 ? 127 GLN A NE2   1 
ATOM   949  N  N     . GLY A 1 120 ? -1.472  13.240  -6.235  1.00 15.66 ? 128 GLY A N     1 
ATOM   950  C  CA    . GLY A 1 120 ? -0.089  13.555  -6.576  1.00 15.07 ? 128 GLY A CA    1 
ATOM   951  C  C     . GLY A 1 120 ? 0.906   12.435  -6.199  1.00 14.65 ? 128 GLY A C     1 
ATOM   952  O  O     . GLY A 1 120 ? 1.892   12.207  -6.909  1.00 12.66 ? 128 GLY A O     1 
ATOM   953  N  N     . ASP A 1 121 ? 0.675   11.793  -5.047  1.00 14.24 ? 129 ASP A N     1 
ATOM   954  C  CA    . ASP A 1 121 ? 1.490   10.672  -4.598  1.00 14.43 ? 129 ASP A CA    1 
ATOM   955  C  C     . ASP A 1 121 ? 1.369   9.556   -5.645  1.00 14.01 ? 129 ASP A C     1 
ATOM   956  O  O     . ASP A 1 121 ? 2.358   8.962   -6.041  1.00 14.98 ? 129 ASP A O     1 
ATOM   957  C  CB    . ASP A 1 121 ? 0.946   10.108  -3.298  1.00 14.85 ? 129 ASP A CB    1 
ATOM   958  C  CG    . ASP A 1 121 ? 1.126   11.034  -2.088  1.00 16.82 ? 129 ASP A CG    1 
ATOM   959  O  OD1   . ASP A 1 121 ? 2.015   11.904  -2.071  1.00 15.20 ? 129 ASP A OD1   1 
ATOM   960  O  OD2   . ASP A 1 121 ? 0.395   10.905  -1.073  1.00 17.79 ? 129 ASP A OD2   1 
ATOM   961  N  N     . ILE A 1 122 ? 0.146   9.268   -6.076  1.00 14.10 ? 130 ILE A N     1 
ATOM   962  C  CA    . ILE A 1 122 ? -0.084  8.235   -7.094  1.00 14.02 ? 130 ILE A CA    1 
ATOM   963  C  C     . ILE A 1 122 ? 0.693   8.583   -8.383  1.00 14.39 ? 130 ILE A C     1 
ATOM   964  O  O     . ILE A 1 122 ? 1.451   7.758   -8.918  1.00 14.39 ? 130 ILE A O     1 
ATOM   965  C  CB    . ILE A 1 122 ? -1.619  8.089   -7.334  1.00 15.06 ? 130 ILE A CB    1 
ATOM   966  C  CG1   . ILE A 1 122 ? -2.231  7.371   -6.117  1.00 12.91 ? 130 ILE A CG1   1 
ATOM   967  C  CG2   . ILE A 1 122 ? -1.924  7.364   -8.690  1.00 13.62 ? 130 ILE A CG2   1 
ATOM   968  C  CD1   . ILE A 1 122 ? -3.765  7.449   -5.990  1.00 14.08 ? 130 ILE A CD1   1 
ATOM   969  N  N     . GLU A 1 123 ? 0.568   9.822   -8.855  1.00 13.21 ? 131 GLU A N     1 
ATOM   970  C  CA    . GLU A 1 123 ? 1.240   10.184  -10.099 1.00 15.00 ? 131 GLU A CA    1 
ATOM   971  C  C     . GLU A 1 123 ? 2.740   10.100  -9.939  1.00 15.09 ? 131 GLU A C     1 
ATOM   972  O  O     . GLU A 1 123 ? 3.406   9.609   -10.812 1.00 14.99 ? 131 GLU A O     1 
ATOM   973  C  CB    . GLU A 1 123 ? 0.821   11.580  -10.593 1.00 15.87 ? 131 GLU A CB    1 
ATOM   974  C  CG    . GLU A 1 123 ? -0.643  11.617  -11.073 1.00 19.54 ? 131 GLU A CG    1 
ATOM   975  C  CD    . GLU A 1 123 ? -0.981  10.493  -12.083 1.00 23.62 ? 131 GLU A CD    1 
ATOM   976  O  OE1   . GLU A 1 123 ? -0.253  10.355  -13.075 1.00 23.34 ? 131 GLU A OE1   1 
ATOM   977  O  OE2   . GLU A 1 123 ? -1.919  9.690   -11.844 1.00 25.63 ? 131 GLU A OE2   1 
ATOM   978  N  N     . GLU A 1 124 ? 3.267   10.577  -8.816  1.00 15.36 ? 132 GLU A N     1 
ATOM   979  C  CA    . GLU A 1 124 ? 4.707   10.461  -8.547  1.00 14.99 ? 132 GLU A CA    1 
ATOM   980  C  C     . GLU A 1 124 ? 5.172   9.008   -8.442  1.00 13.77 ? 132 GLU A C     1 
ATOM   981  O  O     . GLU A 1 124 ? 6.217   8.683   -8.950  1.00 14.72 ? 132 GLU A O     1 
ATOM   982  C  CB    . GLU A 1 124 ? 5.084   11.248  -7.284  1.00 15.13 ? 132 GLU A CB    1 
ATOM   983  C  CG    . GLU A 1 124 ? 6.573   11.246  -6.935  1.00 15.97 ? 132 GLU A CG    1 
ATOM   984  C  CD    . GLU A 1 124 ? 7.449   12.015  -7.937  1.00 20.00 ? 132 GLU A CD    1 
ATOM   985  O  OE1   . GLU A 1 124 ? 6.942   12.662  -8.875  1.00 17.06 ? 132 GLU A OE1   1 
ATOM   986  O  OE2   . GLU A 1 124 ? 8.678   11.956  -7.785  1.00 21.85 ? 132 GLU A OE2   1 
ATOM   987  N  N     . ALA A 1 125 ? 4.421   8.164   -7.749  1.00 12.55 ? 133 ALA A N     1 
ATOM   988  C  CA    . ALA A 1 125 ? 4.751   6.735   -7.631  1.00 12.33 ? 133 ALA A CA    1 
ATOM   989  C  C     . ALA A 1 125 ? 4.869   6.098   -9.024  1.00 12.32 ? 133 ALA A C     1 
ATOM   990  O  O     . ALA A 1 125 ? 5.801   5.375   -9.311  1.00 13.08 ? 133 ALA A O     1 
ATOM   991  C  CB    . ALA A 1 125 ? 3.677   6.026   -6.815  1.00 10.97 ? 133 ALA A CB    1 
ATOM   992  N  N     . LYS A 1 126 ? 3.919   6.390   -9.888  1.00 13.20 ? 134 LYS A N     1 
ATOM   993  C  CA    . LYS A 1 126 ? 3.913   5.806   -11.226 1.00 13.94 ? 134 LYS A CA    1 
ATOM   994  C  C     . LYS A 1 126 ? 5.202   6.153   -11.944 1.00 14.84 ? 134 LYS A C     1 
ATOM   995  O  O     . LYS A 1 126 ? 5.760   5.312   -12.631 1.00 14.61 ? 134 LYS A O     1 
ATOM   996  C  CB    . LYS A 1 126 ? 2.728   6.342   -12.032 1.00 15.16 ? 134 LYS A CB    1 
ATOM   997  C  CG    . LYS A 1 126 ? 1.383   5.762   -11.655 1.00 15.40 ? 134 LYS A CG    1 
ATOM   998  C  CD    . LYS A 1 126 ? 0.319   6.371   -12.624 1.00 21.42 ? 134 LYS A CD    1 
ATOM   999  C  CE    . LYS A 1 126 ? -1.084  6.006   -12.254 1.00 22.40 ? 134 LYS A CE    1 
ATOM   1000 N  NZ    . LYS A 1 126 ? -2.046  6.978   -12.962 1.00 23.11 ? 134 LYS A NZ    1 
ATOM   1001 N  N     . LYS A 1 127 ? 5.693   7.389   -11.759 1.00 14.89 ? 135 LYS A N     1 
ATOM   1002 C  CA    . LYS A 1 127 ? 6.941   7.839   -12.421 1.00 15.38 ? 135 LYS A CA    1 
ATOM   1003 C  C     . LYS A 1 127 ? 8.172   7.111   -11.856 1.00 15.26 ? 135 LYS A C     1 
ATOM   1004 O  O     . LYS A 1 127 ? 9.036   6.636   -12.622 1.00 13.97 ? 135 LYS A O     1 
ATOM   1005 C  CB    . LYS A 1 127 ? 7.108   9.373   -12.279 1.00 15.61 ? 135 LYS A CB    1 
ATOM   1006 C  CG    . LYS A 1 127 ? 6.080   10.187  -13.087 1.00 18.53 ? 135 LYS A CG    1 
ATOM   1007 C  CD    . LYS A 1 127 ? 6.223   11.686  -12.798 1.00 20.49 ? 135 LYS A CD    1 
ATOM   1008 C  CE    . LYS A 1 127 ? 4.887   12.419  -12.935 1.00 25.07 ? 135 LYS A CE    1 
ATOM   1009 N  NZ    . LYS A 1 127 ? 5.089   13.881  -12.665 1.00 26.17 ? 135 LYS A NZ    1 
ATOM   1010 N  N     . ARG A 1 128 ? 8.232   7.028   -10.518 1.00 13.48 ? 136 ARG A N     1 
ATOM   1011 C  CA    . ARG A 1 128 ? 9.389   6.488   -9.841  1.00 14.20 ? 136 ARG A CA    1 
ATOM   1012 C  C     . ARG A 1 128 ? 9.512   4.993   -10.117 1.00 14.72 ? 136 ARG A C     1 
ATOM   1013 O  O     . ARG A 1 128 ? 10.625  4.440   -10.192 1.00 15.06 ? 136 ARG A O     1 
ATOM   1014 C  CB    . ARG A 1 128 ? 9.284   6.759   -8.336  1.00 14.28 ? 136 ARG A CB    1 
ATOM   1015 C  CG    . ARG A 1 128 ? 9.525   8.244   -7.983  1.00 15.25 ? 136 ARG A CG    1 
ATOM   1016 C  CD    . ARG A 1 128 ? 10.007  8.487   -6.572  1.00 17.81 ? 136 ARG A CD    1 
ATOM   1017 N  NE    . ARG A 1 128 ? 9.830   9.892   -6.203  1.00 19.82 ? 136 ARG A NE    1 
ATOM   1018 C  CZ    . ARG A 1 128 ? 10.137  10.401  -5.019  1.00 21.42 ? 136 ARG A CZ    1 
ATOM   1019 N  NH1   . ARG A 1 128 ? 10.650  9.630   -4.066  1.00 18.53 ? 136 ARG A NH1   1 
ATOM   1020 N  NH2   . ARG A 1 128 ? 9.909   11.693  -4.779  1.00 22.10 ? 136 ARG A NH2   1 
ATOM   1021 N  N     . LEU A 1 129 ? 8.370   4.339   -10.315 1.00 14.59 ? 137 LEU A N     1 
ATOM   1022 C  CA    . LEU A 1 129 ? 8.379   2.890   -10.527 1.00 14.66 ? 137 LEU A CA    1 
ATOM   1023 C  C     . LEU A 1 129 ? 8.915   2.501   -11.907 1.00 15.71 ? 137 LEU A C     1 
ATOM   1024 O  O     . LEU A 1 129 ? 9.142   1.310   -12.181 1.00 16.73 ? 137 LEU A O     1 
ATOM   1025 C  CB    . LEU A 1 129 ? 6.982   2.306   -10.278 1.00 13.83 ? 137 LEU A CB    1 
ATOM   1026 C  CG    . LEU A 1 129 ? 6.655   2.226   -8.760  1.00 13.87 ? 137 LEU A CG    1 
ATOM   1027 C  CD1   . LEU A 1 129 ? 5.189   1.997   -8.494  1.00 12.71 ? 137 LEU A CD1   1 
ATOM   1028 C  CD2   . LEU A 1 129 ? 7.446   1.126   -8.140  1.00 12.10 ? 137 LEU A CD2   1 
ATOM   1029 N  N     . GLU A 1 130 ? 9.101   3.500   -12.768 1.00 16.69 ? 138 GLU A N     1 
ATOM   1030 C  CA    . GLU A 1 130 ? 9.678   3.285   -14.102 1.00 16.42 ? 138 GLU A CA    1 
ATOM   1031 C  C     . GLU A 1 130 ? 11.181  3.228   -14.093 1.00 16.39 ? 138 GLU A C     1 
ATOM   1032 O  O     . GLU A 1 130 ? 11.781  2.853   -15.101 1.00 17.26 ? 138 GLU A O     1 
ATOM   1033 C  CB    . GLU A 1 130 ? 9.227   4.385   -15.083 1.00 17.26 ? 138 GLU A CB    1 
ATOM   1034 C  CG    . GLU A 1 130 ? 7.794   4.247   -15.579 1.00 18.73 ? 138 GLU A CG    1 
ATOM   1035 C  CD    . GLU A 1 130 ? 7.479   2.863   -16.117 1.00 22.82 ? 138 GLU A CD    1 
ATOM   1036 O  OE1   . GLU A 1 130 ? 8.244   2.326   -16.968 1.00 23.90 ? 138 GLU A OE1   1 
ATOM   1037 O  OE2   . GLU A 1 130 ? 6.461   2.298   -15.672 1.00 23.49 ? 138 GLU A OE2   1 
ATOM   1038 N  N     . LEU A 1 131 ? 11.810  3.594   -12.979 1.00 16.07 ? 139 LEU A N     1 
ATOM   1039 C  CA    . LEU A 1 131 ? 13.267  3.594   -12.885 1.00 15.97 ? 139 LEU A CA    1 
ATOM   1040 C  C     . LEU A 1 131 ? 13.726  2.155   -12.944 1.00 15.81 ? 139 LEU A C     1 
ATOM   1041 O  O     . LEU A 1 131 ? 13.084  1.304   -12.333 1.00 13.45 ? 139 LEU A O     1 
ATOM   1042 C  CB    . LEU A 1 131 ? 13.710  4.206   -11.574 1.00 16.64 ? 139 LEU A CB    1 
ATOM   1043 C  CG    . LEU A 1 131 ? 13.472  5.704   -11.448 1.00 19.66 ? 139 LEU A CG    1 
ATOM   1044 C  CD1   . LEU A 1 131 ? 13.683  6.137   -9.979  1.00 23.12 ? 139 LEU A CD1   1 
ATOM   1045 C  CD2   . LEU A 1 131 ? 14.403  6.445   -12.399 1.00 21.05 ? 139 LEU A CD2   1 
ATOM   1046 N  N     . PRO A 1 132 ? 14.789  1.853   -13.697 1.00 16.90 ? 140 PRO A N     1 
ATOM   1047 C  CA    . PRO A 1 132 ? 15.197  0.448   -13.849 1.00 17.35 ? 140 PRO A CA    1 
ATOM   1048 C  C     . PRO A 1 132 ? 15.363  -0.296  -12.525 1.00 17.23 ? 140 PRO A C     1 
ATOM   1049 O  O     . PRO A 1 132 ? 14.967  -1.459  -12.476 1.00 16.54 ? 140 PRO A O     1 
ATOM   1050 C  CB    . PRO A 1 132 ? 16.532  0.525   -14.640 1.00 17.61 ? 140 PRO A CB    1 
ATOM   1051 C  CG    . PRO A 1 132 ? 16.455  1.822   -15.370 1.00 18.81 ? 140 PRO A CG    1 
ATOM   1052 C  CD    . PRO A 1 132 ? 15.622  2.767   -14.507 1.00 17.06 ? 140 PRO A CD    1 
ATOM   1053 N  N     . GLU A 1 133 ? 15.885  0.341   -11.476 1.00 18.34 ? 141 GLU A N     1 
ATOM   1054 C  CA    . GLU A 1 133 ? 16.066  -0.372  -10.195 1.00 20.43 ? 141 GLU A CA    1 
ATOM   1055 C  C     . GLU A 1 133 ? 14.746  -0.790  -9.538  1.00 19.30 ? 141 GLU A C     1 
ATOM   1056 O  O     . GLU A 1 133 ? 14.724  -1.689  -8.715  1.00 19.10 ? 141 GLU A O     1 
ATOM   1057 C  CB    . GLU A 1 133 ? 16.860  0.440   -9.186  1.00 21.11 ? 141 GLU A CB    1 
ATOM   1058 C  CG    . GLU A 1 133 ? 16.286  1.807   -8.873  1.00 27.37 ? 141 GLU A CG    1 
ATOM   1059 C  CD    . GLU A 1 133 ? 17.375  2.796   -8.493  1.00 34.24 ? 141 GLU A CD    1 
ATOM   1060 O  OE1   . GLU A 1 133 ? 18.049  2.574   -7.444  1.00 38.28 ? 141 GLU A OE1   1 
ATOM   1061 O  OE2   . GLU A 1 133 ? 17.547  3.777   -9.244  1.00 35.10 ? 141 GLU A OE2   1 
ATOM   1062 N  N     . TYR A 1 134 ? 13.649  -0.143  -9.913  1.00 18.63 ? 142 TYR A N     1 
ATOM   1063 C  CA    . TYR A 1 134 ? 12.354  -0.475  -9.300  1.00 18.23 ? 142 TYR A CA    1 
ATOM   1064 C  C     . TYR A 1 134 ? 11.498  -1.305  -10.228 1.00 18.81 ? 142 TYR A C     1 
ATOM   1065 O  O     . TYR A 1 134 ? 10.774  -2.224  -9.787  1.00 17.97 ? 142 TYR A O     1 
ATOM   1066 C  CB    . TYR A 1 134 ? 11.614  0.776   -8.846  1.00 16.97 ? 142 TYR A CB    1 
ATOM   1067 C  CG    . TYR A 1 134 ? 12.381  1.588   -7.838  1.00 17.37 ? 142 TYR A CG    1 
ATOM   1068 C  CD1   . TYR A 1 134 ? 12.995  0.972   -6.743  1.00 19.64 ? 142 TYR A CD1   1 
ATOM   1069 C  CD2   . TYR A 1 134 ? 12.490  2.969   -7.965  1.00 18.97 ? 142 TYR A CD2   1 
ATOM   1070 C  CE1   . TYR A 1 134 ? 13.699  1.708   -5.806  1.00 23.04 ? 142 TYR A CE1   1 
ATOM   1071 C  CE2   . TYR A 1 134 ? 13.191  3.725   -7.033  1.00 22.48 ? 142 TYR A CE2   1 
ATOM   1072 C  CZ    . TYR A 1 134 ? 13.788  3.096   -5.959  1.00 23.33 ? 142 TYR A CZ    1 
ATOM   1073 O  OH    . TYR A 1 134 ? 14.488  3.826   -5.041  1.00 24.83 ? 142 TYR A OH    1 
ATOM   1074 N  N     . LEU A 1 135 ? 11.613  -1.006  -11.519 1.00 18.82 ? 143 LEU A N     1 
ATOM   1075 C  CA    . LEU A 1 135 ? 10.874  -1.733  -12.551 1.00 19.37 ? 143 LEU A CA    1 
ATOM   1076 C  C     . LEU A 1 135 ? 11.125  -3.247  -12.521 1.00 19.35 ? 143 LEU A C     1 
ATOM   1077 O  O     . LEU A 1 135 ? 10.191  -4.045  -12.703 1.00 20.18 ? 143 LEU A O     1 
ATOM   1078 C  CB    . LEU A 1 135 ? 11.172  -1.146  -13.940 1.00 19.06 ? 143 LEU A CB    1 
ATOM   1079 C  CG    . LEU A 1 135 ? 10.170  -1.463  -15.048 1.00 19.09 ? 143 LEU A CG    1 
ATOM   1080 C  CD1   . LEU A 1 135 ? 8.697   -1.074  -14.676 1.00 17.26 ? 143 LEU A CD1   1 
ATOM   1081 C  CD2   . LEU A 1 135 ? 10.611  -0.817  -16.388 1.00 18.14 ? 143 LEU A CD2   1 
ATOM   1082 N  N     . LYS A 1 136 ? 12.366  -3.641  -12.245 1.00 18.56 ? 144 LYS A N     1 
ATOM   1083 C  CA    . LYS A 1 136 ? 12.756  -5.043  -12.187 1.00 18.26 ? 144 LYS A CA    1 
ATOM   1084 C  C     . LYS A 1 136 ? 12.065  -5.823  -11.050 1.00 18.02 ? 144 LYS A C     1 
ATOM   1085 O  O     . LYS A 1 136 ? 11.921  -7.040  -11.126 1.00 17.26 ? 144 LYS A O     1 
ATOM   1086 C  CB    . LYS A 1 136 ? 14.276  -5.138  -12.032 1.00 18.63 ? 144 LYS A CB    1 
ATOM   1087 C  CG    . LYS A 1 136 ? 14.760  -4.794  -10.603 1.00 20.71 ? 144 LYS A CG    1 
ATOM   1088 C  CD    . LYS A 1 136 ? 16.294  -4.601  -10.510 1.00 25.35 ? 144 LYS A CD    1 
ATOM   1089 C  CE    . LYS A 1 136 ? 16.743  -4.825  -9.053  1.00 26.34 ? 144 LYS A CE    1 
ATOM   1090 N  NZ    . LYS A 1 136 ? 16.853  -3.530  -8.327  1.00 27.37 ? 144 LYS A NZ    1 
ATOM   1091 N  N     . ILE A 1 137 ? 11.634  -5.135  -9.996  1.00 17.08 ? 145 ILE A N     1 
ATOM   1092 C  CA    . ILE A 1 137 ? 11.084  -5.855  -8.824  1.00 17.16 ? 145 ILE A CA    1 
ATOM   1093 C  C     . ILE A 1 137 ? 9.730   -6.471  -9.188  1.00 17.25 ? 145 ILE A C     1 
ATOM   1094 O  O     . ILE A 1 137 ? 9.267   -7.439  -8.578  1.00 16.82 ? 145 ILE A O     1 
ATOM   1095 C  CB    . ILE A 1 137 ? 10.991  -4.925  -7.601  1.00 17.09 ? 145 ILE A CB    1 
ATOM   1096 C  CG1   . ILE A 1 137 ? 12.413  -4.525  -7.197  1.00 18.37 ? 145 ILE A CG1   1 
ATOM   1097 C  CG2   . ILE A 1 137 ? 10.289  -5.653  -6.408  1.00 15.81 ? 145 ILE A CG2   1 
ATOM   1098 C  CD1   . ILE A 1 137 ? 12.534  -3.217  -6.477  1.00 20.55 ? 145 ILE A CD1   1 
ATOM   1099 N  N     . LYS A 1 138 ? 9.136   -5.931  -10.243 1.00 17.50 ? 146 LYS A N     1 
ATOM   1100 C  CA    . LYS A 1 138 ? 7.889   -6.433  -10.778 1.00 19.11 ? 146 LYS A CA    1 
ATOM   1101 C  C     . LYS A 1 138 ? 8.027   -7.931  -11.169 1.00 19.85 ? 146 LYS A C     1 
ATOM   1102 O  O     . LYS A 1 138 ? 7.047   -8.697  -11.110 1.00 20.45 ? 146 LYS A O     1 
ATOM   1103 C  CB    . LYS A 1 138 ? 7.501   -5.571  -11.989 1.00 19.41 ? 146 LYS A CB    1 
ATOM   1104 C  CG    . LYS A 1 138 ? 6.157   -5.920  -12.583 1.00 21.15 ? 146 LYS A CG    1 
ATOM   1105 C  CD    . LYS A 1 138 ? 5.885   -5.150  -13.868 1.00 23.62 ? 146 LYS A CD    1 
ATOM   1106 C  CE    . LYS A 1 138 ? 4.479   -5.511  -14.355 1.00 25.80 ? 146 LYS A CE    1 
ATOM   1107 N  NZ    . LYS A 1 138 ? 4.129   -4.937  -15.696 1.00 29.48 ? 146 LYS A NZ    1 
ATOM   1108 N  N     . GLU A 1 139 ? 9.253   -8.322  -11.533 1.00 19.24 ? 147 GLU A N     1 
ATOM   1109 C  CA    . GLU A 1 139 ? 9.575   -9.644  -12.018 1.00 19.23 ? 147 GLU A CA    1 
ATOM   1110 C  C     . GLU A 1 139 ? 10.100  -10.559 -10.928 1.00 19.01 ? 147 GLU A C     1 
ATOM   1111 O  O     . GLU A 1 139 ? 10.538  -11.676 -11.226 1.00 18.18 ? 147 GLU A O     1 
ATOM   1112 C  CB    . GLU A 1 139 ? 10.684  -9.568  -13.087 1.00 20.15 ? 147 GLU A CB    1 
ATOM   1113 C  CG    . GLU A 1 139 ? 10.488  -8.610  -14.253 1.00 24.74 ? 147 GLU A CG    1 
ATOM   1114 C  CD    . GLU A 1 139 ? 9.091   -8.647  -14.847 1.00 31.11 ? 147 GLU A CD    1 
ATOM   1115 O  OE1   . GLU A 1 139 ? 8.406   -9.685  -14.721 1.00 33.73 ? 147 GLU A OE1   1 
ATOM   1116 O  OE2   . GLU A 1 139 ? 8.673   -7.625  -15.445 1.00 35.22 ? 147 GLU A OE2   1 
ATOM   1117 N  N     . ASP A 1 140 ? 10.097  -10.093 -9.682  1.00 18.24 ? 148 ASP A N     1 
ATOM   1118 C  CA    . ASP A 1 140 ? 10.680  -10.869 -8.608  1.00 18.36 ? 148 ASP A CA    1 
ATOM   1119 C  C     . ASP A 1 140 ? 9.922   -12.191 -8.501  1.00 18.45 ? 148 ASP A C     1 
ATOM   1120 O  O     . ASP A 1 140 ? 8.703   -12.236 -8.744  1.00 18.22 ? 148 ASP A O     1 
ATOM   1121 C  CB    . ASP A 1 140 ? 10.629  -10.101 -7.280  1.00 17.73 ? 148 ASP A CB    1 
ATOM   1122 C  CG    . ASP A 1 140 ? 11.545  -10.701 -6.247  1.00 18.81 ? 148 ASP A CG    1 
ATOM   1123 O  OD1   . ASP A 1 140 ? 11.129  -11.650 -5.558  1.00 15.97 ? 148 ASP A OD1   1 
ATOM   1124 O  OD2   . ASP A 1 140 ? 12.732  -10.354 -6.106  1.00 18.57 ? 148 ASP A OD2   1 
ATOM   1125 N  N     . ASN A 1 141 ? 10.640  -13.250 -8.134  1.00 18.21 ? 149 ASN A N     1 
ATOM   1126 C  CA    . ASN A 1 141 ? 10.029  -14.560 -7.951  1.00 18.74 ? 149 ASN A CA    1 
ATOM   1127 C  C     . ASN A 1 141 ? 8.928   -14.532 -6.902  1.00 17.60 ? 149 ASN A C     1 
ATOM   1128 O  O     . ASN A 1 141 ? 8.010   -15.362 -6.936  1.00 17.76 ? 149 ASN A O     1 
ATOM   1129 C  CB    . ASN A 1 141 ? 11.077  -15.616 -7.644  1.00 19.54 ? 149 ASN A CB    1 
ATOM   1130 C  CG    . ASN A 1 141 ? 11.718  -16.169 -8.916  1.00 23.74 ? 149 ASN A CG    1 
ATOM   1131 O  OD1   . ASN A 1 141 ? 11.272  -15.852 -10.049 1.00 25.15 ? 149 ASN A OD1   1 
ATOM   1132 N  ND2   . ASN A 1 141 ? 12.759  -16.982 -8.751  1.00 25.53 ? 149 ASN A ND2   1 
ATOM   1133 N  N     . PHE A 1 142 ? 9.015   -13.556 -5.997  1.00 16.94 ? 150 PHE A N     1 
ATOM   1134 C  CA    . PHE A 1 142 ? 7.985   -13.327 -4.975  1.00 16.42 ? 150 PHE A CA    1 
ATOM   1135 C  C     . PHE A 1 142 ? 6.611   -13.333 -5.644  1.00 17.34 ? 150 PHE A C     1 
ATOM   1136 O  O     . PHE A 1 142 ? 5.661   -13.960 -5.146  1.00 16.68 ? 150 PHE A O     1 
ATOM   1137 C  CB    . PHE A 1 142 ? 8.216   -11.938 -4.314  1.00 15.82 ? 150 PHE A CB    1 
ATOM   1138 C  CG    . PHE A 1 142 ? 7.148   -11.538 -3.340  1.00 15.60 ? 150 PHE A CG    1 
ATOM   1139 C  CD1   . PHE A 1 142 ? 7.044   -12.146 -2.100  1.00 13.45 ? 150 PHE A CD1   1 
ATOM   1140 C  CD2   . PHE A 1 142 ? 6.220   -10.530 -3.680  1.00 15.81 ? 150 PHE A CD2   1 
ATOM   1141 C  CE1   . PHE A 1 142 ? 6.018   -11.747 -1.201  1.00 15.54 ? 150 PHE A CE1   1 
ATOM   1142 C  CE2   . PHE A 1 142 ? 5.233   -10.147 -2.818  1.00 16.15 ? 150 PHE A CE2   1 
ATOM   1143 C  CZ    . PHE A 1 142 ? 5.123   -10.738 -1.587  1.00 17.04 ? 150 PHE A CZ    1 
ATOM   1144 N  N     . PHE A 1 143 ? 6.506   -12.591 -6.745  1.00 17.64 ? 151 PHE A N     1 
ATOM   1145 C  CA    . PHE A 1 143 ? 5.272   -12.542 -7.506  1.00 20.96 ? 151 PHE A CA    1 
ATOM   1146 C  C     . PHE A 1 143 ? 5.026   -13.768 -8.381  1.00 23.88 ? 151 PHE A C     1 
ATOM   1147 O  O     . PHE A 1 143 ? 3.881   -14.105 -8.646  1.00 24.60 ? 151 PHE A O     1 
ATOM   1148 C  CB    . PHE A 1 143 ? 5.217   -11.261 -8.351  1.00 19.87 ? 151 PHE A CB    1 
ATOM   1149 C  CG    . PHE A 1 143 ? 5.148   -10.029 -7.527  1.00 16.31 ? 151 PHE A CG    1 
ATOM   1150 C  CD1   . PHE A 1 143 ? 4.026   -9.769  -6.756  1.00 14.88 ? 151 PHE A CD1   1 
ATOM   1151 C  CD2   . PHE A 1 143 ? 6.232   -9.141  -7.490  1.00 15.63 ? 151 PHE A CD2   1 
ATOM   1152 C  CE1   . PHE A 1 143 ? 3.953   -8.629  -5.979  1.00 15.94 ? 151 PHE A CE1   1 
ATOM   1153 C  CE2   . PHE A 1 143 ? 6.173   -7.984  -6.682  1.00 13.92 ? 151 PHE A CE2   1 
ATOM   1154 C  CZ    . PHE A 1 143 ? 5.044   -7.729  -5.956  1.00 15.60 ? 151 PHE A CZ    1 
ATOM   1155 N  N     . GLN A 1 144 ? 6.087   -14.401 -8.851  1.00 27.71 ? 152 GLN A N     1 
ATOM   1156 C  CA    . GLN A 1 144 ? 5.931   -15.617 -9.645  1.00 32.15 ? 152 GLN A CA    1 
ATOM   1157 C  C     . GLN A 1 144 ? 5.384   -16.822 -8.842  1.00 33.89 ? 152 GLN A C     1 
ATOM   1158 O  O     . GLN A 1 144 ? 4.609   -17.595 -9.388  1.00 34.79 ? 152 GLN A O     1 
ATOM   1159 C  CB    . GLN A 1 144 ? 7.206   -15.925 -10.434 1.00 32.54 ? 152 GLN A CB    1 
ATOM   1160 C  CG    . GLN A 1 144 ? 7.061   -15.716 -11.969 1.00 36.70 ? 152 GLN A CG    1 
ATOM   1161 C  CD    . GLN A 1 144 ? 7.371   -14.284 -12.461 1.00 40.83 ? 152 GLN A CD    1 
ATOM   1162 O  OE1   . GLN A 1 144 ? 8.455   -14.028 -13.018 1.00 42.20 ? 152 GLN A OE1   1 
ATOM   1163 N  NE2   . GLN A 1 144 ? 6.409   -13.370 -12.300 1.00 41.91 ? 152 GLN A NE2   1 
ATOM   1164 N  N     . VAL A 1 145 ? 5.708   -16.945 -7.548  1.00 35.91 ? 153 VAL A N     1 
ATOM   1165 C  CA    . VAL A 1 145 ? 5.110   -18.008 -6.730  1.00 37.88 ? 153 VAL A CA    1 
ATOM   1166 C  C     . VAL A 1 145 ? 3.580   -17.934 -6.690  1.00 39.57 ? 153 VAL A C     1 
ATOM   1167 O  O     . VAL A 1 145 ? 2.908   -18.974 -6.721  1.00 39.95 ? 153 VAL A O     1 
ATOM   1168 C  CB    . VAL A 1 145 ? 5.718   -18.185 -5.272  1.00 38.06 ? 153 VAL A CB    1 
ATOM   1169 C  CG1   . VAL A 1 145 ? 6.813   -17.186 -4.960  1.00 37.86 ? 153 VAL A CG1   1 
ATOM   1170 C  CG2   . VAL A 1 145 ? 4.626   -18.150 -4.178  1.00 38.08 ? 153 VAL A CG2   1 
ATOM   1171 N  N     . SER A 1 146 ? 3.033   -16.720 -6.644  1.00 40.95 ? 154 SER A N     1 
ATOM   1172 C  CA    . SER A 1 146 ? 1.585   -16.540 -6.548  1.00 42.58 ? 154 SER A CA    1 
ATOM   1173 C  C     . SER A 1 146 ? 0.830   -16.877 -7.860  1.00 43.50 ? 154 SER A C     1 
ATOM   1174 O  O     . SER A 1 146 ? -0.392  -17.053 -7.840  1.00 43.73 ? 154 SER A O     1 
ATOM   1175 C  CB    . SER A 1 146 ? 1.225   -15.126 -6.026  1.00 42.69 ? 154 SER A CB    1 
ATOM   1176 O  OG    . SER A 1 146 ? 2.372   -14.419 -5.557  1.00 43.35 ? 154 SER A OG    1 
ATOM   1177 N  N     . LYS A 1 147 ? 1.546   -16.963 -8.986  1.00 44.70 ? 155 LYS A N     1 
ATOM   1178 C  CA    . LYS A 1 147 ? 0.981   -17.522 -10.235 1.00 45.61 ? 155 LYS A CA    1 
ATOM   1179 C  C     . LYS A 1 147 ? 1.383   -18.997 -10.480 1.00 46.36 ? 155 LYS A C     1 
ATOM   1180 O  O     . LYS A 1 147 ? 0.623   -19.934 -10.203 1.00 47.32 ? 155 LYS A O     1 
ATOM   1181 C  CB    . LYS A 1 147 ? 1.300   -16.641 -11.455 1.00 45.54 ? 155 LYS A CB    1 
ATOM   1182 C  CG    . LYS A 1 147 ? 1.574   -15.181 -11.105 1.00 45.57 ? 155 LYS A CG    1 
ATOM   1183 C  CD    . LYS A 1 147 ? 2.581   -14.542 -12.050 1.00 45.61 ? 155 LYS A CD    1 
ATOM   1184 C  CE    . LYS A 1 147 ? 2.482   -13.014 -12.014 1.00 44.08 ? 155 LYS A CE    1 
ATOM   1185 N  NZ    . LYS A 1 147 ? 2.084   -12.484 -13.344 1.00 43.88 ? 155 LYS A NZ    1 
ATOM   1186 O  OXT   . LYS A 1 147 ? 2.457   -19.417 -10.956 1.00 46.39 ? 155 LYS A OXT   1 
HETATM 1187 MG MG    . MG  B 2 .   ? -9.508  1.317   2.757   1.00 20.87 ? 201 MG  A MG    1 
HETATM 1188 P  PB    . ADP C 3 .   ? -11.942 -0.664  3.486   1.00 20.35 ? 301 ADP A PB    1 
HETATM 1189 O  O1B   . ADP C 3 .   ? -10.670 0.039   3.736   1.00 20.68 ? 301 ADP A O1B   1 
HETATM 1190 O  O2B   . ADP C 3 .   ? -11.721 -2.134  3.110   1.00 22.02 ? 301 ADP A O2B   1 
HETATM 1191 O  O3B   . ADP C 3 .   ? -12.851 -0.649  4.691   1.00 22.07 ? 301 ADP A O3B   1 
HETATM 1192 P  PA    . ADP C 3 .   ? -12.214 0.844   1.006   1.00 21.08 ? 301 ADP A PA    1 
HETATM 1193 O  O1A   . ADP C 3 .   ? -13.288 1.851   0.624   1.00 20.74 ? 301 ADP A O1A   1 
HETATM 1194 O  O2A   . ADP C 3 .   ? -10.851 1.472   1.202   1.00 20.62 ? 301 ADP A O2A   1 
HETATM 1195 O  O3A   . ADP C 3 .   ? -12.757 0.055   2.286   1.00 20.36 ? 301 ADP A O3A   1 
HETATM 1196 O  "O5'" . ADP C 3 .   ? -12.116 -0.227  -0.180  1.00 20.38 ? 301 ADP A "O5'" 1 
HETATM 1197 C  "C5'" . ADP C 3 .   ? -11.065 -1.190  -0.164  1.00 19.52 ? 301 ADP A "C5'" 1 
HETATM 1198 C  "C4'" . ADP C 3 .   ? -11.496 -2.377  -0.974  1.00 21.05 ? 301 ADP A "C4'" 1 
HETATM 1199 O  "O4'" . ADP C 3 .   ? -11.603 -1.979  -2.310  1.00 19.37 ? 301 ADP A "O4'" 1 
HETATM 1200 C  "C3'" . ADP C 3 .   ? -10.426 -3.486  -1.011  1.00 22.21 ? 301 ADP A "C3'" 1 
HETATM 1201 O  "O3'" . ADP C 3 .   ? -10.503 -4.373  0.087   1.00 22.18 ? 301 ADP A "O3'" 1 
HETATM 1202 C  "C2'" . ADP C 3 .   ? -10.725 -4.190  -2.313  1.00 21.01 ? 301 ADP A "C2'" 1 
HETATM 1203 O  "O2'" . ADP C 3 .   ? -11.663 -5.232  -2.106  1.00 23.96 ? 301 ADP A "O2'" 1 
HETATM 1204 C  "C1'" . ADP C 3 .   ? -11.347 -3.093  -3.188  1.00 20.95 ? 301 ADP A "C1'" 1 
HETATM 1205 N  N9    . ADP C 3 .   ? -10.520 -2.555  -4.299  1.00 21.08 ? 301 ADP A N9    1 
HETATM 1206 C  C8    . ADP C 3 .   ? -10.949 -2.470  -5.604  1.00 21.68 ? 301 ADP A C8    1 
HETATM 1207 N  N7    . ADP C 3 .   ? -9.974  -1.910  -6.343  1.00 22.04 ? 301 ADP A N7    1 
HETATM 1208 C  C5    . ADP C 3 .   ? -8.924  -1.605  -5.554  1.00 19.86 ? 301 ADP A C5    1 
HETATM 1209 C  C6    . ADP C 3 .   ? -7.684  -1.006  -5.803  1.00 20.87 ? 301 ADP A C6    1 
HETATM 1210 N  N6    . ADP C 3 .   ? -7.381  -0.407  -6.974  1.00 17.40 ? 301 ADP A N6    1 
HETATM 1211 N  N1    . ADP C 3 .   ? -6.816  -0.836  -4.728  1.00 18.96 ? 301 ADP A N1    1 
HETATM 1212 C  C2    . ADP C 3 .   ? -7.160  -1.238  -3.451  1.00 17.58 ? 301 ADP A C2    1 
HETATM 1213 N  N3    . ADP C 3 .   ? -8.376  -1.827  -3.233  1.00 17.72 ? 301 ADP A N3    1 
HETATM 1214 C  C4    . ADP C 3 .   ? -9.256  -2.010  -4.262  1.00 19.59 ? 301 ADP A C4    1 
HETATM 1215 N  N1    . FMN D 4 .   ? -3.781  10.842  5.697   1.00 46.63 ? 401 FMN A N1    1 
HETATM 1216 C  C2    . FMN D 4 .   ? -3.162  11.874  6.397   1.00 47.05 ? 401 FMN A C2    1 
HETATM 1217 O  O2    . FMN D 4 .   ? -3.616  12.333  7.445   1.00 49.70 ? 401 FMN A O2    1 
HETATM 1218 N  N3    . FMN D 4 .   ? -1.989  12.402  5.936   1.00 43.69 ? 401 FMN A N3    1 
HETATM 1219 C  C4    . FMN D 4 .   ? -1.401  11.926  4.785   1.00 42.06 ? 401 FMN A C4    1 
HETATM 1220 O  O4    . FMN D 4 .   ? -0.328  12.404  4.427   1.00 35.92 ? 401 FMN A O4    1 
HETATM 1221 C  C4A   . FMN D 4 .   ? -2.015  10.906  4.070   1.00 43.62 ? 401 FMN A C4A   1 
HETATM 1222 N  N5    . FMN D 4 .   ? -1.466  10.428  2.911   1.00 43.70 ? 401 FMN A N5    1 
HETATM 1223 C  C5A   . FMN D 4 .   ? -2.058  9.395   2.205   1.00 43.63 ? 401 FMN A C5A   1 
HETATM 1224 C  C6    . FMN D 4 .   ? -1.416  8.964   1.027   1.00 44.02 ? 401 FMN A C6    1 
HETATM 1225 C  C7    . FMN D 4 .   ? -1.949  7.929   0.265   1.00 42.96 ? 401 FMN A C7    1 
HETATM 1226 C  C7M   . FMN D 4 .   ? -1.232  7.507   -0.977  1.00 43.15 ? 401 FMN A C7M   1 
HETATM 1227 C  C8    . FMN D 4 .   ? -3.141  7.314   0.686   1.00 44.64 ? 401 FMN A C8    1 
HETATM 1228 C  C8M   . FMN D 4 .   ? -3.760  6.201   -0.137  1.00 44.12 ? 401 FMN A C8M   1 
HETATM 1229 C  C9    . FMN D 4 .   ? -3.778  7.760   1.868   1.00 44.58 ? 401 FMN A C9    1 
HETATM 1230 C  C9A   . FMN D 4 .   ? -3.246  8.804   2.660   1.00 44.20 ? 401 FMN A C9A   1 
HETATM 1231 N  N10   . FMN D 4 .   ? -3.830  9.326   3.840   1.00 46.38 ? 401 FMN A N10   1 
HETATM 1232 C  C10   . FMN D 4 .   ? -3.200  10.346  4.532   1.00 46.09 ? 401 FMN A C10   1 
HETATM 1233 C  "C1'" . FMN D 4 .   ? -5.089  8.729   4.421   1.00 48.35 ? 401 FMN A "C1'" 1 
HETATM 1234 C  "C2'" . FMN D 4 .   ? -6.326  8.257   3.701   1.00 50.36 ? 401 FMN A "C2'" 1 
HETATM 1235 O  "O2'" . FMN D 4 .   ? -6.983  9.393   3.199   1.00 54.61 ? 401 FMN A "O2'" 1 
HETATM 1236 C  "C3'" . FMN D 4 .   ? -7.146  7.635   4.846   0.30 48.83 ? 401 FMN A "C3'" 1 
HETATM 1237 O  "O3'" . FMN D 4 .   ? -6.411  6.620   5.510   0.30 47.98 ? 401 FMN A "O3'" 1 
HETATM 1238 C  "C4'" . FMN D 4 .   ? -8.510  7.072   4.459   0.30 47.29 ? 401 FMN A "C4'" 1 
HETATM 1239 O  "O4'" . FMN D 4 .   ? -9.327  7.039   5.611   0.30 46.94 ? 401 FMN A "O4'" 1 
HETATM 1240 C  "C5'" . FMN D 4 .   ? -8.400  5.664   3.876   0.30 45.72 ? 401 FMN A "C5'" 1 
HETATM 1241 O  "O5'" . FMN D 4 .   ? -8.985  4.742   4.768   1.00 42.81 ? 401 FMN A "O5'" 1 
HETATM 1242 P  P     . FMN D 4 .   ? -10.483 4.201   4.527   0.50 45.29 ? 401 FMN A P     1 
HETATM 1243 O  O1P   . FMN D 4 .   ? -10.395 2.999   3.654   1.00 29.37 ? 401 FMN A O1P   1 
HETATM 1244 O  O2P   . FMN D 4 .   ? -11.191 3.906   5.878   1.00 45.47 ? 401 FMN A O2P   1 
HETATM 1245 O  O3P   . FMN D 4 .   ? -11.293 5.323   3.829   1.00 49.23 ? 401 FMN A O3P   1 
HETATM 1246 O  O     . HOH E 5 .   ? -9.600  -3.552  2.526   1.00 19.79 ? 501 HOH A O     1 
HETATM 1247 O  O     . HOH E 5 .   ? -8.011  1.320   4.292   1.00 16.80 ? 502 HOH A O     1 
HETATM 1248 O  O     . HOH E 5 .   ? -2.338  -3.074  2.873   1.00 19.85 ? 503 HOH A O     1 
HETATM 1249 O  O     . HOH E 5 .   ? -3.783  -1.752  9.007   1.00 20.47 ? 504 HOH A O     1 
HETATM 1250 O  O     . HOH E 5 .   ? 1.534   14.454  -2.600  1.00 23.98 ? 505 HOH A O     1 
HETATM 1251 O  O     . HOH E 5 .   ? -13.489 21.780  -1.779  1.00 25.46 ? 506 HOH A O     1 
HETATM 1252 O  O     . HOH E 5 .   ? -3.408  -12.783 6.328   1.00 24.58 ? 507 HOH A O     1 
HETATM 1253 O  O     . HOH E 5 .   ? -12.184 1.897   6.172   1.00 32.39 ? 508 HOH A O     1 
HETATM 1254 O  O     . HOH E 5 .   ? -10.571 -0.549  -8.754  1.00 24.52 ? 509 HOH A O     1 
HETATM 1255 O  O     . HOH E 5 .   ? -3.493  -8.501  -9.330  1.00 22.96 ? 510 HOH A O     1 
HETATM 1256 O  O     . HOH E 5 .   ? -0.247  -0.113  -12.413 1.00 28.32 ? 511 HOH A O     1 
HETATM 1257 O  O     . HOH E 5 .   ? 10.930  -8.543  2.922   1.00 29.38 ? 512 HOH A O     1 
HETATM 1258 O  O     . HOH E 5 .   ? 2.150   3.449   -14.839 1.00 30.59 ? 513 HOH A O     1 
HETATM 1259 O  O     . HOH E 5 .   ? 5.565   10.466  8.880   1.00 33.33 ? 514 HOH A O     1 
HETATM 1260 O  O     . HOH E 5 .   ? 10.621  11.579  -1.888  1.00 25.90 ? 515 HOH A O     1 
HETATM 1261 O  O     . HOH E 5 .   ? -5.861  -0.140  7.839   1.00 26.12 ? 516 HOH A O     1 
HETATM 1262 O  O     . HOH E 5 .   ? -11.999 -10.404 4.499   1.00 29.38 ? 517 HOH A O     1 
HETATM 1263 O  O     . HOH E 5 .   ? -15.802 0.755   1.642   1.00 34.58 ? 518 HOH A O     1 
HETATM 1264 O  O     . HOH E 5 .   ? 13.198  -6.265  4.184   1.00 40.37 ? 519 HOH A O     1 
HETATM 1265 O  O     . HOH E 5 .   ? -15.003 -9.159  -2.078  1.00 33.32 ? 520 HOH A O     1 
HETATM 1266 O  O     . HOH E 5 .   ? 16.417  -4.302  -5.681  1.00 49.83 ? 521 HOH A O     1 
HETATM 1267 O  O     . HOH E 5 .   ? -18.555 2.936   3.960   1.00 45.07 ? 522 HOH A O     1 
HETATM 1268 O  O     . HOH E 5 .   ? 4.517   19.418  1.384   1.00 35.90 ? 523 HOH A O     1 
HETATM 1269 O  O     . HOH E 5 .   ? -6.796  -0.327  -15.022 1.00 33.53 ? 524 HOH A O     1 
HETATM 1270 O  O     . HOH E 5 .   ? -4.033  -10.389 12.679  1.00 35.06 ? 525 HOH A O     1 
HETATM 1271 O  O     . HOH E 5 .   ? 4.856   13.729  -9.872  1.00 31.76 ? 526 HOH A O     1 
HETATM 1272 O  O     . HOH E 5 .   ? 12.120  7.095   -3.672  1.00 32.16 ? 527 HOH A O     1 
HETATM 1273 O  O     . HOH E 5 .   ? -12.278 11.958  -4.935  1.00 40.81 ? 528 HOH A O     1 
HETATM 1274 O  O     . HOH E 5 .   ? -16.322 -2.720  8.070   1.00 24.45 ? 529 HOH A O     1 
HETATM 1275 O  O     . HOH E 5 .   ? 2.422   -9.431  -13.899 1.00 32.02 ? 530 HOH A O     1 
HETATM 1276 O  O     . HOH E 5 .   ? 4.854   -8.282  7.211   1.00 41.96 ? 531 HOH A O     1 
HETATM 1277 O  O     . HOH E 5 .   ? -8.766  -3.234  8.856   1.00 35.79 ? 532 HOH A O     1 
HETATM 1278 O  O     . HOH E 5 .   ? -0.601  8.192   11.621  1.00 35.45 ? 533 HOH A O     1 
HETATM 1279 O  O     . HOH E 5 .   ? -10.027 1.190   9.541   1.00 29.86 ? 534 HOH A O     1 
HETATM 1280 O  O     . HOH E 5 .   ? -3.586  -3.154  7.178   1.00 43.09 ? 535 HOH A O     1 
HETATM 1281 O  O     . HOH E 5 .   ? 10.038  14.169  -7.518  1.00 42.89 ? 536 HOH A O     1 
HETATM 1282 O  O     . HOH E 5 .   ? -2.625  16.278  -7.445  1.00 31.68 ? 537 HOH A O     1 
HETATM 1283 O  O     . HOH E 5 .   ? 0.113   -13.019 -8.552  1.00 34.35 ? 538 HOH A O     1 
HETATM 1284 O  O     . HOH E 5 .   ? 2.368   9.688   -13.269 1.00 31.47 ? 539 HOH A O     1 
HETATM 1285 O  O     . HOH E 5 .   ? 13.094  5.411   -1.218  1.00 36.57 ? 540 HOH A O     1 
HETATM 1286 O  O     . HOH E 5 .   ? 13.997  -1.186  -2.788  1.00 35.52 ? 541 HOH A O     1 
HETATM 1287 O  O     . HOH E 5 .   ? 6.052   12.163  10.908  1.00 37.35 ? 542 HOH A O     1 
HETATM 1288 O  O     . HOH E 5 .   ? -3.292  -1.635  -14.743 1.00 36.30 ? 543 HOH A O     1 
HETATM 1289 O  O     . HOH E 5 .   ? 2.264   -2.155  14.530  1.00 32.64 ? 544 HOH A O     1 
HETATM 1290 O  O     . HOH E 5 .   ? -12.045 7.917   3.492   1.00 40.62 ? 545 HOH A O     1 
HETATM 1291 O  O     . HOH E 5 .   ? -12.112 -6.220  9.418   1.00 36.48 ? 546 HOH A O     1 
HETATM 1292 O  O     . HOH E 5 .   ? -4.599  15.103  7.155   1.00 51.15 ? 547 HOH A O     1 
HETATM 1293 O  O     . HOH E 5 .   ? -11.366 -8.577  -8.145  1.00 38.91 ? 548 HOH A O     1 
HETATM 1294 O  O     . HOH E 5 .   ? -15.687 -1.718  0.478   1.00 40.45 ? 549 HOH A O     1 
HETATM 1295 O  O     . HOH E 5 .   ? 2.673   14.147  -8.436  1.00 32.47 ? 550 HOH A O     1 
HETATM 1296 O  O     . HOH E 5 .   ? 7.546   0.433   -18.816 1.00 50.04 ? 551 HOH A O     1 
HETATM 1297 O  O     . HOH E 5 .   ? -9.441  -15.813 2.842   1.00 36.51 ? 552 HOH A O     1 
HETATM 1298 O  O     . HOH E 5 .   ? -8.617  4.577   -8.294  1.00 43.37 ? 553 HOH A O     1 
HETATM 1299 O  O     . HOH E 5 .   ? 6.678   -1.588  13.151  1.00 41.64 ? 554 HOH A O     1 
HETATM 1300 O  O     . HOH E 5 .   ? 4.218   -2.383  13.126  1.00 40.41 ? 555 HOH A O     1 
HETATM 1301 O  O     . HOH E 5 .   ? 2.080   18.779  7.941   1.00 44.66 ? 556 HOH A O     1 
HETATM 1302 O  O     . HOH E 5 .   ? 5.101   -9.672  -13.393 1.00 38.14 ? 557 HOH A O     1 
HETATM 1303 O  O     . HOH E 5 .   ? 14.175  2.849   -2.125  1.00 40.99 ? 558 HOH A O     1 
HETATM 1304 O  O     . HOH E 5 .   ? 5.133   -0.900  -15.814 1.00 52.01 ? 559 HOH A O     1 
HETATM 1305 O  O     . HOH E 5 .   ? 10.114  8.277   -14.455 1.00 38.28 ? 560 HOH A O     1 
HETATM 1306 O  O     . HOH E 5 .   ? -17.566 -6.508  -5.827  1.00 39.52 ? 561 HOH A O     1 
HETATM 1307 O  O     . HOH E 5 .   ? -4.401  -10.182 -13.366 1.00 45.38 ? 562 HOH A O     1 
HETATM 1308 O  O     . HOH E 5 .   ? 13.952  -8.190  -7.431  1.00 49.26 ? 563 HOH A O     1 
HETATM 1309 O  O     . HOH E 5 .   ? -4.884  -8.222  -12.371 1.00 40.63 ? 564 HOH A O     1 
HETATM 1310 O  O     . HOH E 5 .   ? -3.564  21.390  3.731   1.00 46.61 ? 565 HOH A O     1 
HETATM 1311 O  O     . HOH E 5 .   ? -2.329  3.404   7.204   1.00 30.02 ? 566 HOH A O     1 
HETATM 1312 O  O     . HOH E 5 .   ? -5.442  4.866   -9.131  1.00 30.31 ? 567 HOH A O     1 
HETATM 1313 O  O     . HOH E 5 .   ? -2.462  3.190   -14.271 1.00 47.42 ? 568 HOH A O     1 
HETATM 1314 O  O     . HOH E 5 .   ? -12.824 20.259  0.591   1.00 32.40 ? 569 HOH A O     1 
HETATM 1315 O  O     . HOH E 5 .   ? -0.111  2.404   -13.291 1.00 32.20 ? 570 HOH A O     1 
HETATM 1316 O  O     . HOH E 5 .   ? -9.353  2.163   -8.729  1.00 43.93 ? 571 HOH A O     1 
HETATM 1317 O  O     . HOH E 5 .   ? -5.682  -9.001  -10.744 1.00 43.73 ? 572 HOH A O     1 
HETATM 1318 O  O     . HOH E 5 .   ? -1.921  14.704  -9.636  1.00 41.36 ? 573 HOH A O     1 
HETATM 1319 O  O     . HOH E 5 .   ? -14.481 -6.260  9.127   1.00 38.86 ? 574 HOH A O     1 
HETATM 1320 O  O     . HOH E 5 .   ? -0.418  -2.194  -14.268 1.00 40.32 ? 575 HOH A O     1 
HETATM 1321 O  O     . HOH E 5 .   ? -3.675  10.321  -9.749  1.00 32.89 ? 576 HOH A O     1 
HETATM 1322 O  O     . HOH E 5 .   ? 0.457   15.053  -10.435 1.00 35.74 ? 577 HOH A O     1 
HETATM 1323 O  O     . HOH E 5 .   ? -3.751  -2.881  11.381  1.00 47.15 ? 578 HOH A O     1 
HETATM 1324 O  O     . HOH E 5 .   ? 15.237  -1.835  -4.956  1.00 45.61 ? 579 HOH A O     1 
HETATM 1325 O  O     . HOH E 5 .   ? 10.337  -10.605 6.496   1.00 39.52 ? 580 HOH A O     1 
HETATM 1326 O  O     . HOH E 5 .   ? -13.491 -1.698  -7.645  1.00 43.36 ? 581 HOH A O     1 
HETATM 1327 O  O     . HOH E 5 .   ? -1.876  -2.751  13.748  1.00 33.66 ? 582 HOH A O     1 
HETATM 1328 O  O     . HOH E 5 .   ? -9.576  -17.067 -4.433  1.00 41.13 ? 583 HOH A O     1 
HETATM 1329 O  O     . HOH E 5 .   ? 3.619   17.347  9.615   1.00 44.95 ? 584 HOH A O     1 
HETATM 1330 O  O     . HOH E 5 .   ? -8.747  -6.775  -13.379 1.00 46.73 ? 585 HOH A O     1 
HETATM 1331 O  O     . HOH E 5 .   ? -5.173  16.572  -8.206  1.00 38.01 ? 586 HOH A O     1 
HETATM 1332 O  O     . HOH E 5 .   ? -7.014  -4.877  9.838   1.00 42.79 ? 587 HOH A O     1 
HETATM 1333 O  O     . HOH E 5 .   ? 1.417   -6.461  -15.018 1.00 41.76 ? 588 HOH A O     1 
HETATM 1334 O  O     . HOH E 5 .   ? -12.822 -8.569  6.268   1.00 39.32 ? 589 HOH A O     1 
HETATM 1335 O  O     . HOH E 5 .   ? 13.350  -9.037  -10.298 1.00 40.92 ? 590 HOH A O     1 
HETATM 1336 O  O     . HOH E 5 .   ? 4.743   0.315   16.053  1.00 43.90 ? 591 HOH A O     1 
HETATM 1337 O  O     . HOH E 5 .   ? -12.765 19.137  4.206   1.00 44.86 ? 592 HOH A O     1 
HETATM 1338 O  O     . HOH E 5 .   ? -0.394  18.004  -7.991  1.00 40.53 ? 593 HOH A O     1 
HETATM 1339 O  O     . HOH E 5 .   ? -13.390 -11.618 -2.759  1.00 43.99 ? 594 HOH A O     1 
HETATM 1340 O  O     . HOH E 5 .   ? 12.164  9.840   -0.375  1.00 34.93 ? 595 HOH A O     1 
HETATM 1341 O  O     . HOH E 5 .   ? 3.829   -4.075  17.212  1.00 51.34 ? 596 HOH A O     1 
HETATM 1342 O  O     . HOH E 5 .   ? -9.400  1.849   7.264   1.00 36.63 ? 597 HOH A O     1 
HETATM 1343 O  O     . HOH E 5 .   ? 0.203   19.694  4.559   1.00 50.32 ? 598 HOH A O     1 
HETATM 1344 O  O     . HOH E 5 .   ? 2.867   7.957   -15.559 1.00 42.48 ? 599 HOH A O     1 
HETATM 1345 O  O     . HOH E 5 .   ? -1.234  17.804  -3.987  1.00 48.27 ? 600 HOH A O     1 
HETATM 1346 O  O     . HOH E 5 .   ? 10.819  2.316   -17.802 1.00 43.20 ? 601 HOH A O     1 
HETATM 1347 O  O     . HOH E 5 .   ? 0.420   7.903   6.107   1.00 48.62 ? 602 HOH A O     1 
HETATM 1348 O  O     . HOH E 5 .   ? -10.491 -7.376  -12.197 1.00 47.04 ? 603 HOH A O     1 
HETATM 1349 O  O     . HOH E 5 .   ? -15.885 -8.591  4.033   1.00 52.12 ? 604 HOH A O     1 
HETATM 1350 O  O     . HOH E 5 .   ? 14.347  -2.818  -14.690 1.00 51.70 ? 605 HOH A O     1 
HETATM 1351 O  O     . HOH E 5 .   ? -12.474 0.452   -9.418  1.00 49.42 ? 606 HOH A O     1 
HETATM 1352 O  O     . HOH E 5 .   ? 10.043  -7.972  10.002  1.00 47.59 ? 607 HOH A O     1 
HETATM 1353 O  O     . HOH E 5 .   ? -3.044  -6.603  -16.074 1.00 43.21 ? 608 HOH A O     1 
# 
loop_
_pdbx_poly_seq_scheme.asym_id 
_pdbx_poly_seq_scheme.entity_id 
_pdbx_poly_seq_scheme.seq_id 
_pdbx_poly_seq_scheme.mon_id 
_pdbx_poly_seq_scheme.ndb_seq_num 
_pdbx_poly_seq_scheme.pdb_seq_num 
_pdbx_poly_seq_scheme.auth_seq_num 
_pdbx_poly_seq_scheme.pdb_mon_id 
_pdbx_poly_seq_scheme.auth_mon_id 
_pdbx_poly_seq_scheme.pdb_strand_id 
_pdbx_poly_seq_scheme.pdb_ins_code 
_pdbx_poly_seq_scheme.hetero 
A 1 1   ARG 1   9   9   ARG ARG A . n 
A 1 2   HIS 2   10  10  HIS HIS A . n 
A 1 3   LEU 3   11  11  LEU LEU A . n 
A 1 4   PRO 4   12  12  PRO PRO A . n 
A 1 5   TYR 5   13  13  TYR TYR A . n 
A 1 6   PHE 6   14  14  PHE PHE A . n 
A 1 7   CYS 7   15  15  CYS CYS A . n 
A 1 8   ARG 8   16  16  ARG ARG A . n 
A 1 9   GLY 9   17  17  GLY GLY A . n 
A 1 10  GLN 10  18  18  GLN GLN A . n 
A 1 11  VAL 11  19  19  VAL VAL A . n 
A 1 12  VAL 12  20  20  VAL VAL A . n 
A 1 13  ARG 13  21  21  ARG ARG A . n 
A 1 14  GLY 14  22  22  GLY GLY A . n 
A 1 15  PHE 15  23  23  PHE PHE A . n 
A 1 16  GLY 16  24  24  GLY GLY A . n 
A 1 17  ARG 17  25  25  ARG ARG A . n 
A 1 18  GLY 18  26  26  GLY GLY A . n 
A 1 19  SER 19  27  27  SER SER A . n 
A 1 20  LYS 20  28  28  LYS LYS A . n 
A 1 21  GLN 21  29  29  GLN GLN A . n 
A 1 22  LEU 22  30  30  LEU LEU A . n 
A 1 23  GLY 23  31  31  GLY GLY A . n 
A 1 24  ILE 24  32  32  ILE ILE A . n 
A 1 25  PRO 25  33  33  PRO PRO A . n 
A 1 26  THR 26  34  34  THR THR A . n 
A 1 27  ALA 27  35  35  ALA ALA A . n 
A 1 28  ASN 28  36  36  ASN ASN A . n 
A 1 29  PHE 29  37  37  PHE PHE A . n 
A 1 30  PRO 30  38  38  PRO PRO A . n 
A 1 31  GLU 31  39  39  GLU GLU A . n 
A 1 32  GLN 32  40  40  GLN GLN A . n 
A 1 33  VAL 33  41  41  VAL VAL A . n 
A 1 34  VAL 34  42  42  VAL VAL A . n 
A 1 35  ASP 35  43  43  ASP ASP A . n 
A 1 36  ASN 36  44  44  ASN ASN A . n 
A 1 37  LEU 37  45  45  LEU LEU A . n 
A 1 38  PRO 38  46  46  PRO PRO A . n 
A 1 39  ALA 39  47  47  ALA ALA A . n 
A 1 40  ASP 40  48  48  ASP ASP A . n 
A 1 41  ILE 41  49  49  ILE ILE A . n 
A 1 42  SER 42  50  50  SER SER A . n 
A 1 43  THR 43  51  51  THR THR A . n 
A 1 44  GLY 44  52  52  GLY GLY A . n 
A 1 45  ILE 45  53  53  ILE ILE A . n 
A 1 46  TYR 46  54  54  TYR TYR A . n 
A 1 47  TYR 47  55  55  TYR TYR A . n 
A 1 48  GLY 48  56  56  GLY GLY A . n 
A 1 49  TRP 49  57  57  TRP TRP A . n 
A 1 50  ALA 50  58  58  ALA ALA A . n 
A 1 51  SER 51  59  59  SER SER A . n 
A 1 52  VAL 52  60  60  VAL VAL A . n 
A 1 53  GLY 53  61  61  GLY GLY A . n 
A 1 54  SER 54  62  62  SER SER A . n 
A 1 55  GLY 55  63  63  GLY GLY A . n 
A 1 56  ASP 56  64  64  ASP ASP A . n 
A 1 57  VAL 57  65  65  VAL VAL A . n 
A 1 58  HIS 58  66  66  HIS HIS A . n 
A 1 59  LYS 59  67  67  LYS LYS A . n 
A 1 60  MET 60  68  68  MET MET A . n 
A 1 61  VAL 61  69  69  VAL VAL A . n 
A 1 62  VAL 62  70  70  VAL VAL A . n 
A 1 63  SER 63  71  71  SER SER A . n 
A 1 64  ILE 64  72  72  ILE ILE A . n 
A 1 65  GLY 65  73  73  GLY GLY A . n 
A 1 66  TRP 66  74  74  TRP TRP A . n 
A 1 67  ASN 67  75  75  ASN ASN A . n 
A 1 68  PRO 68  76  76  PRO PRO A . n 
A 1 69  TYR 69  77  77  TYR TYR A . n 
A 1 70  TYR 70  78  78  TYR TYR A . n 
A 1 71  LYS 71  79  79  LYS LYS A . n 
A 1 72  ASN 72  80  80  ASN ASN A . n 
A 1 73  THR 73  81  81  THR THR A . n 
A 1 74  LYS 74  82  82  LYS LYS A . n 
A 1 75  LYS 75  83  83  LYS LYS A . n 
A 1 76  SER 76  84  84  SER SER A . n 
A 1 77  MET 77  85  85  MET MET A . n 
A 1 78  GLU 78  86  86  GLU GLU A . n 
A 1 79  THR 79  87  87  THR THR A . n 
A 1 80  HIS 80  88  88  HIS HIS A . n 
A 1 81  ILE 81  89  89  ILE ILE A . n 
A 1 82  MET 82  90  90  MET MET A . n 
A 1 83  HIS 83  91  91  HIS HIS A . n 
A 1 84  THR 84  92  92  THR THR A . n 
A 1 85  PHE 85  93  93  PHE PHE A . n 
A 1 86  LYS 86  94  94  LYS LYS A . n 
A 1 87  GLU 87  95  95  GLU GLU A . n 
A 1 88  ASP 88  96  96  ASP ASP A . n 
A 1 89  PHE 89  97  97  PHE PHE A . n 
A 1 90  TYR 90  98  98  TYR TYR A . n 
A 1 91  GLY 91  99  99  GLY GLY A . n 
A 1 92  GLU 92  100 100 GLU GLU A . n 
A 1 93  ILE 93  101 101 ILE ILE A . n 
A 1 94  LEU 94  102 102 LEU LEU A . n 
A 1 95  ASN 95  103 103 ASN ASN A . n 
A 1 96  VAL 96  104 104 VAL VAL A . n 
A 1 97  ALA 97  105 105 ALA ALA A . n 
A 1 98  ILE 98  106 106 ILE ILE A . n 
A 1 99  VAL 99  107 107 VAL VAL A . n 
A 1 100 GLY 100 108 108 GLY GLY A . n 
A 1 101 TYR 101 109 109 TYR TYR A . n 
A 1 102 LEU 102 110 110 LEU LEU A . n 
A 1 103 ARG 103 111 111 ARG ARG A . n 
A 1 104 PRO 104 112 112 PRO PRO A . n 
A 1 105 GLU 105 113 113 GLU GLU A . n 
A 1 106 LYS 106 114 114 LYS LYS A . n 
A 1 107 ASN 107 115 115 ASN ASN A . n 
A 1 108 PHE 108 116 116 PHE PHE A . n 
A 1 109 ASP 109 117 117 ASP ASP A . n 
A 1 110 SER 110 118 118 SER SER A . n 
A 1 111 LEU 111 119 119 LEU LEU A . n 
A 1 112 GLU 112 120 120 GLU GLU A . n 
A 1 113 SER 113 121 121 SER SER A . n 
A 1 114 LEU 114 122 122 LEU LEU A . n 
A 1 115 ILE 115 123 123 ILE ILE A . n 
A 1 116 SER 116 124 124 SER SER A . n 
A 1 117 ALA 117 125 125 ALA ALA A . n 
A 1 118 ILE 118 126 126 ILE ILE A . n 
A 1 119 GLN 119 127 127 GLN GLN A . n 
A 1 120 GLY 120 128 128 GLY GLY A . n 
A 1 121 ASP 121 129 129 ASP ASP A . n 
A 1 122 ILE 122 130 130 ILE ILE A . n 
A 1 123 GLU 123 131 131 GLU GLU A . n 
A 1 124 GLU 124 132 132 GLU GLU A . n 
A 1 125 ALA 125 133 133 ALA ALA A . n 
A 1 126 LYS 126 134 134 LYS LYS A . n 
A 1 127 LYS 127 135 135 LYS LYS A . n 
A 1 128 ARG 128 136 136 ARG ARG A . n 
A 1 129 LEU 129 137 137 LEU LEU A . n 
A 1 130 GLU 130 138 138 GLU GLU A . n 
A 1 131 LEU 131 139 139 LEU LEU A . n 
A 1 132 PRO 132 140 140 PRO PRO A . n 
A 1 133 GLU 133 141 141 GLU GLU A . n 
A 1 134 TYR 134 142 142 TYR TYR A . n 
A 1 135 LEU 135 143 143 LEU LEU A . n 
A 1 136 LYS 136 144 144 LYS LYS A . n 
A 1 137 ILE 137 145 145 ILE ILE A . n 
A 1 138 LYS 138 146 146 LYS LYS A . n 
A 1 139 GLU 139 147 147 GLU GLU A . n 
A 1 140 ASP 140 148 148 ASP ASP A . n 
A 1 141 ASN 141 149 149 ASN ASN A . n 
A 1 142 PHE 142 150 150 PHE PHE A . n 
A 1 143 PHE 143 151 151 PHE PHE A . n 
A 1 144 GLN 144 152 152 GLN GLN A . n 
A 1 145 VAL 145 153 153 VAL VAL A . n 
A 1 146 SER 146 154 154 SER SER A . n 
A 1 147 LYS 147 155 155 LYS LYS A . n 
# 
loop_
_pdbx_nonpoly_scheme.asym_id 
_pdbx_nonpoly_scheme.entity_id 
_pdbx_nonpoly_scheme.mon_id 
_pdbx_nonpoly_scheme.ndb_seq_num 
_pdbx_nonpoly_scheme.pdb_seq_num 
_pdbx_nonpoly_scheme.auth_seq_num 
_pdbx_nonpoly_scheme.pdb_mon_id 
_pdbx_nonpoly_scheme.auth_mon_id 
_pdbx_nonpoly_scheme.pdb_strand_id 
_pdbx_nonpoly_scheme.pdb_ins_code 
B 2 MG  1   201 201 MG  MG  A . 
C 3 ADP 1   301 301 ADP ADP A . 
D 4 FMN 1   401 401 FMN FMN A . 
E 5 HOH 1   501 501 HOH HOH A . 
E 5 HOH 2   502 502 HOH HOH A . 
E 5 HOH 3   503 503 HOH HOH A . 
E 5 HOH 4   504 504 HOH HOH A . 
E 5 HOH 5   505 505 HOH HOH A . 
E 5 HOH 6   506 506 HOH HOH A . 
E 5 HOH 7   507 507 HOH HOH A . 
E 5 HOH 8   508 508 HOH HOH A . 
E 5 HOH 9   509 509 HOH HOH A . 
E 5 HOH 10  510 510 HOH HOH A . 
E 5 HOH 11  511 511 HOH HOH A . 
E 5 HOH 12  512 512 HOH HOH A . 
E 5 HOH 13  513 513 HOH HOH A . 
E 5 HOH 14  514 514 HOH HOH A . 
E 5 HOH 15  515 515 HOH HOH A . 
E 5 HOH 16  516 516 HOH HOH A . 
E 5 HOH 17  517 517 HOH HOH A . 
E 5 HOH 18  518 518 HOH HOH A . 
E 5 HOH 19  519 519 HOH HOH A . 
E 5 HOH 20  520 520 HOH HOH A . 
E 5 HOH 21  521 521 HOH HOH A . 
E 5 HOH 22  522 522 HOH HOH A . 
E 5 HOH 23  523 523 HOH HOH A . 
E 5 HOH 24  524 524 HOH HOH A . 
E 5 HOH 25  525 525 HOH HOH A . 
E 5 HOH 26  526 526 HOH HOH A . 
E 5 HOH 27  527 527 HOH HOH A . 
E 5 HOH 28  528 528 HOH HOH A . 
E 5 HOH 29  529 529 HOH HOH A . 
E 5 HOH 30  530 530 HOH HOH A . 
E 5 HOH 31  531 531 HOH HOH A . 
E 5 HOH 32  532 532 HOH HOH A . 
E 5 HOH 33  533 533 HOH HOH A . 
E 5 HOH 34  534 534 HOH HOH A . 
E 5 HOH 35  535 535 HOH HOH A . 
E 5 HOH 36  536 536 HOH HOH A . 
E 5 HOH 37  537 537 HOH HOH A . 
E 5 HOH 38  538 538 HOH HOH A . 
E 5 HOH 39  539 539 HOH HOH A . 
E 5 HOH 40  540 540 HOH HOH A . 
E 5 HOH 41  541 541 HOH HOH A . 
E 5 HOH 42  542 542 HOH HOH A . 
E 5 HOH 43  543 543 HOH HOH A . 
E 5 HOH 44  544 544 HOH HOH A . 
E 5 HOH 45  545 545 HOH HOH A . 
E 5 HOH 46  546 546 HOH HOH A . 
E 5 HOH 47  547 547 HOH HOH A . 
E 5 HOH 48  548 548 HOH HOH A . 
E 5 HOH 49  549 549 HOH HOH A . 
E 5 HOH 50  550 550 HOH HOH A . 
E 5 HOH 51  551 551 HOH HOH A . 
E 5 HOH 52  552 552 HOH HOH A . 
E 5 HOH 53  553 553 HOH HOH A . 
E 5 HOH 54  554 554 HOH HOH A . 
E 5 HOH 55  555 555 HOH HOH A . 
E 5 HOH 56  556 556 HOH HOH A . 
E 5 HOH 57  557 557 HOH HOH A . 
E 5 HOH 58  558 558 HOH HOH A . 
E 5 HOH 59  559 559 HOH HOH A . 
E 5 HOH 60  560 560 HOH HOH A . 
E 5 HOH 61  561 561 HOH HOH A . 
E 5 HOH 62  562 562 HOH HOH A . 
E 5 HOH 63  563 563 HOH HOH A . 
E 5 HOH 64  564 564 HOH HOH A . 
E 5 HOH 65  565 565 HOH HOH A . 
E 5 HOH 66  566 566 HOH HOH A . 
E 5 HOH 67  567 567 HOH HOH A . 
E 5 HOH 68  568 568 HOH HOH A . 
E 5 HOH 69  569 569 HOH HOH A . 
E 5 HOH 70  570 570 HOH HOH A . 
E 5 HOH 71  571 571 HOH HOH A . 
E 5 HOH 72  572 572 HOH HOH A . 
E 5 HOH 73  573 573 HOH HOH A . 
E 5 HOH 74  574 574 HOH HOH A . 
E 5 HOH 75  575 575 HOH HOH A . 
E 5 HOH 76  576 576 HOH HOH A . 
E 5 HOH 77  577 577 HOH HOH A . 
E 5 HOH 78  578 578 HOH HOH A . 
E 5 HOH 79  579 579 HOH HOH A . 
E 5 HOH 80  580 580 HOH HOH A . 
E 5 HOH 81  581 581 HOH HOH A . 
E 5 HOH 82  582 582 HOH HOH A . 
E 5 HOH 83  583 583 HOH HOH A . 
E 5 HOH 84  584 584 HOH HOH A . 
E 5 HOH 85  585 585 HOH HOH A . 
E 5 HOH 86  586 586 HOH HOH A . 
E 5 HOH 87  587 587 HOH HOH A . 
E 5 HOH 88  588 588 HOH HOH A . 
E 5 HOH 89  589 589 HOH HOH A . 
E 5 HOH 90  590 590 HOH HOH A . 
E 5 HOH 91  591 591 HOH HOH A . 
E 5 HOH 92  592 592 HOH HOH A . 
E 5 HOH 93  593 593 HOH HOH A . 
E 5 HOH 94  594 594 HOH HOH A . 
E 5 HOH 95  595 595 HOH HOH A . 
E 5 HOH 96  596 596 HOH HOH A . 
E 5 HOH 97  597 597 HOH HOH A . 
E 5 HOH 98  598 598 HOH HOH A . 
E 5 HOH 99  599 599 HOH HOH A . 
E 5 HOH 100 600 600 HOH HOH A . 
E 5 HOH 101 601 601 HOH HOH A . 
E 5 HOH 102 602 602 HOH HOH A . 
E 5 HOH 103 603 603 HOH HOH A . 
E 5 HOH 104 604 604 HOH HOH A . 
E 5 HOH 105 605 605 HOH HOH A . 
E 5 HOH 106 606 606 HOH HOH A . 
E 5 HOH 107 607 607 HOH HOH A . 
E 5 HOH 108 608 608 HOH HOH A . 
# 
_pdbx_struct_assembly.id                   1 
_pdbx_struct_assembly.details              author_defined_assembly 
_pdbx_struct_assembly.method_details       ? 
_pdbx_struct_assembly.oligomeric_details   monomeric 
_pdbx_struct_assembly.oligomeric_count     1 
# 
_pdbx_struct_assembly_gen.assembly_id       1 
_pdbx_struct_assembly_gen.oper_expression   1 
_pdbx_struct_assembly_gen.asym_id_list      A,B,C,D,E 
# 
_pdbx_struct_oper_list.id                   1 
_pdbx_struct_oper_list.type                 'identity operation' 
_pdbx_struct_oper_list.name                 1_555 
_pdbx_struct_oper_list.symmetry_operation   x,y,z 
_pdbx_struct_oper_list.matrix[1][1]         1.0000000000 
_pdbx_struct_oper_list.matrix[1][2]         0.0000000000 
_pdbx_struct_oper_list.matrix[1][3]         0.0000000000 
_pdbx_struct_oper_list.vector[1]            0.0000000000 
_pdbx_struct_oper_list.matrix[2][1]         0.0000000000 
_pdbx_struct_oper_list.matrix[2][2]         1.0000000000 
_pdbx_struct_oper_list.matrix[2][3]         0.0000000000 
_pdbx_struct_oper_list.vector[2]            0.0000000000 
_pdbx_struct_oper_list.matrix[3][1]         0.0000000000 
_pdbx_struct_oper_list.matrix[3][2]         0.0000000000 
_pdbx_struct_oper_list.matrix[3][3]         1.0000000000 
_pdbx_struct_oper_list.vector[3]            0.0000000000 
# 
loop_
_pdbx_struct_conn_angle.id 
_pdbx_struct_conn_angle.ptnr1_label_atom_id 
_pdbx_struct_conn_angle.ptnr1_label_alt_id 
_pdbx_struct_conn_angle.ptnr1_label_asym_id 
_pdbx_struct_conn_angle.ptnr1_label_comp_id 
_pdbx_struct_conn_angle.ptnr1_label_seq_id 
_pdbx_struct_conn_angle.ptnr1_auth_atom_id 
_pdbx_struct_conn_angle.ptnr1_auth_asym_id 
_pdbx_struct_conn_angle.ptnr1_auth_comp_id 
_pdbx_struct_conn_angle.ptnr1_auth_seq_id 
_pdbx_struct_conn_angle.ptnr1_PDB_ins_code 
_pdbx_struct_conn_angle.ptnr1_symmetry 
_pdbx_struct_conn_angle.ptnr2_label_atom_id 
_pdbx_struct_conn_angle.ptnr2_label_alt_id 
_pdbx_struct_conn_angle.ptnr2_label_asym_id 
_pdbx_struct_conn_angle.ptnr2_label_comp_id 
_pdbx_struct_conn_angle.ptnr2_label_seq_id 
_pdbx_struct_conn_angle.ptnr2_auth_atom_id 
_pdbx_struct_conn_angle.ptnr2_auth_asym_id 
_pdbx_struct_conn_angle.ptnr2_auth_comp_id 
_pdbx_struct_conn_angle.ptnr2_auth_seq_id 
_pdbx_struct_conn_angle.ptnr2_PDB_ins_code 
_pdbx_struct_conn_angle.ptnr2_symmetry 
_pdbx_struct_conn_angle.ptnr3_label_atom_id 
_pdbx_struct_conn_angle.ptnr3_label_alt_id 
_pdbx_struct_conn_angle.ptnr3_label_asym_id 
_pdbx_struct_conn_angle.ptnr3_label_comp_id 
_pdbx_struct_conn_angle.ptnr3_label_seq_id 
_pdbx_struct_conn_angle.ptnr3_auth_atom_id 
_pdbx_struct_conn_angle.ptnr3_auth_asym_id 
_pdbx_struct_conn_angle.ptnr3_auth_comp_id 
_pdbx_struct_conn_angle.ptnr3_auth_seq_id 
_pdbx_struct_conn_angle.ptnr3_PDB_ins_code 
_pdbx_struct_conn_angle.ptnr3_symmetry 
_pdbx_struct_conn_angle.value 
_pdbx_struct_conn_angle.value_esd 
1  O   ? A THR 26 ? A THR 34  ? 1_555 MG ? B MG . ? A MG 201 ? 1_555 OG1 ? A THR 26 ? A THR 34  ? 1_555 89.6  ? 
2  O   ? A THR 26 ? A THR 34  ? 1_555 MG ? B MG . ? A MG 201 ? 1_555 O1B ? C ADP .  ? A ADP 301 ? 1_555 94.0  ? 
3  OG1 ? A THR 26 ? A THR 34  ? 1_555 MG ? B MG . ? A MG 201 ? 1_555 O1B ? C ADP .  ? A ADP 301 ? 1_555 176.1 ? 
4  O   ? A THR 26 ? A THR 34  ? 1_555 MG ? B MG . ? A MG 201 ? 1_555 O2A ? C ADP .  ? A ADP 301 ? 1_555 91.8  ? 
5  OG1 ? A THR 26 ? A THR 34  ? 1_555 MG ? B MG . ? A MG 201 ? 1_555 O2A ? C ADP .  ? A ADP 301 ? 1_555 89.3  ? 
6  O1B ? C ADP .  ? A ADP 301 ? 1_555 MG ? B MG . ? A MG 201 ? 1_555 O2A ? C ADP .  ? A ADP 301 ? 1_555 92.3  ? 
7  O   ? A THR 26 ? A THR 34  ? 1_555 MG ? B MG . ? A MG 201 ? 1_555 O1P ? D FMN .  ? A FMN 401 ? 1_555 172.6 ? 
8  OG1 ? A THR 26 ? A THR 34  ? 1_555 MG ? B MG . ? A MG 201 ? 1_555 O1P ? D FMN .  ? A FMN 401 ? 1_555 83.2  ? 
9  O1B ? C ADP .  ? A ADP 301 ? 1_555 MG ? B MG . ? A MG 201 ? 1_555 O1P ? D FMN .  ? A FMN 401 ? 1_555 93.3  ? 
10 O2A ? C ADP .  ? A ADP 301 ? 1_555 MG ? B MG . ? A MG 201 ? 1_555 O1P ? D FMN .  ? A FMN 401 ? 1_555 89.3  ? 
11 O   ? A THR 26 ? A THR 34  ? 1_555 MG ? B MG . ? A MG 201 ? 1_555 O   ? E HOH .  ? A HOH 502 ? 1_555 89.0  ? 
12 OG1 ? A THR 26 ? A THR 34  ? 1_555 MG ? B MG . ? A MG 201 ? 1_555 O   ? E HOH .  ? A HOH 502 ? 1_555 85.1  ? 
13 O1B ? C ADP .  ? A ADP 301 ? 1_555 MG ? B MG . ? A MG 201 ? 1_555 O   ? E HOH .  ? A HOH 502 ? 1_555 93.2  ? 
14 O2A ? C ADP .  ? A ADP 301 ? 1_555 MG ? B MG . ? A MG 201 ? 1_555 O   ? E HOH .  ? A HOH 502 ? 1_555 174.4 ? 
15 O1P ? D FMN .  ? A FMN 401 ? 1_555 MG ? B MG . ? A MG 201 ? 1_555 O   ? E HOH .  ? A HOH 502 ? 1_555 89.3  ? 
# 
loop_
_pdbx_audit_revision_history.ordinal 
_pdbx_audit_revision_history.data_content_type 
_pdbx_audit_revision_history.major_revision 
_pdbx_audit_revision_history.minor_revision 
_pdbx_audit_revision_history.revision_date 
1 'Structure model' 1 0 2003-05-13 
2 'Structure model' 1 1 2008-04-29 
3 'Structure model' 1 2 2011-07-13 
4 'Structure model' 1 3 2023-08-16 
# 
_pdbx_audit_revision_details.ordinal             1 
_pdbx_audit_revision_details.revision_ordinal    1 
_pdbx_audit_revision_details.data_content_type   'Structure model' 
_pdbx_audit_revision_details.provider            repository 
_pdbx_audit_revision_details.type                'Initial release' 
_pdbx_audit_revision_details.description         ? 
_pdbx_audit_revision_details.details             ? 
# 
loop_
_pdbx_audit_revision_group.ordinal 
_pdbx_audit_revision_group.revision_ordinal 
_pdbx_audit_revision_group.data_content_type 
_pdbx_audit_revision_group.group 
1 2 'Structure model' 'Version format compliance' 
2 3 'Structure model' Advisory                    
3 3 'Structure model' 'Version format compliance' 
4 4 'Structure model' 'Data collection'           
5 4 'Structure model' 'Database references'       
6 4 'Structure model' 'Derived calculations'      
7 4 'Structure model' 'Refinement description'    
# 
loop_
_pdbx_audit_revision_category.ordinal 
_pdbx_audit_revision_category.revision_ordinal 
_pdbx_audit_revision_category.data_content_type 
_pdbx_audit_revision_category.category 
1 4 'Structure model' chem_comp_atom                
2 4 'Structure model' chem_comp_bond                
3 4 'Structure model' database_2                    
4 4 'Structure model' pdbx_initial_refinement_model 
5 4 'Structure model' pdbx_struct_conn_angle        
6 4 'Structure model' struct_conn                   
7 4 'Structure model' struct_ref_seq_dif            
8 4 'Structure model' struct_site                   
# 
loop_
_pdbx_audit_revision_item.ordinal 
_pdbx_audit_revision_item.revision_ordinal 
_pdbx_audit_revision_item.data_content_type 
_pdbx_audit_revision_item.item 
1  4 'Structure model' '_database_2.pdbx_DOI'                        
2  4 'Structure model' '_database_2.pdbx_database_accession'         
3  4 'Structure model' '_pdbx_struct_conn_angle.ptnr1_auth_comp_id'  
4  4 'Structure model' '_pdbx_struct_conn_angle.ptnr1_auth_seq_id'   
5  4 'Structure model' '_pdbx_struct_conn_angle.ptnr1_label_asym_id' 
6  4 'Structure model' '_pdbx_struct_conn_angle.ptnr1_label_atom_id' 
7  4 'Structure model' '_pdbx_struct_conn_angle.ptnr1_label_comp_id' 
8  4 'Structure model' '_pdbx_struct_conn_angle.ptnr1_label_seq_id'  
9  4 'Structure model' '_pdbx_struct_conn_angle.ptnr3_auth_comp_id'  
10 4 'Structure model' '_pdbx_struct_conn_angle.ptnr3_auth_seq_id'   
11 4 'Structure model' '_pdbx_struct_conn_angle.ptnr3_label_asym_id' 
12 4 'Structure model' '_pdbx_struct_conn_angle.ptnr3_label_atom_id' 
13 4 'Structure model' '_pdbx_struct_conn_angle.ptnr3_label_comp_id' 
14 4 'Structure model' '_pdbx_struct_conn_angle.ptnr3_label_seq_id'  
15 4 'Structure model' '_pdbx_struct_conn_angle.value'               
16 4 'Structure model' '_struct_conn.pdbx_dist_value'                
17 4 'Structure model' '_struct_conn.ptnr1_auth_comp_id'             
18 4 'Structure model' '_struct_conn.ptnr1_auth_seq_id'              
19 4 'Structure model' '_struct_conn.ptnr1_label_asym_id'            
20 4 'Structure model' '_struct_conn.ptnr1_label_atom_id'            
21 4 'Structure model' '_struct_conn.ptnr1_label_comp_id'            
22 4 'Structure model' '_struct_conn.ptnr1_label_seq_id'             
23 4 'Structure model' '_struct_conn.ptnr2_auth_comp_id'             
24 4 'Structure model' '_struct_conn.ptnr2_auth_seq_id'              
25 4 'Structure model' '_struct_conn.ptnr2_label_asym_id'            
26 4 'Structure model' '_struct_conn.ptnr2_label_atom_id'            
27 4 'Structure model' '_struct_conn.ptnr2_label_comp_id'            
28 4 'Structure model' '_struct_conn.ptnr2_label_seq_id'             
29 4 'Structure model' '_struct_ref_seq_dif.details'                 
30 4 'Structure model' '_struct_site.pdbx_auth_asym_id'              
31 4 'Structure model' '_struct_site.pdbx_auth_comp_id'              
32 4 'Structure model' '_struct_site.pdbx_auth_seq_id'               
# 
_pdbx_refine_tls.id               1 
_pdbx_refine_tls.details          ? 
_pdbx_refine_tls.method           refined 
_pdbx_refine_tls.origin_x         0.1047 
_pdbx_refine_tls.origin_y         -0.0198 
_pdbx_refine_tls.origin_z         -0.0745 
_pdbx_refine_tls.T[1][1]          0.0538 
_pdbx_refine_tls.T[2][2]          0.0679 
_pdbx_refine_tls.T[3][3]          0.0416 
_pdbx_refine_tls.T[1][2]          0.0284 
_pdbx_refine_tls.T[1][3]          -0.0116 
_pdbx_refine_tls.T[2][3]          0.0339 
_pdbx_refine_tls.L[1][1]          1.1578 
_pdbx_refine_tls.L[2][2]          2.3531 
_pdbx_refine_tls.L[3][3]          0.7792 
_pdbx_refine_tls.L[1][2]          -0.2152 
_pdbx_refine_tls.L[1][3]          -0.0862 
_pdbx_refine_tls.L[2][3]          -0.5494 
_pdbx_refine_tls.S[1][1]          -0.0152 
_pdbx_refine_tls.S[1][2]          -0.0467 
_pdbx_refine_tls.S[1][3]          0.0014 
_pdbx_refine_tls.S[2][1]          -0.0195 
_pdbx_refine_tls.S[2][2]          -0.0510 
_pdbx_refine_tls.S[2][3]          -0.0399 
_pdbx_refine_tls.S[3][1]          0.0108 
_pdbx_refine_tls.S[3][2]          0.0525 
_pdbx_refine_tls.S[3][3]          0.0661 
_pdbx_refine_tls.pdbx_refine_id   'X-RAY DIFFRACTION' 
# 
_pdbx_refine_tls_group.id                  1 
_pdbx_refine_tls_group.refine_tls_id       1 
_pdbx_refine_tls_group.beg_label_asym_id   A 
_pdbx_refine_tls_group.beg_label_seq_id    1 
_pdbx_refine_tls_group.beg_auth_seq_id     9 
_pdbx_refine_tls_group.end_label_asym_id   A 
_pdbx_refine_tls_group.end_label_seq_id    147 
_pdbx_refine_tls_group.end_auth_seq_id     155 
_pdbx_refine_tls_group.selection           ? 
_pdbx_refine_tls_group.beg_auth_asym_id    A 
_pdbx_refine_tls_group.end_auth_asym_id    A 
_pdbx_refine_tls_group.pdbx_refine_id      'X-RAY DIFFRACTION' 
_pdbx_refine_tls_group.selection_details   ? 
# 
loop_
_software.name 
_software.classification 
_software.version 
_software.citation_id 
_software.pdbx_ordinal 
HKL-2000  'data collection' .      ? 1 
SCALEPACK 'data scaling'    .      ? 2 
AMoRE     phasing           .      ? 3 
REFMAC    refinement        5.1.27 ? 4 
HKL-2000  'data reduction'  .      ? 5 
# 
loop_
_pdbx_validate_close_contact.id 
_pdbx_validate_close_contact.PDB_model_num 
_pdbx_validate_close_contact.auth_atom_id_1 
_pdbx_validate_close_contact.auth_asym_id_1 
_pdbx_validate_close_contact.auth_comp_id_1 
_pdbx_validate_close_contact.auth_seq_id_1 
_pdbx_validate_close_contact.PDB_ins_code_1 
_pdbx_validate_close_contact.label_alt_id_1 
_pdbx_validate_close_contact.auth_atom_id_2 
_pdbx_validate_close_contact.auth_asym_id_2 
_pdbx_validate_close_contact.auth_comp_id_2 
_pdbx_validate_close_contact.auth_seq_id_2 
_pdbx_validate_close_contact.PDB_ins_code_2 
_pdbx_validate_close_contact.label_alt_id_2 
_pdbx_validate_close_contact.dist 
1 1 O A HOH 564 ? ? O A HOH 572 ? ? 1.97 
2 1 O A HOH 585 ? ? O A HOH 603 ? ? 2.19 
# 
loop_
_pdbx_validate_torsion.id 
_pdbx_validate_torsion.PDB_model_num 
_pdbx_validate_torsion.auth_comp_id 
_pdbx_validate_torsion.auth_asym_id 
_pdbx_validate_torsion.auth_seq_id 
_pdbx_validate_torsion.PDB_ins_code 
_pdbx_validate_torsion.label_alt_id 
_pdbx_validate_torsion.phi 
_pdbx_validate_torsion.psi 
1 1 GLU A 39 ? ? -39.27 -39.47  
2 1 ASN A 80 ? ? 67.88  -171.63 
# 
loop_
_pdbx_unobs_or_zero_occ_atoms.id 
_pdbx_unobs_or_zero_occ_atoms.PDB_model_num 
_pdbx_unobs_or_zero_occ_atoms.polymer_flag 
_pdbx_unobs_or_zero_occ_atoms.occupancy_flag 
_pdbx_unobs_or_zero_occ_atoms.auth_asym_id 
_pdbx_unobs_or_zero_occ_atoms.auth_comp_id 
_pdbx_unobs_or_zero_occ_atoms.auth_seq_id 
_pdbx_unobs_or_zero_occ_atoms.PDB_ins_code 
_pdbx_unobs_or_zero_occ_atoms.auth_atom_id 
_pdbx_unobs_or_zero_occ_atoms.label_alt_id 
_pdbx_unobs_or_zero_occ_atoms.label_asym_id 
_pdbx_unobs_or_zero_occ_atoms.label_comp_id 
_pdbx_unobs_or_zero_occ_atoms.label_seq_id 
_pdbx_unobs_or_zero_occ_atoms.label_atom_id 
1 1 Y 1 A ARG 9 ? CB  ? A ARG 1 CB  
2 1 Y 1 A ARG 9 ? CG  ? A ARG 1 CG  
3 1 Y 1 A ARG 9 ? CD  ? A ARG 1 CD  
4 1 Y 1 A ARG 9 ? NE  ? A ARG 1 NE  
5 1 Y 1 A ARG 9 ? CZ  ? A ARG 1 CZ  
6 1 Y 1 A ARG 9 ? NH1 ? A ARG 1 NH1 
7 1 Y 1 A ARG 9 ? NH2 ? A ARG 1 NH2 
# 
loop_
_chem_comp_atom.comp_id 
_chem_comp_atom.atom_id 
_chem_comp_atom.type_symbol 
_chem_comp_atom.pdbx_aromatic_flag 
_chem_comp_atom.pdbx_stereo_config 
_chem_comp_atom.pdbx_ordinal 
ADP PB     P  N N 1   
ADP O1B    O  N N 2   
ADP O2B    O  N N 3   
ADP O3B    O  N N 4   
ADP PA     P  N S 5   
ADP O1A    O  N N 6   
ADP O2A    O  N N 7   
ADP O3A    O  N N 8   
ADP "O5'"  O  N N 9   
ADP "C5'"  C  N N 10  
ADP "C4'"  C  N R 11  
ADP "O4'"  O  N N 12  
ADP "C3'"  C  N S 13  
ADP "O3'"  O  N N 14  
ADP "C2'"  C  N R 15  
ADP "O2'"  O  N N 16  
ADP "C1'"  C  N R 17  
ADP N9     N  Y N 18  
ADP C8     C  Y N 19  
ADP N7     N  Y N 20  
ADP C5     C  Y N 21  
ADP C6     C  Y N 22  
ADP N6     N  N N 23  
ADP N1     N  Y N 24  
ADP C2     C  Y N 25  
ADP N3     N  Y N 26  
ADP C4     C  Y N 27  
ADP HOB2   H  N N 28  
ADP HOB3   H  N N 29  
ADP HOA2   H  N N 30  
ADP "H5'1" H  N N 31  
ADP "H5'2" H  N N 32  
ADP "H4'"  H  N N 33  
ADP "H3'"  H  N N 34  
ADP "HO3'" H  N N 35  
ADP "H2'"  H  N N 36  
ADP "HO2'" H  N N 37  
ADP "H1'"  H  N N 38  
ADP H8     H  N N 39  
ADP HN61   H  N N 40  
ADP HN62   H  N N 41  
ADP H2     H  N N 42  
ALA N      N  N N 43  
ALA CA     C  N S 44  
ALA C      C  N N 45  
ALA O      O  N N 46  
ALA CB     C  N N 47  
ALA OXT    O  N N 48  
ALA H      H  N N 49  
ALA H2     H  N N 50  
ALA HA     H  N N 51  
ALA HB1    H  N N 52  
ALA HB2    H  N N 53  
ALA HB3    H  N N 54  
ALA HXT    H  N N 55  
ARG N      N  N N 56  
ARG CA     C  N S 57  
ARG C      C  N N 58  
ARG O      O  N N 59  
ARG CB     C  N N 60  
ARG CG     C  N N 61  
ARG CD     C  N N 62  
ARG NE     N  N N 63  
ARG CZ     C  N N 64  
ARG NH1    N  N N 65  
ARG NH2    N  N N 66  
ARG OXT    O  N N 67  
ARG H      H  N N 68  
ARG H2     H  N N 69  
ARG HA     H  N N 70  
ARG HB2    H  N N 71  
ARG HB3    H  N N 72  
ARG HG2    H  N N 73  
ARG HG3    H  N N 74  
ARG HD2    H  N N 75  
ARG HD3    H  N N 76  
ARG HE     H  N N 77  
ARG HH11   H  N N 78  
ARG HH12   H  N N 79  
ARG HH21   H  N N 80  
ARG HH22   H  N N 81  
ARG HXT    H  N N 82  
ASN N      N  N N 83  
ASN CA     C  N S 84  
ASN C      C  N N 85  
ASN O      O  N N 86  
ASN CB     C  N N 87  
ASN CG     C  N N 88  
ASN OD1    O  N N 89  
ASN ND2    N  N N 90  
ASN OXT    O  N N 91  
ASN H      H  N N 92  
ASN H2     H  N N 93  
ASN HA     H  N N 94  
ASN HB2    H  N N 95  
ASN HB3    H  N N 96  
ASN HD21   H  N N 97  
ASN HD22   H  N N 98  
ASN HXT    H  N N 99  
ASP N      N  N N 100 
ASP CA     C  N S 101 
ASP C      C  N N 102 
ASP O      O  N N 103 
ASP CB     C  N N 104 
ASP CG     C  N N 105 
ASP OD1    O  N N 106 
ASP OD2    O  N N 107 
ASP OXT    O  N N 108 
ASP H      H  N N 109 
ASP H2     H  N N 110 
ASP HA     H  N N 111 
ASP HB2    H  N N 112 
ASP HB3    H  N N 113 
ASP HD2    H  N N 114 
ASP HXT    H  N N 115 
CYS N      N  N N 116 
CYS CA     C  N R 117 
CYS C      C  N N 118 
CYS O      O  N N 119 
CYS CB     C  N N 120 
CYS SG     S  N N 121 
CYS OXT    O  N N 122 
CYS H      H  N N 123 
CYS H2     H  N N 124 
CYS HA     H  N N 125 
CYS HB2    H  N N 126 
CYS HB3    H  N N 127 
CYS HG     H  N N 128 
CYS HXT    H  N N 129 
FMN N1     N  N N 130 
FMN C2     C  N N 131 
FMN O2     O  N N 132 
FMN N3     N  N N 133 
FMN C4     C  N N 134 
FMN O4     O  N N 135 
FMN C4A    C  N N 136 
FMN N5     N  N N 137 
FMN C5A    C  Y N 138 
FMN C6     C  Y N 139 
FMN C7     C  Y N 140 
FMN C7M    C  N N 141 
FMN C8     C  Y N 142 
FMN C8M    C  N N 143 
FMN C9     C  Y N 144 
FMN C9A    C  Y N 145 
FMN N10    N  N N 146 
FMN C10    C  N N 147 
FMN "C1'"  C  N N 148 
FMN "C2'"  C  N S 149 
FMN "O2'"  O  N N 150 
FMN "C3'"  C  N S 151 
FMN "O3'"  O  N N 152 
FMN "C4'"  C  N R 153 
FMN "O4'"  O  N N 154 
FMN "C5'"  C  N N 155 
FMN "O5'"  O  N N 156 
FMN P      P  N N 157 
FMN O1P    O  N N 158 
FMN O2P    O  N N 159 
FMN O3P    O  N N 160 
FMN HN3    H  N N 161 
FMN H6     H  N N 162 
FMN HM71   H  N N 163 
FMN HM72   H  N N 164 
FMN HM73   H  N N 165 
FMN HM81   H  N N 166 
FMN HM82   H  N N 167 
FMN HM83   H  N N 168 
FMN H9     H  N N 169 
FMN "H1'1" H  N N 170 
FMN "H1'2" H  N N 171 
FMN "H2'"  H  N N 172 
FMN "HO2'" H  N N 173 
FMN "H3'"  H  N N 174 
FMN "HO3'" H  N N 175 
FMN "H4'"  H  N N 176 
FMN "HO4'" H  N N 177 
FMN "H5'1" H  N N 178 
FMN "H5'2" H  N N 179 
FMN HOP2   H  N N 180 
FMN HOP3   H  N N 181 
GLN N      N  N N 182 
GLN CA     C  N S 183 
GLN C      C  N N 184 
GLN O      O  N N 185 
GLN CB     C  N N 186 
GLN CG     C  N N 187 
GLN CD     C  N N 188 
GLN OE1    O  N N 189 
GLN NE2    N  N N 190 
GLN OXT    O  N N 191 
GLN H      H  N N 192 
GLN H2     H  N N 193 
GLN HA     H  N N 194 
GLN HB2    H  N N 195 
GLN HB3    H  N N 196 
GLN HG2    H  N N 197 
GLN HG3    H  N N 198 
GLN HE21   H  N N 199 
GLN HE22   H  N N 200 
GLN HXT    H  N N 201 
GLU N      N  N N 202 
GLU CA     C  N S 203 
GLU C      C  N N 204 
GLU O      O  N N 205 
GLU CB     C  N N 206 
GLU CG     C  N N 207 
GLU CD     C  N N 208 
GLU OE1    O  N N 209 
GLU OE2    O  N N 210 
GLU OXT    O  N N 211 
GLU H      H  N N 212 
GLU H2     H  N N 213 
GLU HA     H  N N 214 
GLU HB2    H  N N 215 
GLU HB3    H  N N 216 
GLU HG2    H  N N 217 
GLU HG3    H  N N 218 
GLU HE2    H  N N 219 
GLU HXT    H  N N 220 
GLY N      N  N N 221 
GLY CA     C  N N 222 
GLY C      C  N N 223 
GLY O      O  N N 224 
GLY OXT    O  N N 225 
GLY H      H  N N 226 
GLY H2     H  N N 227 
GLY HA2    H  N N 228 
GLY HA3    H  N N 229 
GLY HXT    H  N N 230 
HIS N      N  N N 231 
HIS CA     C  N S 232 
HIS C      C  N N 233 
HIS O      O  N N 234 
HIS CB     C  N N 235 
HIS CG     C  Y N 236 
HIS ND1    N  Y N 237 
HIS CD2    C  Y N 238 
HIS CE1    C  Y N 239 
HIS NE2    N  Y N 240 
HIS OXT    O  N N 241 
HIS H      H  N N 242 
HIS H2     H  N N 243 
HIS HA     H  N N 244 
HIS HB2    H  N N 245 
HIS HB3    H  N N 246 
HIS HD1    H  N N 247 
HIS HD2    H  N N 248 
HIS HE1    H  N N 249 
HIS HE2    H  N N 250 
HIS HXT    H  N N 251 
HOH O      O  N N 252 
HOH H1     H  N N 253 
HOH H2     H  N N 254 
ILE N      N  N N 255 
ILE CA     C  N S 256 
ILE C      C  N N 257 
ILE O      O  N N 258 
ILE CB     C  N S 259 
ILE CG1    C  N N 260 
ILE CG2    C  N N 261 
ILE CD1    C  N N 262 
ILE OXT    O  N N 263 
ILE H      H  N N 264 
ILE H2     H  N N 265 
ILE HA     H  N N 266 
ILE HB     H  N N 267 
ILE HG12   H  N N 268 
ILE HG13   H  N N 269 
ILE HG21   H  N N 270 
ILE HG22   H  N N 271 
ILE HG23   H  N N 272 
ILE HD11   H  N N 273 
ILE HD12   H  N N 274 
ILE HD13   H  N N 275 
ILE HXT    H  N N 276 
LEU N      N  N N 277 
LEU CA     C  N S 278 
LEU C      C  N N 279 
LEU O      O  N N 280 
LEU CB     C  N N 281 
LEU CG     C  N N 282 
LEU CD1    C  N N 283 
LEU CD2    C  N N 284 
LEU OXT    O  N N 285 
LEU H      H  N N 286 
LEU H2     H  N N 287 
LEU HA     H  N N 288 
LEU HB2    H  N N 289 
LEU HB3    H  N N 290 
LEU HG     H  N N 291 
LEU HD11   H  N N 292 
LEU HD12   H  N N 293 
LEU HD13   H  N N 294 
LEU HD21   H  N N 295 
LEU HD22   H  N N 296 
LEU HD23   H  N N 297 
LEU HXT    H  N N 298 
LYS N      N  N N 299 
LYS CA     C  N S 300 
LYS C      C  N N 301 
LYS O      O  N N 302 
LYS CB     C  N N 303 
LYS CG     C  N N 304 
LYS CD     C  N N 305 
LYS CE     C  N N 306 
LYS NZ     N  N N 307 
LYS OXT    O  N N 308 
LYS H      H  N N 309 
LYS H2     H  N N 310 
LYS HA     H  N N 311 
LYS HB2    H  N N 312 
LYS HB3    H  N N 313 
LYS HG2    H  N N 314 
LYS HG3    H  N N 315 
LYS HD2    H  N N 316 
LYS HD3    H  N N 317 
LYS HE2    H  N N 318 
LYS HE3    H  N N 319 
LYS HZ1    H  N N 320 
LYS HZ2    H  N N 321 
LYS HZ3    H  N N 322 
LYS HXT    H  N N 323 
MET N      N  N N 324 
MET CA     C  N S 325 
MET C      C  N N 326 
MET O      O  N N 327 
MET CB     C  N N 328 
MET CG     C  N N 329 
MET SD     S  N N 330 
MET CE     C  N N 331 
MET OXT    O  N N 332 
MET H      H  N N 333 
MET H2     H  N N 334 
MET HA     H  N N 335 
MET HB2    H  N N 336 
MET HB3    H  N N 337 
MET HG2    H  N N 338 
MET HG3    H  N N 339 
MET HE1    H  N N 340 
MET HE2    H  N N 341 
MET HE3    H  N N 342 
MET HXT    H  N N 343 
MG  MG     MG N N 344 
PHE N      N  N N 345 
PHE CA     C  N S 346 
PHE C      C  N N 347 
PHE O      O  N N 348 
PHE CB     C  N N 349 
PHE CG     C  Y N 350 
PHE CD1    C  Y N 351 
PHE CD2    C  Y N 352 
PHE CE1    C  Y N 353 
PHE CE2    C  Y N 354 
PHE CZ     C  Y N 355 
PHE OXT    O  N N 356 
PHE H      H  N N 357 
PHE H2     H  N N 358 
PHE HA     H  N N 359 
PHE HB2    H  N N 360 
PHE HB3    H  N N 361 
PHE HD1    H  N N 362 
PHE HD2    H  N N 363 
PHE HE1    H  N N 364 
PHE HE2    H  N N 365 
PHE HZ     H  N N 366 
PHE HXT    H  N N 367 
PRO N      N  N N 368 
PRO CA     C  N S 369 
PRO C      C  N N 370 
PRO O      O  N N 371 
PRO CB     C  N N 372 
PRO CG     C  N N 373 
PRO CD     C  N N 374 
PRO OXT    O  N N 375 
PRO H      H  N N 376 
PRO HA     H  N N 377 
PRO HB2    H  N N 378 
PRO HB3    H  N N 379 
PRO HG2    H  N N 380 
PRO HG3    H  N N 381 
PRO HD2    H  N N 382 
PRO HD3    H  N N 383 
PRO HXT    H  N N 384 
SER N      N  N N 385 
SER CA     C  N S 386 
SER C      C  N N 387 
SER O      O  N N 388 
SER CB     C  N N 389 
SER OG     O  N N 390 
SER OXT    O  N N 391 
SER H      H  N N 392 
SER H2     H  N N 393 
SER HA     H  N N 394 
SER HB2    H  N N 395 
SER HB3    H  N N 396 
SER HG     H  N N 397 
SER HXT    H  N N 398 
THR N      N  N N 399 
THR CA     C  N S 400 
THR C      C  N N 401 
THR O      O  N N 402 
THR CB     C  N R 403 
THR OG1    O  N N 404 
THR CG2    C  N N 405 
THR OXT    O  N N 406 
THR H      H  N N 407 
THR H2     H  N N 408 
THR HA     H  N N 409 
THR HB     H  N N 410 
THR HG1    H  N N 411 
THR HG21   H  N N 412 
THR HG22   H  N N 413 
THR HG23   H  N N 414 
THR HXT    H  N N 415 
TRP N      N  N N 416 
TRP CA     C  N S 417 
TRP C      C  N N 418 
TRP O      O  N N 419 
TRP CB     C  N N 420 
TRP CG     C  Y N 421 
TRP CD1    C  Y N 422 
TRP CD2    C  Y N 423 
TRP NE1    N  Y N 424 
TRP CE2    C  Y N 425 
TRP CE3    C  Y N 426 
TRP CZ2    C  Y N 427 
TRP CZ3    C  Y N 428 
TRP CH2    C  Y N 429 
TRP OXT    O  N N 430 
TRP H      H  N N 431 
TRP H2     H  N N 432 
TRP HA     H  N N 433 
TRP HB2    H  N N 434 
TRP HB3    H  N N 435 
TRP HD1    H  N N 436 
TRP HE1    H  N N 437 
TRP HE3    H  N N 438 
TRP HZ2    H  N N 439 
TRP HZ3    H  N N 440 
TRP HH2    H  N N 441 
TRP HXT    H  N N 442 
TYR N      N  N N 443 
TYR CA     C  N S 444 
TYR C      C  N N 445 
TYR O      O  N N 446 
TYR CB     C  N N 447 
TYR CG     C  Y N 448 
TYR CD1    C  Y N 449 
TYR CD2    C  Y N 450 
TYR CE1    C  Y N 451 
TYR CE2    C  Y N 452 
TYR CZ     C  Y N 453 
TYR OH     O  N N 454 
TYR OXT    O  N N 455 
TYR H      H  N N 456 
TYR H2     H  N N 457 
TYR HA     H  N N 458 
TYR HB2    H  N N 459 
TYR HB3    H  N N 460 
TYR HD1    H  N N 461 
TYR HD2    H  N N 462 
TYR HE1    H  N N 463 
TYR HE2    H  N N 464 
TYR HH     H  N N 465 
TYR HXT    H  N N 466 
VAL N      N  N N 467 
VAL CA     C  N S 468 
VAL C      C  N N 469 
VAL O      O  N N 470 
VAL CB     C  N N 471 
VAL CG1    C  N N 472 
VAL CG2    C  N N 473 
VAL OXT    O  N N 474 
VAL H      H  N N 475 
VAL H2     H  N N 476 
VAL HA     H  N N 477 
VAL HB     H  N N 478 
VAL HG11   H  N N 479 
VAL HG12   H  N N 480 
VAL HG13   H  N N 481 
VAL HG21   H  N N 482 
VAL HG22   H  N N 483 
VAL HG23   H  N N 484 
VAL HXT    H  N N 485 
# 
loop_
_chem_comp_bond.comp_id 
_chem_comp_bond.atom_id_1 
_chem_comp_bond.atom_id_2 
_chem_comp_bond.value_order 
_chem_comp_bond.pdbx_aromatic_flag 
_chem_comp_bond.pdbx_stereo_config 
_chem_comp_bond.pdbx_ordinal 
ADP PB    O1B    doub N N 1   
ADP PB    O2B    sing N N 2   
ADP PB    O3B    sing N N 3   
ADP PB    O3A    sing N N 4   
ADP O2B   HOB2   sing N N 5   
ADP O3B   HOB3   sing N N 6   
ADP PA    O1A    doub N N 7   
ADP PA    O2A    sing N N 8   
ADP PA    O3A    sing N N 9   
ADP PA    "O5'"  sing N N 10  
ADP O2A   HOA2   sing N N 11  
ADP "O5'" "C5'"  sing N N 12  
ADP "C5'" "C4'"  sing N N 13  
ADP "C5'" "H5'1" sing N N 14  
ADP "C5'" "H5'2" sing N N 15  
ADP "C4'" "O4'"  sing N N 16  
ADP "C4'" "C3'"  sing N N 17  
ADP "C4'" "H4'"  sing N N 18  
ADP "O4'" "C1'"  sing N N 19  
ADP "C3'" "O3'"  sing N N 20  
ADP "C3'" "C2'"  sing N N 21  
ADP "C3'" "H3'"  sing N N 22  
ADP "O3'" "HO3'" sing N N 23  
ADP "C2'" "O2'"  sing N N 24  
ADP "C2'" "C1'"  sing N N 25  
ADP "C2'" "H2'"  sing N N 26  
ADP "O2'" "HO2'" sing N N 27  
ADP "C1'" N9     sing N N 28  
ADP "C1'" "H1'"  sing N N 29  
ADP N9    C8     sing Y N 30  
ADP N9    C4     sing Y N 31  
ADP C8    N7     doub Y N 32  
ADP C8    H8     sing N N 33  
ADP N7    C5     sing Y N 34  
ADP C5    C6     sing Y N 35  
ADP C5    C4     doub Y N 36  
ADP C6    N6     sing N N 37  
ADP C6    N1     doub Y N 38  
ADP N6    HN61   sing N N 39  
ADP N6    HN62   sing N N 40  
ADP N1    C2     sing Y N 41  
ADP C2    N3     doub Y N 42  
ADP C2    H2     sing N N 43  
ADP N3    C4     sing Y N 44  
ALA N     CA     sing N N 45  
ALA N     H      sing N N 46  
ALA N     H2     sing N N 47  
ALA CA    C      sing N N 48  
ALA CA    CB     sing N N 49  
ALA CA    HA     sing N N 50  
ALA C     O      doub N N 51  
ALA C     OXT    sing N N 52  
ALA CB    HB1    sing N N 53  
ALA CB    HB2    sing N N 54  
ALA CB    HB3    sing N N 55  
ALA OXT   HXT    sing N N 56  
ARG N     CA     sing N N 57  
ARG N     H      sing N N 58  
ARG N     H2     sing N N 59  
ARG CA    C      sing N N 60  
ARG CA    CB     sing N N 61  
ARG CA    HA     sing N N 62  
ARG C     O      doub N N 63  
ARG C     OXT    sing N N 64  
ARG CB    CG     sing N N 65  
ARG CB    HB2    sing N N 66  
ARG CB    HB3    sing N N 67  
ARG CG    CD     sing N N 68  
ARG CG    HG2    sing N N 69  
ARG CG    HG3    sing N N 70  
ARG CD    NE     sing N N 71  
ARG CD    HD2    sing N N 72  
ARG CD    HD3    sing N N 73  
ARG NE    CZ     sing N N 74  
ARG NE    HE     sing N N 75  
ARG CZ    NH1    sing N N 76  
ARG CZ    NH2    doub N N 77  
ARG NH1   HH11   sing N N 78  
ARG NH1   HH12   sing N N 79  
ARG NH2   HH21   sing N N 80  
ARG NH2   HH22   sing N N 81  
ARG OXT   HXT    sing N N 82  
ASN N     CA     sing N N 83  
ASN N     H      sing N N 84  
ASN N     H2     sing N N 85  
ASN CA    C      sing N N 86  
ASN CA    CB     sing N N 87  
ASN CA    HA     sing N N 88  
ASN C     O      doub N N 89  
ASN C     OXT    sing N N 90  
ASN CB    CG     sing N N 91  
ASN CB    HB2    sing N N 92  
ASN CB    HB3    sing N N 93  
ASN CG    OD1    doub N N 94  
ASN CG    ND2    sing N N 95  
ASN ND2   HD21   sing N N 96  
ASN ND2   HD22   sing N N 97  
ASN OXT   HXT    sing N N 98  
ASP N     CA     sing N N 99  
ASP N     H      sing N N 100 
ASP N     H2     sing N N 101 
ASP CA    C      sing N N 102 
ASP CA    CB     sing N N 103 
ASP CA    HA     sing N N 104 
ASP C     O      doub N N 105 
ASP C     OXT    sing N N 106 
ASP CB    CG     sing N N 107 
ASP CB    HB2    sing N N 108 
ASP CB    HB3    sing N N 109 
ASP CG    OD1    doub N N 110 
ASP CG    OD2    sing N N 111 
ASP OD2   HD2    sing N N 112 
ASP OXT   HXT    sing N N 113 
CYS N     CA     sing N N 114 
CYS N     H      sing N N 115 
CYS N     H2     sing N N 116 
CYS CA    C      sing N N 117 
CYS CA    CB     sing N N 118 
CYS CA    HA     sing N N 119 
CYS C     O      doub N N 120 
CYS C     OXT    sing N N 121 
CYS CB    SG     sing N N 122 
CYS CB    HB2    sing N N 123 
CYS CB    HB3    sing N N 124 
CYS SG    HG     sing N N 125 
CYS OXT   HXT    sing N N 126 
FMN N1    C2     sing N N 127 
FMN N1    C10    doub N N 128 
FMN C2    O2     doub N N 129 
FMN C2    N3     sing N N 130 
FMN N3    C4     sing N N 131 
FMN N3    HN3    sing N N 132 
FMN C4    O4     doub N N 133 
FMN C4    C4A    sing N N 134 
FMN C4A   N5     doub N N 135 
FMN C4A   C10    sing N N 136 
FMN N5    C5A    sing N N 137 
FMN C5A   C6     doub Y N 138 
FMN C5A   C9A    sing Y N 139 
FMN C6    C7     sing Y N 140 
FMN C6    H6     sing N N 141 
FMN C7    C7M    sing N N 142 
FMN C7    C8     doub Y N 143 
FMN C7M   HM71   sing N N 144 
FMN C7M   HM72   sing N N 145 
FMN C7M   HM73   sing N N 146 
FMN C8    C8M    sing N N 147 
FMN C8    C9     sing Y N 148 
FMN C8M   HM81   sing N N 149 
FMN C8M   HM82   sing N N 150 
FMN C8M   HM83   sing N N 151 
FMN C9    C9A    doub Y N 152 
FMN C9    H9     sing N N 153 
FMN C9A   N10    sing N N 154 
FMN N10   C10    sing N N 155 
FMN N10   "C1'"  sing N N 156 
FMN "C1'" "C2'"  sing N N 157 
FMN "C1'" "H1'1" sing N N 158 
FMN "C1'" "H1'2" sing N N 159 
FMN "C2'" "O2'"  sing N N 160 
FMN "C2'" "C3'"  sing N N 161 
FMN "C2'" "H2'"  sing N N 162 
FMN "O2'" "HO2'" sing N N 163 
FMN "C3'" "O3'"  sing N N 164 
FMN "C3'" "C4'"  sing N N 165 
FMN "C3'" "H3'"  sing N N 166 
FMN "O3'" "HO3'" sing N N 167 
FMN "C4'" "O4'"  sing N N 168 
FMN "C4'" "C5'"  sing N N 169 
FMN "C4'" "H4'"  sing N N 170 
FMN "O4'" "HO4'" sing N N 171 
FMN "C5'" "O5'"  sing N N 172 
FMN "C5'" "H5'1" sing N N 173 
FMN "C5'" "H5'2" sing N N 174 
FMN "O5'" P      sing N N 175 
FMN P     O1P    doub N N 176 
FMN P     O2P    sing N N 177 
FMN P     O3P    sing N N 178 
FMN O2P   HOP2   sing N N 179 
FMN O3P   HOP3   sing N N 180 
GLN N     CA     sing N N 181 
GLN N     H      sing N N 182 
GLN N     H2     sing N N 183 
GLN CA    C      sing N N 184 
GLN CA    CB     sing N N 185 
GLN CA    HA     sing N N 186 
GLN C     O      doub N N 187 
GLN C     OXT    sing N N 188 
GLN CB    CG     sing N N 189 
GLN CB    HB2    sing N N 190 
GLN CB    HB3    sing N N 191 
GLN CG    CD     sing N N 192 
GLN CG    HG2    sing N N 193 
GLN CG    HG3    sing N N 194 
GLN CD    OE1    doub N N 195 
GLN CD    NE2    sing N N 196 
GLN NE2   HE21   sing N N 197 
GLN NE2   HE22   sing N N 198 
GLN OXT   HXT    sing N N 199 
GLU N     CA     sing N N 200 
GLU N     H      sing N N 201 
GLU N     H2     sing N N 202 
GLU CA    C      sing N N 203 
GLU CA    CB     sing N N 204 
GLU CA    HA     sing N N 205 
GLU C     O      doub N N 206 
GLU C     OXT    sing N N 207 
GLU CB    CG     sing N N 208 
GLU CB    HB2    sing N N 209 
GLU CB    HB3    sing N N 210 
GLU CG    CD     sing N N 211 
GLU CG    HG2    sing N N 212 
GLU CG    HG3    sing N N 213 
GLU CD    OE1    doub N N 214 
GLU CD    OE2    sing N N 215 
GLU OE2   HE2    sing N N 216 
GLU OXT   HXT    sing N N 217 
GLY N     CA     sing N N 218 
GLY N     H      sing N N 219 
GLY N     H2     sing N N 220 
GLY CA    C      sing N N 221 
GLY CA    HA2    sing N N 222 
GLY CA    HA3    sing N N 223 
GLY C     O      doub N N 224 
GLY C     OXT    sing N N 225 
GLY OXT   HXT    sing N N 226 
HIS N     CA     sing N N 227 
HIS N     H      sing N N 228 
HIS N     H2     sing N N 229 
HIS CA    C      sing N N 230 
HIS CA    CB     sing N N 231 
HIS CA    HA     sing N N 232 
HIS C     O      doub N N 233 
HIS C     OXT    sing N N 234 
HIS CB    CG     sing N N 235 
HIS CB    HB2    sing N N 236 
HIS CB    HB3    sing N N 237 
HIS CG    ND1    sing Y N 238 
HIS CG    CD2    doub Y N 239 
HIS ND1   CE1    doub Y N 240 
HIS ND1   HD1    sing N N 241 
HIS CD2   NE2    sing Y N 242 
HIS CD2   HD2    sing N N 243 
HIS CE1   NE2    sing Y N 244 
HIS CE1   HE1    sing N N 245 
HIS NE2   HE2    sing N N 246 
HIS OXT   HXT    sing N N 247 
HOH O     H1     sing N N 248 
HOH O     H2     sing N N 249 
ILE N     CA     sing N N 250 
ILE N     H      sing N N 251 
ILE N     H2     sing N N 252 
ILE CA    C      sing N N 253 
ILE CA    CB     sing N N 254 
ILE CA    HA     sing N N 255 
ILE C     O      doub N N 256 
ILE C     OXT    sing N N 257 
ILE CB    CG1    sing N N 258 
ILE CB    CG2    sing N N 259 
ILE CB    HB     sing N N 260 
ILE CG1   CD1    sing N N 261 
ILE CG1   HG12   sing N N 262 
ILE CG1   HG13   sing N N 263 
ILE CG2   HG21   sing N N 264 
ILE CG2   HG22   sing N N 265 
ILE CG2   HG23   sing N N 266 
ILE CD1   HD11   sing N N 267 
ILE CD1   HD12   sing N N 268 
ILE CD1   HD13   sing N N 269 
ILE OXT   HXT    sing N N 270 
LEU N     CA     sing N N 271 
LEU N     H      sing N N 272 
LEU N     H2     sing N N 273 
LEU CA    C      sing N N 274 
LEU CA    CB     sing N N 275 
LEU CA    HA     sing N N 276 
LEU C     O      doub N N 277 
LEU C     OXT    sing N N 278 
LEU CB    CG     sing N N 279 
LEU CB    HB2    sing N N 280 
LEU CB    HB3    sing N N 281 
LEU CG    CD1    sing N N 282 
LEU CG    CD2    sing N N 283 
LEU CG    HG     sing N N 284 
LEU CD1   HD11   sing N N 285 
LEU CD1   HD12   sing N N 286 
LEU CD1   HD13   sing N N 287 
LEU CD2   HD21   sing N N 288 
LEU CD2   HD22   sing N N 289 
LEU CD2   HD23   sing N N 290 
LEU OXT   HXT    sing N N 291 
LYS N     CA     sing N N 292 
LYS N     H      sing N N 293 
LYS N     H2     sing N N 294 
LYS CA    C      sing N N 295 
LYS CA    CB     sing N N 296 
LYS CA    HA     sing N N 297 
LYS C     O      doub N N 298 
LYS C     OXT    sing N N 299 
LYS CB    CG     sing N N 300 
LYS CB    HB2    sing N N 301 
LYS CB    HB3    sing N N 302 
LYS CG    CD     sing N N 303 
LYS CG    HG2    sing N N 304 
LYS CG    HG3    sing N N 305 
LYS CD    CE     sing N N 306 
LYS CD    HD2    sing N N 307 
LYS CD    HD3    sing N N 308 
LYS CE    NZ     sing N N 309 
LYS CE    HE2    sing N N 310 
LYS CE    HE3    sing N N 311 
LYS NZ    HZ1    sing N N 312 
LYS NZ    HZ2    sing N N 313 
LYS NZ    HZ3    sing N N 314 
LYS OXT   HXT    sing N N 315 
MET N     CA     sing N N 316 
MET N     H      sing N N 317 
MET N     H2     sing N N 318 
MET CA    C      sing N N 319 
MET CA    CB     sing N N 320 
MET CA    HA     sing N N 321 
MET C     O      doub N N 322 
MET C     OXT    sing N N 323 
MET CB    CG     sing N N 324 
MET CB    HB2    sing N N 325 
MET CB    HB3    sing N N 326 
MET CG    SD     sing N N 327 
MET CG    HG2    sing N N 328 
MET CG    HG3    sing N N 329 
MET SD    CE     sing N N 330 
MET CE    HE1    sing N N 331 
MET CE    HE2    sing N N 332 
MET CE    HE3    sing N N 333 
MET OXT   HXT    sing N N 334 
PHE N     CA     sing N N 335 
PHE N     H      sing N N 336 
PHE N     H2     sing N N 337 
PHE CA    C      sing N N 338 
PHE CA    CB     sing N N 339 
PHE CA    HA     sing N N 340 
PHE C     O      doub N N 341 
PHE C     OXT    sing N N 342 
PHE CB    CG     sing N N 343 
PHE CB    HB2    sing N N 344 
PHE CB    HB3    sing N N 345 
PHE CG    CD1    doub Y N 346 
PHE CG    CD2    sing Y N 347 
PHE CD1   CE1    sing Y N 348 
PHE CD1   HD1    sing N N 349 
PHE CD2   CE2    doub Y N 350 
PHE CD2   HD2    sing N N 351 
PHE CE1   CZ     doub Y N 352 
PHE CE1   HE1    sing N N 353 
PHE CE2   CZ     sing Y N 354 
PHE CE2   HE2    sing N N 355 
PHE CZ    HZ     sing N N 356 
PHE OXT   HXT    sing N N 357 
PRO N     CA     sing N N 358 
PRO N     CD     sing N N 359 
PRO N     H      sing N N 360 
PRO CA    C      sing N N 361 
PRO CA    CB     sing N N 362 
PRO CA    HA     sing N N 363 
PRO C     O      doub N N 364 
PRO C     OXT    sing N N 365 
PRO CB    CG     sing N N 366 
PRO CB    HB2    sing N N 367 
PRO CB    HB3    sing N N 368 
PRO CG    CD     sing N N 369 
PRO CG    HG2    sing N N 370 
PRO CG    HG3    sing N N 371 
PRO CD    HD2    sing N N 372 
PRO CD    HD3    sing N N 373 
PRO OXT   HXT    sing N N 374 
SER N     CA     sing N N 375 
SER N     H      sing N N 376 
SER N     H2     sing N N 377 
SER CA    C      sing N N 378 
SER CA    CB     sing N N 379 
SER CA    HA     sing N N 380 
SER C     O      doub N N 381 
SER C     OXT    sing N N 382 
SER CB    OG     sing N N 383 
SER CB    HB2    sing N N 384 
SER CB    HB3    sing N N 385 
SER OG    HG     sing N N 386 
SER OXT   HXT    sing N N 387 
THR N     CA     sing N N 388 
THR N     H      sing N N 389 
THR N     H2     sing N N 390 
THR CA    C      sing N N 391 
THR CA    CB     sing N N 392 
THR CA    HA     sing N N 393 
THR C     O      doub N N 394 
THR C     OXT    sing N N 395 
THR CB    OG1    sing N N 396 
THR CB    CG2    sing N N 397 
THR CB    HB     sing N N 398 
THR OG1   HG1    sing N N 399 
THR CG2   HG21   sing N N 400 
THR CG2   HG22   sing N N 401 
THR CG2   HG23   sing N N 402 
THR OXT   HXT    sing N N 403 
TRP N     CA     sing N N 404 
TRP N     H      sing N N 405 
TRP N     H2     sing N N 406 
TRP CA    C      sing N N 407 
TRP CA    CB     sing N N 408 
TRP CA    HA     sing N N 409 
TRP C     O      doub N N 410 
TRP C     OXT    sing N N 411 
TRP CB    CG     sing N N 412 
TRP CB    HB2    sing N N 413 
TRP CB    HB3    sing N N 414 
TRP CG    CD1    doub Y N 415 
TRP CG    CD2    sing Y N 416 
TRP CD1   NE1    sing Y N 417 
TRP CD1   HD1    sing N N 418 
TRP CD2   CE2    doub Y N 419 
TRP CD2   CE3    sing Y N 420 
TRP NE1   CE2    sing Y N 421 
TRP NE1   HE1    sing N N 422 
TRP CE2   CZ2    sing Y N 423 
TRP CE3   CZ3    doub Y N 424 
TRP CE3   HE3    sing N N 425 
TRP CZ2   CH2    doub Y N 426 
TRP CZ2   HZ2    sing N N 427 
TRP CZ3   CH2    sing Y N 428 
TRP CZ3   HZ3    sing N N 429 
TRP CH2   HH2    sing N N 430 
TRP OXT   HXT    sing N N 431 
TYR N     CA     sing N N 432 
TYR N     H      sing N N 433 
TYR N     H2     sing N N 434 
TYR CA    C      sing N N 435 
TYR CA    CB     sing N N 436 
TYR CA    HA     sing N N 437 
TYR C     O      doub N N 438 
TYR C     OXT    sing N N 439 
TYR CB    CG     sing N N 440 
TYR CB    HB2    sing N N 441 
TYR CB    HB3    sing N N 442 
TYR CG    CD1    doub Y N 443 
TYR CG    CD2    sing Y N 444 
TYR CD1   CE1    sing Y N 445 
TYR CD1   HD1    sing N N 446 
TYR CD2   CE2    doub Y N 447 
TYR CD2   HD2    sing N N 448 
TYR CE1   CZ     doub Y N 449 
TYR CE1   HE1    sing N N 450 
TYR CE2   CZ     sing Y N 451 
TYR CE2   HE2    sing N N 452 
TYR CZ    OH     sing N N 453 
TYR OH    HH     sing N N 454 
TYR OXT   HXT    sing N N 455 
VAL N     CA     sing N N 456 
VAL N     H      sing N N 457 
VAL N     H2     sing N N 458 
VAL CA    C      sing N N 459 
VAL CA    CB     sing N N 460 
VAL CA    HA     sing N N 461 
VAL C     O      doub N N 462 
VAL C     OXT    sing N N 463 
VAL CB    CG1    sing N N 464 
VAL CB    CG2    sing N N 465 
VAL CB    HB     sing N N 466 
VAL CG1   HG11   sing N N 467 
VAL CG1   HG12   sing N N 468 
VAL CG1   HG13   sing N N 469 
VAL CG2   HG21   sing N N 470 
VAL CG2   HG22   sing N N 471 
VAL CG2   HG23   sing N N 472 
VAL OXT   HXT    sing N N 473 
# 
loop_
_pdbx_entity_nonpoly.entity_id 
_pdbx_entity_nonpoly.name 
_pdbx_entity_nonpoly.comp_id 
2 'MAGNESIUM ION'            MG  
3 "ADENOSINE-5'-DIPHOSPHATE" ADP 
4 'FLAVIN MONONUCLEOTIDE'    FMN 
5 water                      HOH 
# 
_pdbx_initial_refinement_model.id               1 
_pdbx_initial_refinement_model.entity_id_list   ? 
_pdbx_initial_refinement_model.type             'experimental model' 
_pdbx_initial_refinement_model.source_name      PDB 
_pdbx_initial_refinement_model.accession_code   1NB0 
_pdbx_initial_refinement_model.details          'PDB ENTRY 1NB0' 
# 
